data_1NWT
#
_entry.id   1NWT
#
_cell.length_a   128.320
_cell.length_b   128.320
_cell.length_c   108.580
_cell.angle_alpha   90.00
_cell.angle_beta   90.00
_cell.angle_gamma   90.00
#
_symmetry.space_group_name_H-M   'P 43'
#
loop_
_entity.id
_entity.type
_entity.pdbx_description
1 polymer 'Chitinase-3 like protein 1'
2 branched 2-acetamido-2-deoxy-beta-D-glucopyranose-(1-4)-2-acetamido-2-deoxy-beta-D-glucopyranose
3 branched 2-acetamido-2-deoxy-beta-D-glucopyranose-(1-4)-2-acetamido-2-deoxy-alpha-D-glucopyranose-(1-4)-2-acetamido-2-deoxy-beta-D-glucopyranose-(1-4)-2-acetamido-2-deoxy-beta-D-glucopyranose-(1-4)-2-acetamido-2-deoxy-beta-D-glucopyranose-(1-4)-2-acetamido-2-deoxy-beta-D-glucopyranose
4 branched 2-acetamido-2-deoxy-beta-D-glucopyranose-(1-4)-2-acetamido-2-deoxy-alpha-D-glucopyranose-(1-4)-2-acetamido-2-deoxy-beta-D-glucopyranose-(1-4)-2-acetamido-2-deoxy-beta-D-glucopyranose-(1-4)-2-acetamido-2-deoxy-alpha-D-glucopyranose
5 water water
#
_entity_poly.entity_id   1
_entity_poly.type   'polypeptide(L)'
_entity_poly.pdbx_seq_one_letter_code
;YKLVCYYTSWSQYREGDGSCFPDALDRFLCTHIIYSFANISNDHIDTWEWNDVTLYGMLNTLKNRNPNLKTLLSVGGWNF
GSQRFSKIASNTQSRRTFIKSVPPFLRTHGFDGLDLAWLYPGRRDKQHFTTLIKEMKAEFIKEAQPGKKQLLLSAALSAG
KVTIDSSYDIAKISQHLDFISIMTYDFHGAWRGTTGHHSPLFRGQEDASPDRFSNTDYAVGYMLRLGAPASKLVMGIPTF
GRSFTLASSETGVGAPISGPGIPGRFTKEAGTLAYYEICDFLRGATVHRILGQQVPYATKGNQWVGYDDQESVKSKVQYL
KDRQLAGAMVWALDLDDFQGSFCGQDLRFPLTNAIKDALAAT
;
_entity_poly.pdbx_strand_id   A,B,C,D
#
# COMPACT_ATOMS: atom_id res chain seq x y z
N TYR A 1 -44.54 6.41 -27.84
CA TYR A 1 -44.23 5.55 -29.02
C TYR A 1 -43.13 4.54 -28.70
N LYS A 2 -43.18 3.40 -29.38
CA LYS A 2 -42.16 2.37 -29.19
C LYS A 2 -40.99 2.69 -30.11
N LEU A 3 -39.78 2.45 -29.63
CA LEU A 3 -38.59 2.68 -30.44
C LEU A 3 -37.79 1.38 -30.37
N VAL A 4 -38.14 0.44 -31.24
CA VAL A 4 -37.50 -0.86 -31.30
C VAL A 4 -36.15 -0.78 -32.02
N CYS A 5 -35.09 -1.14 -31.32
CA CYS A 5 -33.75 -1.09 -31.89
C CYS A 5 -33.06 -2.45 -31.89
N TYR A 6 -32.47 -2.78 -33.04
CA TYR A 6 -31.77 -4.05 -33.19
C TYR A 6 -30.27 -3.90 -32.93
N TYR A 7 -29.70 -4.96 -32.38
CA TYR A 7 -28.27 -5.02 -32.10
C TYR A 7 -27.85 -6.37 -32.68
N THR A 8 -26.78 -6.38 -33.47
CA THR A 8 -26.31 -7.61 -34.09
C THR A 8 -25.13 -8.20 -33.35
N SER A 9 -25.18 -9.51 -33.11
CA SER A 9 -24.11 -10.21 -32.39
C SER A 9 -22.77 -10.24 -33.13
N TRP A 10 -22.78 -9.97 -34.43
CA TRP A 10 -21.55 -10.02 -35.22
C TRP A 10 -20.80 -8.70 -35.36
N SER A 11 -21.36 -7.61 -34.82
CA SER A 11 -20.70 -6.32 -34.92
C SER A 11 -19.48 -6.25 -33.99
N GLN A 12 -19.44 -7.17 -33.03
CA GLN A 12 -18.34 -7.23 -32.07
C GLN A 12 -17.01 -7.51 -32.75
N TYR A 13 -17.06 -8.25 -33.86
CA TYR A 13 -15.86 -8.64 -34.60
C TYR A 13 -15.30 -7.62 -35.57
N ARG A 14 -15.89 -6.43 -35.64
CA ARG A 14 -15.40 -5.41 -36.55
C ARG A 14 -14.13 -4.70 -36.10
N GLU A 15 -13.21 -4.54 -37.05
CA GLU A 15 -11.93 -3.88 -36.79
C GLU A 15 -12.05 -2.59 -36.00
N GLY A 16 -11.02 -2.30 -35.22
CA GLY A 16 -10.97 -1.08 -34.42
C GLY A 16 -12.28 -0.53 -33.89
N ASP A 17 -12.56 0.72 -34.22
CA ASP A 17 -13.77 1.40 -33.76
C ASP A 17 -15.06 0.81 -34.31
N GLY A 18 -14.94 -0.12 -35.25
CA GLY A 18 -16.12 -0.73 -35.82
C GLY A 18 -16.73 -1.72 -34.83
N SER A 19 -15.88 -2.28 -33.97
CA SER A 19 -16.31 -3.25 -32.97
C SER A 19 -17.32 -2.63 -32.01
N CYS A 20 -18.46 -3.31 -31.85
CA CYS A 20 -19.50 -2.82 -30.97
C CYS A 20 -20.04 -3.91 -30.04
N PHE A 21 -19.96 -3.65 -28.74
CA PHE A 21 -20.47 -4.60 -27.76
C PHE A 21 -21.70 -3.98 -27.08
N PRO A 22 -22.60 -4.83 -26.56
CA PRO A 22 -23.82 -4.38 -25.88
C PRO A 22 -23.65 -3.27 -24.84
N ASP A 23 -22.52 -3.28 -24.15
CA ASP A 23 -22.27 -2.27 -23.11
C ASP A 23 -21.98 -0.88 -23.69
N ALA A 24 -21.88 -0.81 -25.02
CA ALA A 24 -21.61 0.46 -25.68
C ALA A 24 -22.95 1.09 -26.07
N LEU A 25 -24.04 0.40 -25.77
CA LEU A 25 -25.38 0.87 -26.09
C LEU A 25 -25.99 1.77 -25.01
N ASP A 26 -26.62 2.86 -25.44
CA ASP A 26 -27.26 3.79 -24.52
C ASP A 26 -28.54 3.16 -24.00
N ARG A 27 -28.59 2.87 -22.69
CA ARG A 27 -29.76 2.24 -22.10
C ARG A 27 -31.04 3.05 -22.16
N PHE A 28 -30.91 4.36 -22.40
CA PHE A 28 -32.08 5.24 -22.46
C PHE A 28 -32.52 5.63 -23.87
N LEU A 29 -31.72 5.24 -24.85
CA LEU A 29 -32.00 5.56 -26.25
C LEU A 29 -33.30 4.96 -26.79
N CYS A 30 -33.45 3.64 -26.68
CA CYS A 30 -34.63 2.95 -27.18
C CYS A 30 -35.56 2.44 -26.09
N THR A 31 -36.73 1.97 -26.51
CA THR A 31 -37.72 1.42 -25.57
C THR A 31 -37.58 -0.09 -25.59
N HIS A 32 -37.17 -0.63 -26.72
CA HIS A 32 -36.97 -2.07 -26.91
C HIS A 32 -35.68 -2.31 -27.68
N ILE A 33 -34.79 -3.15 -27.15
CA ILE A 33 -33.56 -3.49 -27.83
C ILE A 33 -33.63 -4.97 -28.15
N ILE A 34 -33.61 -5.32 -29.44
CA ILE A 34 -33.68 -6.71 -29.85
C ILE A 34 -32.33 -7.26 -30.26
N TYR A 35 -31.98 -8.40 -29.70
CA TYR A 35 -30.72 -9.08 -29.97
C TYR A 35 -30.86 -9.97 -31.20
N SER A 36 -29.94 -9.84 -32.16
CA SER A 36 -29.98 -10.64 -33.38
C SER A 36 -28.66 -11.35 -33.63
N PHE A 37 -28.69 -12.66 -33.86
CA PHE A 37 -29.91 -13.47 -33.88
C PHE A 37 -29.68 -14.73 -33.05
N ALA A 38 -30.76 -15.45 -32.74
CA ALA A 38 -30.65 -16.69 -32.00
C ALA A 38 -30.69 -17.80 -33.03
N ASN A 39 -30.11 -18.94 -32.72
CA ASN A 39 -30.09 -20.06 -33.66
C ASN A 39 -31.15 -21.08 -33.28
N ILE A 40 -31.26 -22.14 -34.06
CA ILE A 40 -32.22 -23.21 -33.77
C ILE A 40 -31.59 -24.57 -34.05
N SER A 41 -31.24 -25.29 -32.98
CA SER A 41 -30.65 -26.61 -33.08
C SER A 41 -31.51 -27.64 -32.39
N ASN A 42 -31.76 -28.75 -33.09
CA ASN A 42 -32.58 -29.83 -32.54
C ASN A 42 -33.97 -29.33 -32.19
N ASP A 43 -34.47 -28.40 -32.99
CA ASP A 43 -35.78 -27.81 -32.79
C ASP A 43 -35.86 -27.02 -31.50
N HIS A 44 -34.70 -26.61 -30.99
CA HIS A 44 -34.61 -25.82 -29.76
C HIS A 44 -33.98 -24.48 -30.07
N ILE A 45 -34.48 -23.42 -29.45
CA ILE A 45 -33.88 -22.10 -29.65
C ILE A 45 -32.54 -22.25 -28.92
N ASP A 46 -31.48 -21.71 -29.51
CA ASP A 46 -30.16 -21.85 -28.90
C ASP A 46 -29.23 -20.70 -29.26
N THR A 47 -28.12 -20.58 -28.56
CA THR A 47 -27.16 -19.52 -28.84
C THR A 47 -26.58 -19.68 -30.23
N TRP A 48 -25.98 -18.60 -30.74
CA TRP A 48 -25.39 -18.61 -32.07
C TRP A 48 -23.89 -18.36 -31.96
N GLU A 49 -23.53 -17.24 -31.33
CA GLU A 49 -22.14 -16.87 -31.14
C GLU A 49 -21.61 -17.60 -29.92
N TRP A 50 -20.30 -17.84 -29.90
CA TRP A 50 -19.67 -18.54 -28.79
C TRP A 50 -19.84 -17.81 -27.46
N ASN A 51 -19.86 -16.48 -27.51
CA ASN A 51 -19.99 -15.68 -26.29
C ASN A 51 -21.36 -15.02 -26.10
N ASP A 52 -22.38 -15.55 -26.77
CA ASP A 52 -23.72 -14.98 -26.65
C ASP A 52 -24.19 -14.80 -25.22
N VAL A 53 -24.06 -15.85 -24.40
CA VAL A 53 -24.50 -15.78 -23.01
C VAL A 53 -23.92 -14.55 -22.31
N THR A 54 -22.66 -14.25 -22.61
CA THR A 54 -22.00 -13.10 -22.00
C THR A 54 -22.60 -11.81 -22.54
N LEU A 55 -22.79 -11.75 -23.86
CA LEU A 55 -23.37 -10.56 -24.47
C LEU A 55 -24.83 -10.36 -24.08
N TYR A 56 -25.53 -11.47 -23.86
CA TYR A 56 -26.94 -11.41 -23.44
C TYR A 56 -26.97 -10.61 -22.15
N GLY A 57 -26.18 -11.07 -21.18
CA GLY A 57 -26.11 -10.42 -19.89
C GLY A 57 -25.61 -8.99 -20.01
N MET A 58 -24.64 -8.78 -20.89
CA MET A 58 -24.07 -7.47 -21.10
C MET A 58 -25.15 -6.50 -21.59
N LEU A 59 -26.11 -7.05 -22.34
CA LEU A 59 -27.22 -6.27 -22.88
C LEU A 59 -28.30 -6.04 -21.82
N ASN A 60 -28.70 -7.13 -21.16
CA ASN A 60 -29.73 -7.04 -20.13
C ASN A 60 -29.32 -6.27 -18.88
N THR A 61 -28.04 -5.96 -18.77
CA THR A 61 -27.55 -5.19 -17.63
C THR A 61 -28.00 -3.74 -17.80
N LEU A 62 -28.23 -3.37 -19.06
CA LEU A 62 -28.67 -2.03 -19.38
C LEU A 62 -30.02 -1.75 -18.73
N LYS A 63 -30.72 -2.81 -18.35
CA LYS A 63 -32.03 -2.66 -17.71
C LYS A 63 -31.96 -2.30 -16.23
N ASN A 64 -30.77 -2.40 -15.63
CA ASN A 64 -30.62 -2.08 -14.22
C ASN A 64 -30.98 -0.63 -13.90
N ARG A 65 -30.32 0.29 -14.59
CA ARG A 65 -30.55 1.71 -14.37
C ARG A 65 -31.75 2.24 -15.16
N ASN A 66 -32.33 1.39 -16.00
CA ASN A 66 -33.49 1.77 -16.79
C ASN A 66 -34.52 0.65 -16.80
N PRO A 67 -35.34 0.58 -15.75
CA PRO A 67 -36.39 -0.43 -15.57
C PRO A 67 -37.41 -0.55 -16.70
N ASN A 68 -37.64 0.54 -17.43
CA ASN A 68 -38.60 0.53 -18.54
C ASN A 68 -38.11 -0.17 -19.79
N LEU A 69 -36.79 -0.17 -20.00
CA LEU A 69 -36.20 -0.81 -21.17
C LEU A 69 -36.62 -2.27 -21.30
N LYS A 70 -37.15 -2.63 -22.46
CA LYS A 70 -37.58 -4.00 -22.71
C LYS A 70 -36.57 -4.66 -23.65
N THR A 71 -36.38 -5.96 -23.47
CA THR A 71 -35.42 -6.70 -24.30
C THR A 71 -36.03 -7.93 -24.96
N LEU A 72 -35.68 -8.17 -26.21
CA LEU A 72 -36.17 -9.33 -26.94
C LEU A 72 -35.05 -10.04 -27.67
N LEU A 73 -35.22 -11.34 -27.88
CA LEU A 73 -34.24 -12.13 -28.60
C LEU A 73 -34.88 -12.51 -29.94
N SER A 74 -34.25 -12.09 -31.03
CA SER A 74 -34.78 -12.38 -32.36
C SER A 74 -34.18 -13.66 -32.92
N VAL A 75 -35.02 -14.47 -33.54
CA VAL A 75 -34.57 -15.72 -34.13
C VAL A 75 -34.85 -15.67 -35.63
N GLY A 76 -33.84 -15.99 -36.42
CA GLY A 76 -33.99 -15.97 -37.85
C GLY A 76 -32.98 -15.06 -38.53
N GLY A 77 -33.45 -14.06 -39.25
CA GLY A 77 -32.55 -13.17 -39.95
C GLY A 77 -32.38 -13.63 -41.38
N TRP A 78 -31.80 -12.77 -42.22
CA TRP A 78 -31.62 -13.11 -43.62
C TRP A 78 -30.70 -14.30 -43.89
N ASN A 79 -29.55 -14.35 -43.24
CA ASN A 79 -28.60 -15.44 -43.44
C ASN A 79 -29.02 -16.74 -42.76
N PHE A 80 -30.22 -16.77 -42.19
CA PHE A 80 -30.70 -17.98 -41.53
C PHE A 80 -31.21 -18.98 -42.55
N GLY A 81 -31.97 -18.48 -43.52
CA GLY A 81 -32.51 -19.35 -44.54
C GLY A 81 -33.88 -19.88 -44.19
N SER A 82 -34.87 -19.58 -45.03
CA SER A 82 -36.24 -20.02 -44.81
C SER A 82 -36.36 -21.54 -44.69
N GLN A 83 -35.43 -22.25 -45.31
CA GLN A 83 -35.43 -23.72 -45.28
C GLN A 83 -35.51 -24.32 -43.89
N ARG A 84 -34.61 -23.90 -43.02
CA ARG A 84 -34.57 -24.41 -41.65
C ARG A 84 -35.86 -24.07 -40.90
N PHE A 85 -36.30 -22.83 -41.01
CA PHE A 85 -37.52 -22.37 -40.34
C PHE A 85 -38.73 -23.18 -40.78
N SER A 86 -38.84 -23.42 -42.08
CA SER A 86 -39.97 -24.17 -42.64
C SER A 86 -40.13 -25.55 -42.02
N LYS A 87 -39.06 -26.34 -42.01
CA LYS A 87 -39.11 -27.68 -41.44
C LYS A 87 -39.55 -27.73 -39.98
N ILE A 88 -39.25 -26.67 -39.23
CA ILE A 88 -39.60 -26.61 -37.82
C ILE A 88 -41.05 -26.20 -37.59
N ALA A 89 -41.53 -25.23 -38.36
CA ALA A 89 -42.90 -24.76 -38.23
C ALA A 89 -43.87 -25.64 -38.99
N SER A 90 -43.34 -26.43 -39.92
CA SER A 90 -44.16 -27.32 -40.72
C SER A 90 -44.47 -28.63 -39.99
N ASN A 91 -43.46 -29.20 -39.36
CA ASN A 91 -43.62 -30.45 -38.62
C ASN A 91 -44.27 -30.18 -37.26
N THR A 92 -45.40 -30.82 -37.01
CA THR A 92 -46.15 -30.63 -35.76
C THR A 92 -45.34 -30.92 -34.49
N GLN A 93 -44.43 -31.89 -34.56
CA GLN A 93 -43.62 -32.22 -33.39
C GLN A 93 -42.55 -31.18 -33.11
N SER A 94 -41.83 -30.78 -34.17
CA SER A 94 -40.77 -29.79 -34.04
C SER A 94 -41.31 -28.44 -33.58
N ARG A 95 -42.50 -28.08 -34.06
CA ARG A 95 -43.09 -26.81 -33.68
C ARG A 95 -43.30 -26.77 -32.18
N ARG A 96 -43.78 -27.88 -31.63
CA ARG A 96 -44.01 -27.98 -30.19
C ARG A 96 -42.70 -27.88 -29.43
N THR A 97 -41.72 -28.68 -29.85
CA THR A 97 -40.41 -28.68 -29.21
C THR A 97 -39.87 -27.26 -29.16
N PHE A 98 -39.86 -26.62 -30.32
CA PHE A 98 -39.39 -25.25 -30.47
C PHE A 98 -40.09 -24.29 -29.52
N ILE A 99 -41.42 -24.24 -29.62
CA ILE A 99 -42.22 -23.36 -28.79
C ILE A 99 -41.96 -23.58 -27.29
N LYS A 100 -41.96 -24.84 -26.88
CA LYS A 100 -41.74 -25.18 -25.48
C LYS A 100 -40.36 -24.71 -24.98
N SER A 101 -39.37 -24.78 -25.85
CA SER A 101 -38.01 -24.39 -25.48
C SER A 101 -37.76 -22.89 -25.36
N VAL A 102 -38.63 -22.06 -25.94
CA VAL A 102 -38.45 -20.62 -25.90
C VAL A 102 -38.59 -19.93 -24.56
N PRO A 103 -39.72 -20.12 -23.85
CA PRO A 103 -39.88 -19.45 -22.56
C PRO A 103 -38.72 -19.69 -21.58
N PRO A 104 -38.34 -20.96 -21.33
CA PRO A 104 -37.24 -21.23 -20.41
C PRO A 104 -35.97 -20.48 -20.82
N PHE A 105 -35.62 -20.61 -22.09
CA PHE A 105 -34.43 -19.97 -22.64
C PHE A 105 -34.43 -18.46 -22.40
N LEU A 106 -35.59 -17.83 -22.59
CA LEU A 106 -35.70 -16.39 -22.40
C LEU A 106 -35.59 -15.98 -20.92
N ARG A 107 -36.25 -16.73 -20.05
CA ARG A 107 -36.20 -16.44 -18.62
C ARG A 107 -34.79 -16.69 -18.10
N THR A 108 -34.19 -17.77 -18.57
CA THR A 108 -32.85 -18.14 -18.16
C THR A 108 -31.83 -17.05 -18.49
N HIS A 109 -32.04 -16.38 -19.62
CA HIS A 109 -31.10 -15.34 -20.04
C HIS A 109 -31.53 -13.89 -19.88
N GLY A 110 -32.64 -13.67 -19.19
CA GLY A 110 -33.11 -12.31 -18.95
C GLY A 110 -33.78 -11.54 -20.08
N PHE A 111 -34.39 -12.25 -21.01
CA PHE A 111 -35.08 -11.58 -22.12
C PHE A 111 -36.57 -11.40 -21.81
N ASP A 112 -37.15 -10.33 -22.34
CA ASP A 112 -38.56 -10.04 -22.12
C ASP A 112 -39.47 -10.61 -23.20
N GLY A 113 -38.89 -11.07 -24.30
CA GLY A 113 -39.70 -11.63 -25.36
C GLY A 113 -38.93 -12.17 -26.54
N LEU A 114 -39.67 -12.73 -27.50
CA LEU A 114 -39.07 -13.30 -28.70
C LEU A 114 -39.50 -12.53 -29.94
N ASP A 115 -38.59 -12.38 -30.88
CA ASP A 115 -38.89 -11.70 -32.13
C ASP A 115 -38.65 -12.69 -33.25
N LEU A 116 -39.70 -12.96 -34.03
CA LEU A 116 -39.60 -13.90 -35.14
C LEU A 116 -39.19 -13.17 -36.41
N ALA A 117 -38.04 -13.54 -36.96
CA ALA A 117 -37.53 -12.93 -38.19
C ALA A 117 -37.31 -14.01 -39.23
N TRP A 118 -38.41 -14.62 -39.66
CA TRP A 118 -38.38 -15.68 -40.66
C TRP A 118 -38.53 -15.07 -42.05
N LEU A 119 -37.41 -15.00 -42.78
CA LEU A 119 -37.41 -14.43 -44.12
C LEU A 119 -37.18 -15.48 -45.20
N TYR A 120 -38.25 -15.98 -45.82
CA TYR A 120 -39.62 -15.59 -45.51
C TYR A 120 -40.46 -16.83 -45.77
N PRO A 121 -41.64 -16.92 -45.13
CA PRO A 121 -42.46 -18.10 -45.38
C PRO A 121 -42.83 -18.10 -46.86
N GLY A 122 -42.74 -19.24 -47.53
CA GLY A 122 -43.10 -19.26 -48.93
C GLY A 122 -44.61 -19.21 -49.00
N ARG A 123 -45.16 -19.32 -50.21
CA ARG A 123 -46.61 -19.34 -50.34
C ARG A 123 -47.01 -20.66 -49.70
N ARG A 124 -46.04 -21.56 -49.64
CA ARG A 124 -46.21 -22.89 -49.07
C ARG A 124 -46.16 -22.94 -47.54
N ASP A 125 -45.81 -21.83 -46.91
CA ASP A 125 -45.75 -21.80 -45.45
C ASP A 125 -46.61 -20.70 -44.82
N LYS A 126 -47.36 -20.00 -45.67
CA LYS A 126 -48.21 -18.91 -45.19
C LYS A 126 -49.05 -19.31 -43.98
N GLN A 127 -49.65 -20.48 -44.01
CA GLN A 127 -50.47 -20.95 -42.90
C GLN A 127 -49.64 -21.43 -41.73
N HIS A 128 -48.55 -22.13 -42.02
CA HIS A 128 -47.69 -22.63 -40.96
C HIS A 128 -47.17 -21.46 -40.12
N PHE A 129 -46.88 -20.35 -40.80
CA PHE A 129 -46.38 -19.15 -40.11
C PHE A 129 -47.44 -18.63 -39.15
N THR A 130 -48.70 -18.70 -39.57
CA THR A 130 -49.80 -18.24 -38.74
C THR A 130 -49.93 -19.15 -37.51
N THR A 131 -49.88 -20.45 -37.74
CA THR A 131 -49.99 -21.43 -36.66
C THR A 131 -48.87 -21.23 -35.65
N LEU A 132 -47.64 -21.08 -36.15
CA LEU A 132 -46.48 -20.87 -35.31
C LEU A 132 -46.68 -19.69 -34.37
N ILE A 133 -47.04 -18.54 -34.94
CA ILE A 133 -47.27 -17.33 -34.16
C ILE A 133 -48.42 -17.51 -33.17
N LYS A 134 -49.49 -18.15 -33.63
CA LYS A 134 -50.66 -18.39 -32.80
C LYS A 134 -50.34 -19.23 -31.57
N GLU A 135 -49.62 -20.32 -31.78
CA GLU A 135 -49.24 -21.22 -30.70
C GLU A 135 -48.16 -20.65 -29.78
N MET A 136 -47.22 -19.90 -30.36
CA MET A 136 -46.14 -19.29 -29.58
C MET A 136 -46.72 -18.33 -28.55
N LYS A 137 -47.75 -17.59 -28.96
CA LYS A 137 -48.41 -16.63 -28.07
C LYS A 137 -49.19 -17.42 -27.02
N ALA A 138 -49.74 -18.55 -27.43
CA ALA A 138 -50.50 -19.40 -26.52
C ALA A 138 -49.59 -19.84 -25.38
N GLU A 139 -48.40 -20.34 -25.75
CA GLU A 139 -47.42 -20.80 -24.79
C GLU A 139 -46.99 -19.68 -23.84
N PHE A 140 -46.69 -18.51 -24.40
CA PHE A 140 -46.29 -17.36 -23.61
C PHE A 140 -47.36 -17.01 -22.59
N ILE A 141 -48.61 -17.07 -23.01
CA ILE A 141 -49.73 -16.76 -22.12
C ILE A 141 -49.78 -17.79 -20.99
N LYS A 142 -49.64 -19.06 -21.35
CA LYS A 142 -49.66 -20.15 -20.39
C LYS A 142 -48.52 -19.99 -19.37
N GLU A 143 -47.32 -19.74 -19.87
CA GLU A 143 -46.15 -19.57 -19.02
C GLU A 143 -46.28 -18.45 -17.99
N ALA A 144 -47.16 -17.50 -18.25
CA ALA A 144 -47.37 -16.37 -17.35
C ALA A 144 -48.73 -16.41 -16.63
N GLN A 145 -49.53 -17.42 -16.94
CA GLN A 145 -50.85 -17.57 -16.34
C GLN A 145 -50.88 -17.34 -14.83
N PRO A 146 -49.90 -17.88 -14.09
CA PRO A 146 -49.87 -17.69 -12.64
C PRO A 146 -49.68 -16.25 -12.14
N GLY A 147 -49.25 -15.35 -13.03
CA GLY A 147 -49.07 -13.96 -12.64
C GLY A 147 -47.77 -13.29 -13.05
N LYS A 148 -47.01 -13.92 -13.94
CA LYS A 148 -45.75 -13.33 -14.39
C LYS A 148 -46.02 -12.23 -15.41
N LYS A 149 -44.98 -11.45 -15.70
CA LYS A 149 -45.07 -10.41 -16.70
C LYS A 149 -44.92 -11.15 -18.01
N GLN A 150 -46.03 -11.33 -18.72
CA GLN A 150 -46.06 -12.07 -19.98
C GLN A 150 -44.96 -11.70 -20.98
N LEU A 151 -44.34 -12.73 -21.55
CA LEU A 151 -43.29 -12.57 -22.54
C LEU A 151 -43.89 -11.96 -23.81
N LEU A 152 -43.15 -11.05 -24.43
CA LEU A 152 -43.60 -10.39 -25.65
C LEU A 152 -43.31 -11.21 -26.90
N LEU A 153 -44.16 -11.08 -27.91
CA LEU A 153 -43.99 -11.77 -29.17
C LEU A 153 -44.12 -10.79 -30.32
N SER A 154 -43.05 -10.63 -31.08
CA SER A 154 -43.05 -9.71 -32.21
C SER A 154 -42.56 -10.40 -33.46
N ALA A 155 -42.71 -9.73 -34.60
CA ALA A 155 -42.28 -10.29 -35.87
C ALA A 155 -41.77 -9.21 -36.80
N ALA A 156 -40.64 -9.48 -37.43
CA ALA A 156 -40.04 -8.56 -38.38
C ALA A 156 -40.56 -9.06 -39.73
N LEU A 157 -41.37 -8.23 -40.40
CA LEU A 157 -41.95 -8.64 -41.68
C LEU A 157 -41.37 -7.91 -42.89
N SER A 158 -41.44 -8.56 -44.04
CA SER A 158 -40.93 -7.98 -45.28
C SER A 158 -41.82 -6.80 -45.65
N ALA A 159 -41.25 -5.82 -46.33
CA ALA A 159 -42.00 -4.65 -46.74
C ALA A 159 -42.34 -4.71 -48.23
N GLY A 160 -41.93 -5.80 -48.88
CA GLY A 160 -42.20 -5.98 -50.29
C GLY A 160 -43.55 -6.61 -50.55
N LYS A 161 -44.35 -5.97 -51.39
CA LYS A 161 -45.69 -6.45 -51.71
C LYS A 161 -45.75 -7.92 -52.11
N VAL A 162 -44.94 -8.32 -53.08
CA VAL A 162 -44.95 -9.72 -53.52
C VAL A 162 -44.75 -10.68 -52.36
N THR A 163 -43.72 -10.41 -51.56
CA THR A 163 -43.43 -11.27 -50.41
C THR A 163 -44.55 -11.23 -49.39
N ILE A 164 -45.11 -10.05 -49.17
CA ILE A 164 -46.20 -9.91 -48.21
C ILE A 164 -47.41 -10.73 -48.65
N ASP A 165 -47.73 -10.65 -49.93
CA ASP A 165 -48.88 -11.37 -50.47
C ASP A 165 -48.77 -12.89 -50.41
N SER A 166 -47.56 -13.43 -50.57
CA SER A 166 -47.38 -14.87 -50.55
C SER A 166 -46.97 -15.47 -49.21
N SER A 167 -46.45 -14.64 -48.32
CA SER A 167 -46.00 -15.12 -47.02
C SER A 167 -46.90 -14.87 -45.82
N TYR A 168 -47.49 -13.68 -45.73
CA TYR A 168 -48.29 -13.34 -44.56
C TYR A 168 -49.80 -13.24 -44.68
N ASP A 169 -50.45 -13.57 -43.56
CA ASP A 169 -51.89 -13.48 -43.42
C ASP A 169 -51.99 -12.40 -42.34
N ILE A 170 -51.65 -11.17 -42.74
CA ILE A 170 -51.63 -10.02 -41.86
C ILE A 170 -52.75 -9.91 -40.84
N ALA A 171 -54.00 -10.01 -41.30
CA ALA A 171 -55.13 -9.91 -40.39
C ALA A 171 -55.09 -10.93 -39.26
N LYS A 172 -54.80 -12.18 -39.60
CA LYS A 172 -54.75 -13.26 -38.64
C LYS A 172 -53.64 -13.13 -37.58
N ILE A 173 -52.41 -12.98 -38.04
CA ILE A 173 -51.26 -12.88 -37.12
C ILE A 173 -51.19 -11.60 -36.29
N SER A 174 -51.86 -10.54 -36.74
CA SER A 174 -51.83 -9.27 -36.02
C SER A 174 -52.48 -9.37 -34.65
N GLN A 175 -53.41 -10.31 -34.50
CA GLN A 175 -54.11 -10.50 -33.23
C GLN A 175 -53.16 -11.07 -32.18
N HIS A 176 -52.33 -12.01 -32.60
CA HIS A 176 -51.40 -12.69 -31.71
C HIS A 176 -50.09 -11.98 -31.42
N LEU A 177 -49.64 -11.13 -32.34
CA LEU A 177 -48.38 -10.40 -32.15
C LEU A 177 -48.59 -9.15 -31.32
N ASP A 178 -47.62 -8.84 -30.47
CA ASP A 178 -47.71 -7.65 -29.62
C ASP A 178 -47.35 -6.43 -30.45
N PHE A 179 -46.56 -6.64 -31.49
CA PHE A 179 -46.19 -5.57 -32.40
C PHE A 179 -45.44 -6.11 -33.62
N ILE A 180 -45.62 -5.44 -34.75
CA ILE A 180 -45.01 -5.84 -36.00
C ILE A 180 -44.02 -4.79 -36.50
N SER A 181 -42.81 -5.23 -36.83
CA SER A 181 -41.81 -4.32 -37.36
C SER A 181 -41.73 -4.57 -38.86
N ILE A 182 -42.16 -3.59 -39.65
CA ILE A 182 -42.14 -3.73 -41.10
C ILE A 182 -40.81 -3.20 -41.62
N MET A 183 -40.07 -4.09 -42.28
CA MET A 183 -38.75 -3.76 -42.81
C MET A 183 -38.79 -2.88 -44.05
N THR A 184 -39.18 -1.62 -43.85
CA THR A 184 -39.27 -0.65 -44.94
C THR A 184 -37.93 -0.10 -45.43
N TYR A 185 -37.13 -1.00 -46.00
CA TYR A 185 -35.84 -0.68 -46.57
C TYR A 185 -35.47 -1.83 -47.49
N ASP A 186 -34.27 -1.80 -48.09
CA ASP A 186 -33.86 -2.85 -49.02
C ASP A 186 -34.86 -2.90 -50.17
N PHE A 187 -35.35 -1.74 -50.58
CA PHE A 187 -36.31 -1.64 -51.68
C PHE A 187 -35.67 -1.65 -53.06
N HIS A 188 -34.38 -1.32 -53.13
CA HIS A 188 -33.67 -1.29 -54.39
C HIS A 188 -32.35 -2.00 -54.22
N GLY A 189 -31.97 -2.82 -55.19
CA GLY A 189 -30.71 -3.54 -55.10
C GLY A 189 -29.95 -3.52 -56.41
N ALA A 190 -28.62 -3.62 -56.32
CA ALA A 190 -27.78 -3.61 -57.51
C ALA A 190 -28.35 -4.49 -58.62
N TRP A 191 -29.01 -5.58 -58.24
CA TRP A 191 -29.58 -6.49 -59.21
C TRP A 191 -30.40 -5.75 -60.26
N ARG A 192 -31.00 -4.64 -59.87
CA ARG A 192 -31.83 -3.85 -60.77
C ARG A 192 -31.01 -3.16 -61.87
N GLY A 193 -29.70 -3.07 -61.65
CA GLY A 193 -28.83 -2.45 -62.64
C GLY A 193 -28.83 -0.94 -62.74
N THR A 194 -29.52 -0.26 -61.82
CA THR A 194 -29.57 1.20 -61.83
C THR A 194 -29.50 1.74 -60.41
N THR A 195 -29.11 3.00 -60.26
CA THR A 195 -29.05 3.58 -58.93
C THR A 195 -30.48 3.80 -58.44
N GLY A 196 -30.69 3.60 -57.14
CA GLY A 196 -32.00 3.79 -56.58
C GLY A 196 -31.90 3.78 -55.07
N HIS A 197 -32.64 4.65 -54.40
CA HIS A 197 -32.60 4.72 -52.95
C HIS A 197 -33.34 3.50 -52.41
N HIS A 198 -32.70 2.78 -51.50
CA HIS A 198 -33.29 1.56 -50.93
C HIS A 198 -34.33 1.81 -49.85
N SER A 199 -34.52 3.07 -49.46
CA SER A 199 -35.50 3.37 -48.42
C SER A 199 -36.18 4.72 -48.59
N PRO A 200 -36.85 4.92 -49.73
CA PRO A 200 -37.54 6.20 -49.96
C PRO A 200 -38.81 6.25 -49.13
N LEU A 201 -39.23 7.45 -48.74
CA LEU A 201 -40.44 7.60 -47.94
C LEU A 201 -41.65 7.46 -48.85
N PHE A 202 -41.63 8.13 -49.99
CA PHE A 202 -42.73 8.05 -50.96
C PHE A 202 -42.17 7.58 -52.29
N ARG A 203 -43.06 7.29 -53.24
CA ARG A 203 -42.61 6.84 -54.56
C ARG A 203 -41.79 7.92 -55.27
N GLY A 204 -42.27 9.15 -55.21
CA GLY A 204 -41.55 10.24 -55.87
C GLY A 204 -41.90 10.28 -57.35
N GLN A 205 -41.01 10.90 -58.15
CA GLN A 205 -41.24 11.03 -59.58
C GLN A 205 -41.75 9.72 -60.18
N GLU A 206 -43.01 9.74 -60.60
CA GLU A 206 -43.69 8.60 -61.17
C GLU A 206 -42.92 8.03 -62.36
N ASP A 207 -42.31 8.91 -63.14
CA ASP A 207 -41.52 8.54 -64.32
C ASP A 207 -40.30 7.66 -64.02
N ALA A 208 -39.59 7.98 -62.93
CA ALA A 208 -38.37 7.25 -62.59
C ALA A 208 -38.40 6.17 -61.51
N SER A 209 -39.53 5.49 -61.32
CA SER A 209 -39.57 4.43 -60.31
C SER A 209 -39.96 3.15 -61.02
N PRO A 210 -39.10 2.13 -60.95
CA PRO A 210 -39.35 0.84 -61.59
C PRO A 210 -40.54 0.10 -61.00
N ASP A 211 -40.92 0.49 -59.78
CA ASP A 211 -42.02 -0.18 -59.10
C ASP A 211 -42.93 0.81 -58.37
N ARG A 212 -44.22 0.51 -58.40
CA ARG A 212 -45.20 1.35 -57.73
C ARG A 212 -45.21 1.08 -56.22
N PHE A 213 -44.82 -0.13 -55.82
CA PHE A 213 -44.83 -0.50 -54.39
C PHE A 213 -43.51 -0.55 -53.62
N SER A 214 -42.39 -0.24 -54.27
CA SER A 214 -41.10 -0.28 -53.59
C SER A 214 -40.75 1.01 -52.86
N ASN A 215 -41.54 1.35 -51.85
CA ASN A 215 -41.32 2.55 -51.04
C ASN A 215 -42.04 2.41 -49.70
N THR A 216 -41.56 3.14 -48.69
CA THR A 216 -42.13 3.06 -47.36
C THR A 216 -43.64 3.32 -47.29
N ASP A 217 -44.07 4.45 -47.83
CA ASP A 217 -45.48 4.81 -47.82
C ASP A 217 -46.41 3.70 -48.30
N TYR A 218 -46.10 3.10 -49.44
CA TYR A 218 -46.97 2.05 -49.95
C TYR A 218 -47.07 0.87 -48.97
N ALA A 219 -45.91 0.37 -48.55
CA ALA A 219 -45.85 -0.77 -47.64
C ALA A 219 -46.66 -0.53 -46.36
N VAL A 220 -46.50 0.64 -45.75
CA VAL A 220 -47.22 0.95 -44.53
C VAL A 220 -48.73 0.91 -44.78
N GLY A 221 -49.19 1.68 -45.76
CA GLY A 221 -50.59 1.71 -46.09
C GLY A 221 -51.14 0.35 -46.46
N TYR A 222 -50.39 -0.39 -47.25
CA TYR A 222 -50.83 -1.72 -47.67
C TYR A 222 -51.04 -2.60 -46.43
N MET A 223 -50.06 -2.62 -45.54
CA MET A 223 -50.21 -3.44 -44.38
C MET A 223 -51.37 -2.96 -43.52
N LEU A 224 -51.58 -1.64 -43.43
CA LEU A 224 -52.72 -1.14 -42.64
C LEU A 224 -54.00 -1.67 -43.28
N ARG A 225 -54.06 -1.58 -44.60
CA ARG A 225 -55.22 -2.06 -45.35
C ARG A 225 -55.47 -3.54 -45.14
N LEU A 226 -54.39 -4.33 -45.10
CA LEU A 226 -54.52 -5.76 -44.93
C LEU A 226 -55.00 -6.18 -43.55
N GLY A 227 -55.06 -5.23 -42.61
CA GLY A 227 -55.54 -5.57 -41.29
C GLY A 227 -54.54 -5.52 -40.15
N ALA A 228 -53.49 -4.72 -40.30
CA ALA A 228 -52.51 -4.59 -39.24
C ALA A 228 -52.83 -3.31 -38.45
N PRO A 229 -53.29 -3.46 -37.20
CA PRO A 229 -53.63 -2.31 -36.37
C PRO A 229 -52.47 -1.33 -36.31
N ALA A 230 -52.76 -0.06 -36.58
CA ALA A 230 -51.72 0.97 -36.55
C ALA A 230 -51.01 0.98 -35.21
N SER A 231 -51.75 0.67 -34.15
CA SER A 231 -51.20 0.66 -32.80
C SER A 231 -50.20 -0.47 -32.61
N LYS A 232 -50.16 -1.40 -33.56
CA LYS A 232 -49.24 -2.54 -33.46
C LYS A 232 -48.18 -2.52 -34.57
N LEU A 233 -48.18 -1.47 -35.38
CA LEU A 233 -47.24 -1.39 -36.48
C LEU A 233 -46.06 -0.46 -36.21
N VAL A 234 -44.86 -1.01 -36.26
CA VAL A 234 -43.63 -0.25 -36.04
C VAL A 234 -42.96 -0.14 -37.42
N MET A 235 -42.65 1.09 -37.82
CA MET A 235 -42.04 1.35 -39.12
C MET A 235 -40.50 1.32 -39.08
N GLY A 236 -39.92 0.44 -39.88
CA GLY A 236 -38.47 0.33 -39.92
C GLY A 236 -37.73 1.43 -40.64
N ILE A 237 -36.67 1.92 -40.02
CA ILE A 237 -35.82 2.97 -40.58
C ILE A 237 -34.39 2.43 -40.55
N PRO A 238 -33.68 2.47 -41.69
CA PRO A 238 -32.31 1.97 -41.75
C PRO A 238 -31.24 2.99 -41.37
N THR A 239 -30.20 2.52 -40.68
CA THR A 239 -29.08 3.38 -40.30
C THR A 239 -27.89 2.99 -41.16
N PHE A 240 -28.17 2.29 -42.25
CA PHE A 240 -27.14 1.88 -43.20
C PHE A 240 -27.62 2.26 -44.58
N GLY A 241 -26.70 2.35 -45.53
CA GLY A 241 -27.09 2.71 -46.88
C GLY A 241 -26.74 1.61 -47.87
N ARG A 242 -27.37 1.66 -49.04
CA ARG A 242 -27.10 0.69 -50.09
C ARG A 242 -26.29 1.43 -51.14
N SER A 243 -25.14 0.88 -51.49
CA SER A 243 -24.26 1.52 -52.46
C SER A 243 -24.17 0.83 -53.81
N PHE A 244 -23.72 1.59 -54.80
CA PHE A 244 -23.56 1.10 -56.17
C PHE A 244 -22.30 1.68 -56.80
N THR A 245 -21.78 1.00 -57.81
CA THR A 245 -20.60 1.47 -58.52
C THR A 245 -21.11 2.00 -59.87
N LEU A 246 -21.08 3.32 -60.03
CA LEU A 246 -21.55 3.95 -61.26
C LEU A 246 -20.81 3.44 -62.49
N ALA A 247 -21.45 3.53 -63.66
CA ALA A 247 -20.85 3.06 -64.90
C ALA A 247 -20.63 4.16 -65.93
N SER A 248 -21.12 5.36 -65.64
CA SER A 248 -20.97 6.49 -66.56
C SER A 248 -20.79 7.76 -65.73
N SER A 249 -21.04 8.91 -66.35
CA SER A 249 -20.91 10.18 -65.66
C SER A 249 -22.25 10.57 -65.02
N GLU A 250 -23.28 9.76 -65.30
CA GLU A 250 -24.60 9.99 -64.75
C GLU A 250 -24.61 9.64 -63.28
N THR A 251 -25.11 10.55 -62.44
CA THR A 251 -25.13 10.32 -61.00
C THR A 251 -26.51 10.49 -60.35
N GLY A 252 -27.53 10.68 -61.17
CA GLY A 252 -28.87 10.87 -60.64
C GLY A 252 -29.56 9.55 -60.38
N VAL A 253 -30.81 9.61 -59.95
CA VAL A 253 -31.58 8.42 -59.68
C VAL A 253 -31.83 7.71 -61.01
N GLY A 254 -31.50 6.41 -61.07
CA GLY A 254 -31.72 5.67 -62.29
C GLY A 254 -30.50 5.56 -63.18
N ALA A 255 -29.40 6.18 -62.77
CA ALA A 255 -28.16 6.14 -63.53
C ALA A 255 -27.66 4.69 -63.64
N PRO A 256 -26.87 4.39 -64.68
CA PRO A 256 -26.32 3.04 -64.91
C PRO A 256 -25.25 2.65 -63.89
N ILE A 257 -25.27 1.38 -63.48
CA ILE A 257 -24.29 0.88 -62.51
C ILE A 257 -23.63 -0.39 -63.04
N SER A 258 -22.47 -0.71 -62.50
CA SER A 258 -21.74 -1.90 -62.91
C SER A 258 -21.85 -2.98 -61.82
N GLY A 259 -22.47 -2.62 -60.70
CA GLY A 259 -22.64 -3.55 -59.60
C GLY A 259 -22.71 -2.85 -58.27
N PRO A 260 -22.64 -3.60 -57.15
CA PRO A 260 -22.70 -2.98 -55.82
C PRO A 260 -21.51 -2.05 -55.56
N GLY A 261 -21.63 -1.21 -54.54
CA GLY A 261 -20.56 -0.29 -54.22
C GLY A 261 -19.37 -0.96 -53.56
N ILE A 262 -18.27 -0.22 -53.47
CA ILE A 262 -17.05 -0.74 -52.84
C ILE A 262 -17.35 -0.95 -51.36
N PRO A 263 -16.87 -2.07 -50.79
CA PRO A 263 -17.09 -2.37 -49.38
C PRO A 263 -16.57 -1.29 -48.44
N GLY A 264 -17.28 -1.09 -47.33
CA GLY A 264 -16.85 -0.11 -46.35
C GLY A 264 -15.66 -0.67 -45.58
N ARG A 265 -14.82 0.21 -45.06
CA ARG A 265 -13.64 -0.22 -44.32
C ARG A 265 -13.97 -1.10 -43.11
N PHE A 266 -15.09 -0.84 -42.46
CA PHE A 266 -15.47 -1.60 -41.27
C PHE A 266 -16.51 -2.70 -41.47
N THR A 267 -17.51 -2.46 -42.31
CA THR A 267 -18.54 -3.48 -42.54
C THR A 267 -18.12 -4.49 -43.58
N LYS A 268 -17.12 -4.16 -44.37
CA LYS A 268 -16.60 -5.03 -45.42
C LYS A 268 -17.65 -5.88 -46.14
N GLU A 269 -18.63 -5.22 -46.75
CA GLU A 269 -19.68 -5.91 -47.47
C GLU A 269 -20.14 -5.07 -48.66
N ALA A 270 -19.78 -5.51 -49.86
CA ALA A 270 -20.15 -4.79 -51.08
C ALA A 270 -21.62 -4.43 -51.11
N GLY A 271 -21.91 -3.17 -51.42
CA GLY A 271 -23.29 -2.71 -51.48
C GLY A 271 -23.83 -2.24 -50.14
N THR A 272 -22.99 -2.31 -49.10
CA THR A 272 -23.40 -1.88 -47.77
C THR A 272 -22.41 -0.89 -47.15
N LEU A 273 -22.96 0.10 -46.45
CA LEU A 273 -22.17 1.10 -45.76
C LEU A 273 -22.92 1.50 -44.50
N ALA A 274 -22.26 1.39 -43.36
CA ALA A 274 -22.87 1.79 -42.10
C ALA A 274 -22.98 3.30 -42.15
N TYR A 275 -23.90 3.89 -41.38
CA TYR A 275 -24.02 5.34 -41.41
C TYR A 275 -22.70 6.01 -41.07
N TYR A 276 -21.96 5.46 -40.12
CA TYR A 276 -20.69 6.05 -39.74
C TYR A 276 -19.66 5.96 -40.86
N GLU A 277 -19.78 4.93 -41.71
CA GLU A 277 -18.86 4.78 -42.84
C GLU A 277 -19.27 5.80 -43.89
N ILE A 278 -20.58 6.10 -43.92
CA ILE A 278 -21.11 7.07 -44.87
C ILE A 278 -20.64 8.48 -44.52
N CYS A 279 -20.54 8.77 -43.23
CA CYS A 279 -20.09 10.09 -42.80
C CYS A 279 -18.69 10.36 -43.32
N ASP A 280 -17.88 9.30 -43.43
CA ASP A 280 -16.52 9.45 -43.96
C ASP A 280 -16.69 9.74 -45.45
N PHE A 281 -17.47 8.91 -46.11
CA PHE A 281 -17.75 9.03 -47.53
C PHE A 281 -18.19 10.44 -47.90
N LEU A 282 -19.03 11.04 -47.06
CA LEU A 282 -19.53 12.38 -47.32
C LEU A 282 -18.43 13.43 -47.44
N ARG A 283 -17.24 13.11 -46.95
CA ARG A 283 -16.13 14.04 -47.04
C ARG A 283 -15.72 14.16 -48.51
N GLY A 284 -16.05 15.30 -49.12
CA GLY A 284 -15.70 15.52 -50.51
C GLY A 284 -16.73 14.95 -51.47
N ALA A 285 -17.88 14.56 -50.96
CA ALA A 285 -18.94 14.00 -51.79
C ALA A 285 -20.09 14.99 -51.89
N THR A 286 -20.95 14.80 -52.89
CA THR A 286 -22.09 15.68 -53.06
C THR A 286 -23.37 14.97 -52.62
N VAL A 287 -24.15 15.65 -51.79
CA VAL A 287 -25.40 15.08 -51.28
C VAL A 287 -26.59 15.69 -51.98
N HIS A 288 -27.48 14.84 -52.47
CA HIS A 288 -28.67 15.29 -53.19
C HIS A 288 -29.94 14.81 -52.50
N ARG A 289 -30.86 15.75 -52.28
CA ARG A 289 -32.14 15.42 -51.66
C ARG A 289 -33.03 14.97 -52.81
N ILE A 290 -33.56 13.75 -52.72
CA ILE A 290 -34.44 13.26 -53.77
C ILE A 290 -35.85 13.78 -53.53
N LEU A 291 -36.26 14.78 -54.30
CA LEU A 291 -37.61 15.35 -54.17
C LEU A 291 -38.64 14.25 -54.36
N GLY A 292 -39.72 14.31 -53.59
CA GLY A 292 -40.75 13.30 -53.73
C GLY A 292 -40.50 12.08 -52.85
N GLN A 293 -39.24 11.67 -52.75
CA GLN A 293 -38.90 10.51 -51.93
C GLN A 293 -38.46 10.94 -50.52
N GLN A 294 -38.13 12.21 -50.36
CA GLN A 294 -37.74 12.76 -49.06
C GLN A 294 -36.48 12.15 -48.43
N VAL A 295 -35.62 11.55 -49.24
CA VAL A 295 -34.40 10.96 -48.71
C VAL A 295 -33.19 11.41 -49.52
N PRO A 296 -32.00 11.33 -48.92
CA PRO A 296 -30.80 11.75 -49.65
C PRO A 296 -29.93 10.62 -50.17
N TYR A 297 -29.09 10.96 -51.12
CA TYR A 297 -28.14 10.01 -51.68
C TYR A 297 -26.87 10.83 -51.86
N ALA A 298 -25.73 10.21 -51.66
CA ALA A 298 -24.47 10.92 -51.82
C ALA A 298 -23.69 10.24 -52.93
N THR A 299 -22.90 11.01 -53.65
CA THR A 299 -22.10 10.45 -54.73
C THR A 299 -20.74 11.12 -54.78
N LYS A 300 -19.72 10.31 -55.05
CA LYS A 300 -18.35 10.79 -55.13
C LYS A 300 -17.62 9.78 -56.00
N GLY A 301 -16.96 10.28 -57.05
CA GLY A 301 -16.25 9.38 -57.94
C GLY A 301 -17.25 8.42 -58.57
N ASN A 302 -16.89 7.14 -58.63
CA ASN A 302 -17.77 6.15 -59.23
C ASN A 302 -18.62 5.43 -58.19
N GLN A 303 -18.81 6.08 -57.04
CA GLN A 303 -19.61 5.50 -55.96
C GLN A 303 -20.90 6.30 -55.75
N TRP A 304 -21.97 5.59 -55.43
CA TRP A 304 -23.29 6.18 -55.21
C TRP A 304 -23.94 5.43 -54.05
N VAL A 305 -24.45 6.15 -53.06
CA VAL A 305 -25.09 5.49 -51.93
C VAL A 305 -26.36 6.18 -51.44
N GLY A 306 -27.41 5.40 -51.29
CA GLY A 306 -28.68 5.93 -50.80
C GLY A 306 -28.77 5.59 -49.33
N TYR A 307 -29.02 6.60 -48.50
CA TYR A 307 -29.10 6.39 -47.06
C TYR A 307 -30.08 7.34 -46.40
N ASP A 308 -30.09 7.31 -45.07
CA ASP A 308 -30.95 8.16 -44.26
C ASP A 308 -30.08 8.98 -43.32
N ASP A 309 -30.42 10.25 -43.16
CA ASP A 309 -29.67 11.11 -42.24
C ASP A 309 -30.67 11.72 -41.27
N GLN A 310 -30.18 12.58 -40.38
CA GLN A 310 -31.04 13.22 -39.40
C GLN A 310 -32.28 13.88 -40.01
N GLU A 311 -32.11 14.53 -41.15
CA GLU A 311 -33.24 15.21 -41.78
C GLU A 311 -34.29 14.24 -42.30
N SER A 312 -33.86 13.18 -42.99
CA SER A 312 -34.80 12.21 -43.54
C SER A 312 -35.53 11.38 -42.47
N VAL A 313 -34.81 10.92 -41.46
CA VAL A 313 -35.45 10.12 -40.41
C VAL A 313 -36.50 10.96 -39.69
N LYS A 314 -36.25 12.27 -39.64
CA LYS A 314 -37.16 13.20 -38.98
C LYS A 314 -38.49 13.19 -39.74
N SER A 315 -38.39 13.30 -41.06
CA SER A 315 -39.57 13.30 -41.92
C SER A 315 -40.30 11.97 -41.78
N LYS A 316 -39.53 10.89 -41.73
CA LYS A 316 -40.12 9.56 -41.59
C LYS A 316 -40.88 9.41 -40.29
N VAL A 317 -40.39 10.02 -39.22
CA VAL A 317 -41.07 9.93 -37.94
C VAL A 317 -42.38 10.72 -38.07
N GLN A 318 -42.29 11.90 -38.68
CA GLN A 318 -43.44 12.74 -38.90
C GLN A 318 -44.53 11.90 -39.57
N TYR A 319 -44.13 11.22 -40.64
CA TYR A 319 -45.03 10.36 -41.39
C TYR A 319 -45.70 9.30 -40.51
N LEU A 320 -44.90 8.55 -39.77
CA LEU A 320 -45.45 7.50 -38.92
C LEU A 320 -46.39 8.03 -37.84
N LYS A 321 -46.10 9.23 -37.35
CA LYS A 321 -46.96 9.83 -36.33
C LYS A 321 -48.27 10.27 -36.98
N ASP A 322 -48.18 10.89 -38.16
CA ASP A 322 -49.38 11.33 -38.88
C ASP A 322 -50.24 10.11 -39.16
N ARG A 323 -49.59 8.95 -39.25
CA ARG A 323 -50.27 7.69 -39.51
C ARG A 323 -50.72 7.00 -38.22
N GLN A 324 -50.27 7.54 -37.09
CA GLN A 324 -50.64 7.00 -35.78
C GLN A 324 -50.16 5.55 -35.61
N LEU A 325 -48.92 5.29 -36.01
CA LEU A 325 -48.33 3.97 -35.89
C LEU A 325 -47.76 3.79 -34.49
N ALA A 326 -47.41 2.56 -34.14
CA ALA A 326 -46.86 2.26 -32.82
C ALA A 326 -45.52 2.94 -32.57
N GLY A 327 -44.76 3.20 -33.64
CA GLY A 327 -43.48 3.84 -33.49
C GLY A 327 -42.52 3.47 -34.61
N ALA A 328 -41.23 3.62 -34.35
CA ALA A 328 -40.23 3.29 -35.34
C ALA A 328 -39.33 2.16 -34.90
N MET A 329 -38.76 1.46 -35.88
CA MET A 329 -37.84 0.35 -35.64
C MET A 329 -36.55 0.72 -36.33
N VAL A 330 -35.42 0.47 -35.67
CA VAL A 330 -34.13 0.80 -36.23
C VAL A 330 -33.21 -0.39 -36.46
N TRP A 331 -32.64 -0.44 -37.66
CA TRP A 331 -31.69 -1.49 -38.00
C TRP A 331 -30.46 -0.84 -38.61
N ALA A 332 -29.36 -0.81 -37.86
CA ALA A 332 -29.29 -1.35 -36.51
C ALA A 332 -28.46 -0.39 -35.67
N LEU A 333 -28.54 -0.53 -34.34
CA LEU A 333 -27.79 0.36 -33.44
C LEU A 333 -26.29 0.37 -33.72
N ASP A 334 -25.74 -0.76 -34.13
CA ASP A 334 -24.32 -0.87 -34.39
C ASP A 334 -23.91 -0.37 -35.78
N LEU A 335 -24.87 0.15 -36.53
CA LEU A 335 -24.60 0.68 -37.87
C LEU A 335 -24.70 2.20 -37.81
N ASP A 336 -25.33 2.68 -36.75
CA ASP A 336 -25.47 4.11 -36.52
C ASP A 336 -24.09 4.50 -36.03
N ASP A 337 -23.82 5.79 -35.88
CA ASP A 337 -22.51 6.22 -35.38
C ASP A 337 -22.55 6.09 -33.86
N PHE A 338 -22.37 4.87 -33.36
CA PHE A 338 -22.41 4.62 -31.92
C PHE A 338 -21.20 5.20 -31.18
N GLN A 339 -20.09 5.38 -31.90
CA GLN A 339 -18.89 5.95 -31.32
C GLN A 339 -19.09 7.46 -31.22
N GLY A 340 -19.85 8.01 -32.16
CA GLY A 340 -20.12 9.43 -32.19
C GLY A 340 -18.90 10.22 -32.63
N SER A 341 -17.91 9.50 -33.15
CA SER A 341 -16.67 10.12 -33.59
C SER A 341 -16.51 10.26 -35.10
N PHE A 342 -17.38 9.61 -35.87
CA PHE A 342 -17.27 9.67 -37.33
C PHE A 342 -17.98 10.85 -37.99
N CYS A 343 -19.16 11.20 -37.48
CA CYS A 343 -19.94 12.28 -38.07
C CYS A 343 -19.76 13.63 -37.38
N GLY A 344 -18.82 13.68 -36.45
CA GLY A 344 -18.56 14.92 -35.72
C GLY A 344 -19.65 15.19 -34.70
N GLN A 345 -19.59 16.36 -34.07
CA GLN A 345 -20.56 16.76 -33.06
C GLN A 345 -20.39 15.93 -31.78
N ASP A 346 -19.46 14.98 -31.84
CA ASP A 346 -19.19 14.10 -30.71
C ASP A 346 -20.44 13.44 -30.15
N LEU A 347 -21.54 13.54 -30.88
CA LEU A 347 -22.81 12.96 -30.46
C LEU A 347 -22.92 11.50 -30.87
N ARG A 348 -23.32 10.65 -29.92
CA ARG A 348 -23.45 9.22 -30.21
C ARG A 348 -24.85 8.87 -30.69
N PHE A 349 -24.94 7.87 -31.56
CA PHE A 349 -26.20 7.42 -32.12
C PHE A 349 -27.01 8.60 -32.68
N PRO A 350 -26.39 9.41 -33.56
CA PRO A 350 -27.06 10.57 -34.16
C PRO A 350 -28.39 10.28 -34.84
N LEU A 351 -28.43 9.23 -35.67
CA LEU A 351 -29.66 8.89 -36.37
C LEU A 351 -30.75 8.40 -35.42
N THR A 352 -30.40 7.48 -34.54
CA THR A 352 -31.36 6.94 -33.59
C THR A 352 -31.84 8.02 -32.63
N ASN A 353 -30.92 8.85 -32.16
CA ASN A 353 -31.28 9.93 -31.24
C ASN A 353 -32.19 10.91 -31.96
N ALA A 354 -31.92 11.13 -33.24
CA ALA A 354 -32.72 12.05 -34.05
C ALA A 354 -34.14 11.51 -34.11
N ILE A 355 -34.26 10.20 -34.25
CA ILE A 355 -35.56 9.54 -34.31
C ILE A 355 -36.27 9.67 -32.98
N LYS A 356 -35.52 9.42 -31.89
CA LYS A 356 -36.07 9.51 -30.55
C LYS A 356 -36.60 10.91 -30.30
N ASP A 357 -35.79 11.92 -30.61
CA ASP A 357 -36.19 13.31 -30.42
C ASP A 357 -37.47 13.63 -31.19
N ALA A 358 -37.52 13.22 -32.45
CA ALA A 358 -38.68 13.47 -33.29
C ALA A 358 -39.94 12.84 -32.73
N LEU A 359 -39.82 11.65 -32.15
CA LEU A 359 -40.97 10.96 -31.57
C LEU A 359 -41.55 11.72 -30.37
N ALA A 360 -40.69 12.36 -29.59
CA ALA A 360 -41.11 13.11 -28.42
C ALA A 360 -41.58 14.52 -28.75
N ALA A 361 -41.15 15.03 -29.90
CA ALA A 361 -41.50 16.38 -30.35
C ALA A 361 -42.99 16.67 -30.52
N THR A 362 -43.29 17.95 -30.77
CA THR A 362 -44.64 18.45 -30.98
C THR A 362 -45.45 18.46 -29.68
N TYR B 1 -26.04 30.93 -0.29
CA TYR B 1 -25.15 30.88 0.90
C TYR B 1 -23.89 30.07 0.63
N LYS B 2 -22.81 30.42 1.34
CA LYS B 2 -21.55 29.69 1.19
C LYS B 2 -21.59 28.49 2.12
N LEU B 3 -21.03 27.37 1.68
CA LEU B 3 -20.97 26.17 2.50
C LEU B 3 -19.50 25.73 2.47
N VAL B 4 -18.71 26.33 3.35
CA VAL B 4 -17.29 26.03 3.45
C VAL B 4 -17.04 24.73 4.20
N CYS B 5 -16.42 23.77 3.52
CA CYS B 5 -16.13 22.48 4.12
C CYS B 5 -14.65 22.16 4.16
N TYR B 6 -14.20 21.70 5.31
CA TYR B 6 -12.81 21.33 5.51
C TYR B 6 -12.55 19.85 5.26
N TYR B 7 -11.36 19.55 4.76
CA TYR B 7 -10.93 18.19 4.52
C TYR B 7 -9.54 18.13 5.13
N THR B 8 -9.28 17.12 5.94
CA THR B 8 -7.98 16.98 6.59
C THR B 8 -7.10 15.96 5.88
N SER B 9 -5.84 16.34 5.68
CA SER B 9 -4.88 15.49 4.99
C SER B 9 -4.51 14.22 5.75
N TRP B 10 -4.80 14.17 7.05
CA TRP B 10 -4.47 13.00 7.86
C TRP B 10 -5.56 11.94 7.97
N SER B 11 -6.74 12.20 7.41
CA SER B 11 -7.83 11.23 7.49
C SER B 11 -7.56 10.03 6.58
N GLN B 12 -6.63 10.20 5.66
CA GLN B 12 -6.28 9.15 4.71
C GLN B 12 -5.66 7.94 5.42
N TYR B 13 -5.01 8.19 6.55
CA TYR B 13 -4.34 7.14 7.32
C TYR B 13 -5.21 6.35 8.28
N ARG B 14 -6.52 6.62 8.30
CA ARG B 14 -7.39 5.90 9.21
C ARG B 14 -7.74 4.48 8.77
N GLU B 15 -7.69 3.56 9.73
CA GLU B 15 -7.99 2.16 9.49
C GLU B 15 -9.26 1.93 8.66
N GLY B 16 -9.25 0.86 7.89
CA GLY B 16 -10.39 0.49 7.07
C GLY B 16 -11.24 1.61 6.50
N ASP B 17 -12.54 1.56 6.80
CA ASP B 17 -13.49 2.55 6.30
C ASP B 17 -13.26 3.95 6.84
N GLY B 18 -12.35 4.09 7.80
CA GLY B 18 -12.07 5.39 8.37
C GLY B 18 -11.25 6.22 7.39
N SER B 19 -10.48 5.53 6.55
CA SER B 19 -9.63 6.18 5.57
C SER B 19 -10.45 6.99 4.57
N CYS B 20 -10.09 8.25 4.42
CA CYS B 20 -10.80 9.13 3.50
C CYS B 20 -9.86 9.92 2.59
N PHE B 21 -10.06 9.77 1.29
CA PHE B 21 -9.25 10.48 0.31
C PHE B 21 -10.14 11.50 -0.41
N PRO B 22 -9.55 12.58 -0.94
CA PRO B 22 -10.28 13.64 -1.64
C PRO B 22 -11.27 13.18 -2.70
N ASP B 23 -10.96 12.08 -3.37
CA ASP B 23 -11.84 11.56 -4.42
C ASP B 23 -13.13 10.94 -3.86
N ALA B 24 -13.20 10.83 -2.54
CA ALA B 24 -14.38 10.26 -1.89
C ALA B 24 -15.34 11.40 -1.55
N LEU B 25 -14.94 12.63 -1.85
CA LEU B 25 -15.74 13.81 -1.56
C LEU B 25 -16.73 14.15 -2.68
N ASP B 26 -17.96 14.50 -2.29
CA ASP B 26 -19.01 14.87 -3.23
C ASP B 26 -18.71 16.27 -3.76
N ARG B 27 -18.41 16.36 -5.06
CA ARG B 27 -18.08 17.65 -5.66
C ARG B 27 -19.20 18.68 -5.65
N PHE B 28 -20.44 18.23 -5.44
CA PHE B 28 -21.59 19.13 -5.42
C PHE B 28 -22.11 19.47 -4.03
N LEU B 29 -21.55 18.82 -3.01
CA LEU B 29 -21.97 19.02 -1.63
C LEU B 29 -21.74 20.43 -1.10
N CYS B 30 -20.49 20.91 -1.19
CA CYS B 30 -20.14 22.23 -0.69
C CYS B 30 -19.85 23.24 -1.78
N THR B 31 -19.71 24.51 -1.39
CA THR B 31 -19.41 25.59 -2.31
C THR B 31 -17.91 25.84 -2.29
N HIS B 32 -17.31 25.59 -1.12
CA HIS B 32 -15.88 25.77 -0.91
C HIS B 32 -15.34 24.59 -0.12
N ILE B 33 -14.28 23.95 -0.61
CA ILE B 33 -13.66 22.85 0.11
C ILE B 33 -12.25 23.31 0.46
N ILE B 34 -11.95 23.38 1.75
CA ILE B 34 -10.63 23.82 2.18
C ILE B 34 -9.77 22.65 2.64
N TYR B 35 -8.54 22.61 2.12
CA TYR B 35 -7.58 21.56 2.43
C TYR B 35 -6.78 21.95 3.67
N SER B 36 -6.71 21.03 4.63
CA SER B 36 -5.98 21.30 5.88
C SER B 36 -4.96 20.19 6.17
N PHE B 37 -3.71 20.57 6.42
CA PHE B 37 -3.24 21.95 6.43
C PHE B 37 -1.94 22.03 5.65
N ALA B 38 -1.52 23.25 5.32
CA ALA B 38 -0.27 23.45 4.61
C ALA B 38 0.76 23.79 5.68
N ASN B 39 2.03 23.52 5.39
CA ASN B 39 3.09 23.80 6.35
C ASN B 39 3.83 25.07 5.97
N ILE B 40 4.80 25.46 6.78
CA ILE B 40 5.59 26.65 6.50
C ILE B 40 7.06 26.40 6.80
N SER B 41 7.86 26.24 5.75
CA SER B 41 9.30 26.00 5.89
C SER B 41 10.10 27.09 5.21
N ASN B 42 11.08 27.63 5.92
CA ASN B 42 11.93 28.68 5.39
C ASN B 42 11.10 29.89 5.01
N ASP B 43 10.06 30.15 5.78
CA ASP B 43 9.16 31.28 5.54
C ASP B 43 8.40 31.13 4.22
N HIS B 44 8.32 29.90 3.73
CA HIS B 44 7.62 29.60 2.49
C HIS B 44 6.46 28.64 2.78
N ILE B 45 5.33 28.85 2.12
CA ILE B 45 4.21 27.93 2.32
C ILE B 45 4.71 26.67 1.62
N ASP B 46 4.44 25.50 2.21
CA ASP B 46 4.93 24.27 1.62
C ASP B 46 4.03 23.08 1.99
N THR B 47 4.24 21.95 1.30
CA THR B 47 3.44 20.76 1.57
C THR B 47 3.71 20.26 2.99
N TRP B 48 2.81 19.41 3.48
CA TRP B 48 2.92 18.85 4.82
C TRP B 48 3.07 17.34 4.73
N GLU B 49 2.10 16.71 4.09
CA GLU B 49 2.09 15.27 3.91
C GLU B 49 2.97 14.92 2.72
N TRP B 50 3.53 13.72 2.73
CA TRP B 50 4.40 13.27 1.65
C TRP B 50 3.69 13.23 0.30
N ASN B 51 2.40 12.92 0.32
CA ASN B 51 1.63 12.83 -0.92
C ASN B 51 0.64 13.97 -1.14
N ASP B 52 0.87 15.11 -0.49
CA ASP B 52 -0.02 16.26 -0.65
C ASP B 52 -0.29 16.65 -2.09
N VAL B 53 0.78 16.79 -2.89
CA VAL B 53 0.64 17.17 -4.28
C VAL B 53 -0.38 16.28 -4.99
N THR B 54 -0.35 14.99 -4.69
CA THR B 54 -1.29 14.06 -5.30
C THR B 54 -2.69 14.31 -4.80
N LEU B 55 -2.84 14.50 -3.49
CA LEU B 55 -4.14 14.76 -2.91
C LEU B 55 -4.68 16.12 -3.34
N TYR B 56 -3.79 17.08 -3.54
CA TYR B 56 -4.20 18.41 -3.98
C TYR B 56 -4.95 18.21 -5.29
N GLY B 57 -4.28 17.58 -6.24
CA GLY B 57 -4.87 17.32 -7.53
C GLY B 57 -6.13 16.47 -7.43
N MET B 58 -6.09 15.49 -6.54
CA MET B 58 -7.23 14.61 -6.35
C MET B 58 -8.44 15.41 -5.91
N LEU B 59 -8.18 16.49 -5.17
CA LEU B 59 -9.24 17.37 -4.67
C LEU B 59 -9.70 18.35 -5.75
N ASN B 60 -8.74 19.00 -6.39
CA ASN B 60 -9.05 19.96 -7.44
C ASN B 60 -9.67 19.35 -8.70
N THR B 61 -9.65 18.03 -8.79
CA THR B 61 -10.23 17.34 -9.95
C THR B 61 -11.75 17.42 -9.81
N LEU B 62 -12.20 17.56 -8.56
CA LEU B 62 -13.61 17.65 -8.27
C LEU B 62 -14.22 18.86 -8.96
N LYS B 63 -13.37 19.81 -9.33
CA LYS B 63 -13.81 21.04 -9.99
C LYS B 63 -14.11 20.85 -11.48
N ASN B 64 -13.69 19.73 -12.05
CA ASN B 64 -13.93 19.47 -13.46
C ASN B 64 -15.41 19.46 -13.81
N ARG B 65 -16.17 18.58 -13.15
CA ARG B 65 -17.59 18.44 -13.41
C ARG B 65 -18.42 19.48 -12.66
N ASN B 66 -17.77 20.27 -11.81
CA ASN B 66 -18.47 21.30 -11.03
C ASN B 66 -17.64 22.59 -11.02
N PRO B 67 -17.74 23.38 -12.08
CA PRO B 67 -17.03 24.65 -12.27
C PRO B 67 -17.20 25.68 -11.14
N ASN B 68 -18.33 25.64 -10.45
CA ASN B 68 -18.60 26.57 -9.36
C ASN B 68 -17.83 26.30 -8.08
N LEU B 69 -17.49 25.03 -7.85
CA LEU B 69 -16.77 24.63 -6.66
C LEU B 69 -15.46 25.42 -6.51
N LYS B 70 -15.28 26.04 -5.34
CA LYS B 70 -14.06 26.79 -5.07
C LYS B 70 -13.19 26.01 -4.10
N THR B 71 -11.88 26.15 -4.25
CA THR B 71 -10.95 25.43 -3.39
C THR B 71 -9.93 26.35 -2.71
N LEU B 72 -9.63 26.07 -1.46
CA LEU B 72 -8.66 26.86 -0.71
C LEU B 72 -7.70 25.96 0.07
N LEU B 73 -6.50 26.46 0.30
CA LEU B 73 -5.49 25.74 1.05
C LEU B 73 -5.33 26.45 2.38
N SER B 74 -5.61 25.76 3.47
CA SER B 74 -5.50 26.36 4.79
C SER B 74 -4.13 26.11 5.41
N VAL B 75 -3.57 27.15 6.02
CA VAL B 75 -2.27 27.03 6.64
C VAL B 75 -2.42 27.31 8.14
N GLY B 76 -1.87 26.42 8.95
CA GLY B 76 -1.96 26.58 10.39
C GLY B 76 -2.59 25.37 11.06
N GLY B 77 -3.71 25.60 11.75
CA GLY B 77 -4.36 24.50 12.44
C GLY B 77 -3.91 24.48 13.90
N TRP B 78 -4.60 23.71 14.72
CA TRP B 78 -4.27 23.63 16.13
C TRP B 78 -2.89 23.05 16.44
N ASN B 79 -2.54 21.93 15.82
CA ASN B 79 -1.24 21.31 16.06
C ASN B 79 -0.07 22.03 15.41
N PHE B 80 -0.33 23.19 14.80
CA PHE B 80 0.72 23.96 14.16
C PHE B 80 1.54 24.72 15.20
N GLY B 81 0.85 25.34 16.14
CA GLY B 81 1.53 26.10 17.18
C GLY B 81 1.70 27.56 16.81
N SER B 82 1.13 28.44 17.62
CA SER B 82 1.21 29.88 17.39
C SER B 82 2.65 30.38 17.30
N GLN B 83 3.56 29.67 17.95
CA GLN B 83 4.97 30.05 17.95
C GLN B 83 5.57 30.27 16.57
N ARG B 84 5.41 29.27 15.70
CA ARG B 84 5.95 29.34 14.35
C ARG B 84 5.32 30.49 13.56
N PHE B 85 3.99 30.60 13.64
CA PHE B 85 3.26 31.65 12.94
C PHE B 85 3.72 33.05 13.37
N SER B 86 3.90 33.22 14.67
CA SER B 86 4.32 34.51 15.22
C SER B 86 5.63 35.01 14.63
N LYS B 87 6.66 34.18 14.66
CA LYS B 87 7.97 34.56 14.13
C LYS B 87 7.93 34.99 12.66
N ILE B 88 7.01 34.41 11.90
CA ILE B 88 6.89 34.72 10.47
C ILE B 88 6.14 36.02 10.21
N ALA B 89 5.05 36.24 10.95
CA ALA B 89 4.25 37.44 10.77
C ALA B 89 4.84 38.62 11.54
N SER B 90 5.71 38.31 12.49
CA SER B 90 6.35 39.35 13.30
C SER B 90 7.55 39.97 12.59
N ASN B 91 8.38 39.13 11.98
CA ASN B 91 9.56 39.59 11.27
C ASN B 91 9.17 40.12 9.89
N THR B 92 9.50 41.39 9.64
CA THR B 92 9.16 42.04 8.38
C THR B 92 9.67 41.32 7.13
N GLN B 93 10.84 40.69 7.22
CA GLN B 93 11.41 39.98 6.08
C GLN B 93 10.67 38.68 5.80
N SER B 94 10.45 37.89 6.86
CA SER B 94 9.76 36.61 6.74
C SER B 94 8.33 36.78 6.25
N ARG B 95 7.67 37.84 6.69
CA ARG B 95 6.30 38.08 6.27
C ARG B 95 6.26 38.25 4.76
N ARG B 96 7.21 39.01 4.23
CA ARG B 96 7.30 39.23 2.79
C ARG B 96 7.55 37.92 2.05
N THR B 97 8.57 37.20 2.50
CA THR B 97 8.92 35.92 1.88
C THR B 97 7.68 35.04 1.82
N PHE B 98 7.03 34.87 2.97
CA PHE B 98 5.82 34.06 3.09
C PHE B 98 4.73 34.49 2.11
N ILE B 99 4.34 35.77 2.19
CA ILE B 99 3.31 36.30 1.32
C ILE B 99 3.63 36.08 -0.16
N LYS B 100 4.86 36.41 -0.55
CA LYS B 100 5.28 36.26 -1.94
C LYS B 100 5.18 34.80 -2.43
N SER B 101 5.49 33.86 -1.54
CA SER B 101 5.47 32.45 -1.89
C SER B 101 4.08 31.82 -2.04
N VAL B 102 3.05 32.46 -1.49
CA VAL B 102 1.70 31.92 -1.54
C VAL B 102 1.02 31.86 -2.92
N PRO B 103 0.94 33.00 -3.63
CA PRO B 103 0.30 32.96 -4.94
C PRO B 103 0.84 31.89 -5.89
N PRO B 104 2.17 31.85 -6.10
CA PRO B 104 2.74 30.84 -7.00
C PRO B 104 2.32 29.43 -6.59
N PHE B 105 2.50 29.14 -5.31
CA PHE B 105 2.17 27.83 -4.75
C PHE B 105 0.72 27.44 -5.01
N LEU B 106 -0.18 28.40 -4.87
CA LEU B 106 -1.60 28.14 -5.09
C LEU B 106 -1.93 27.91 -6.57
N ARG B 107 -1.35 28.73 -7.44
CA ARG B 107 -1.59 28.59 -8.88
C ARG B 107 -0.98 27.28 -9.37
N THR B 108 0.22 26.99 -8.88
CA THR B 108 0.93 25.78 -9.25
C THR B 108 0.12 24.53 -8.91
N HIS B 109 -0.61 24.56 -7.80
CA HIS B 109 -1.37 23.39 -7.39
C HIS B 109 -2.89 23.43 -7.59
N GLY B 110 -3.37 24.45 -8.29
CA GLY B 110 -4.79 24.55 -8.57
C GLY B 110 -5.73 25.02 -7.48
N PHE B 111 -5.23 25.81 -6.53
CA PHE B 111 -6.07 26.32 -5.46
C PHE B 111 -6.62 27.70 -5.80
N ASP B 112 -7.82 28.00 -5.30
CA ASP B 112 -8.46 29.29 -5.56
C ASP B 112 -8.17 30.33 -4.49
N GLY B 113 -7.59 29.90 -3.37
CA GLY B 113 -7.28 30.84 -2.31
C GLY B 113 -6.60 30.25 -1.10
N LEU B 114 -6.27 31.12 -0.15
CA LEU B 114 -5.60 30.70 1.08
C LEU B 114 -6.50 30.93 2.29
N ASP B 115 -6.43 30.01 3.25
CA ASP B 115 -7.19 30.14 4.48
C ASP B 115 -6.20 30.18 5.63
N LEU B 116 -6.22 31.28 6.39
CA LEU B 116 -5.31 31.44 7.52
C LEU B 116 -5.95 30.87 8.79
N ALA B 117 -5.32 29.87 9.37
CA ALA B 117 -5.81 29.23 10.58
C ALA B 117 -4.74 29.32 11.66
N TRP B 118 -4.45 30.54 12.08
CA TRP B 118 -3.43 30.80 13.11
C TRP B 118 -4.10 30.78 14.48
N LEU B 119 -3.89 29.70 15.23
CA LEU B 119 -4.49 29.57 16.55
C LEU B 119 -3.44 29.63 17.67
N TYR B 120 -3.26 30.80 18.27
CA TYR B 120 -3.95 32.03 17.92
C TYR B 120 -2.97 33.16 18.19
N PRO B 121 -3.18 34.32 17.54
CA PRO B 121 -2.25 35.41 17.80
C PRO B 121 -2.37 35.78 19.26
N GLY B 122 -1.27 35.99 19.96
CA GLY B 122 -1.39 36.37 21.35
C GLY B 122 -1.82 37.82 21.40
N ARG B 123 -1.89 38.40 22.59
CA ARG B 123 -2.25 39.80 22.69
C ARG B 123 -1.05 40.52 22.06
N ARG B 124 0.08 39.81 22.05
CA ARG B 124 1.33 40.31 21.51
C ARG B 124 1.43 40.25 19.99
N ASP B 125 0.46 39.63 19.33
CA ASP B 125 0.48 39.53 17.87
C ASP B 125 -0.79 40.08 17.21
N LYS B 126 -1.68 40.64 18.03
CA LYS B 126 -2.93 41.17 17.52
C LYS B 126 -2.73 42.06 16.28
N GLN B 127 -1.75 42.95 16.34
CA GLN B 127 -1.49 43.84 15.22
C GLN B 127 -0.77 43.15 14.07
N HIS B 128 0.18 42.29 14.39
CA HIS B 128 0.91 41.56 13.36
C HIS B 128 -0.06 40.75 12.51
N PHE B 129 -1.09 40.19 13.16
CA PHE B 129 -2.09 39.39 12.48
C PHE B 129 -2.85 40.27 11.49
N THR B 130 -3.11 41.51 11.88
CA THR B 130 -3.81 42.46 11.02
C THR B 130 -2.94 42.80 9.81
N THR B 131 -1.67 43.07 10.07
CA THR B 131 -0.73 43.42 9.01
C THR B 131 -0.61 42.27 8.01
N LEU B 132 -0.46 41.06 8.53
CA LEU B 132 -0.34 39.86 7.71
C LEU B 132 -1.51 39.75 6.74
N ILE B 133 -2.73 39.82 7.29
CA ILE B 133 -3.94 39.72 6.47
C ILE B 133 -4.03 40.86 5.46
N LYS B 134 -3.70 42.07 5.91
CA LYS B 134 -3.74 43.25 5.08
C LYS B 134 -2.81 43.13 3.87
N GLU B 135 -1.58 42.73 4.11
CA GLU B 135 -0.59 42.57 3.05
C GLU B 135 -0.86 41.37 2.14
N MET B 136 -1.35 40.27 2.73
CA MET B 136 -1.64 39.07 1.96
C MET B 136 -2.69 39.38 0.90
N LYS B 137 -3.68 40.18 1.28
CA LYS B 137 -4.75 40.57 0.36
C LYS B 137 -4.17 41.50 -0.70
N ALA B 138 -3.22 42.33 -0.28
CA ALA B 138 -2.56 43.27 -1.18
C ALA B 138 -1.88 42.48 -2.29
N GLU B 139 -1.11 41.46 -1.89
CA GLU B 139 -0.38 40.62 -2.83
C GLU B 139 -1.33 39.92 -3.78
N PHE B 140 -2.40 39.34 -3.25
CA PHE B 140 -3.39 38.64 -4.06
C PHE B 140 -3.97 39.56 -5.12
N ILE B 141 -4.26 40.80 -4.72
CA ILE B 141 -4.81 41.79 -5.63
C ILE B 141 -3.80 42.09 -6.74
N LYS B 142 -2.56 42.28 -6.34
CA LYS B 142 -1.47 42.57 -7.28
C LYS B 142 -1.33 41.42 -8.29
N GLU B 143 -1.26 40.20 -7.77
CA GLU B 143 -1.11 39.01 -8.60
C GLU B 143 -2.20 38.84 -9.65
N ALA B 144 -3.36 39.45 -9.42
CA ALA B 144 -4.46 39.35 -10.36
C ALA B 144 -4.76 40.66 -11.10
N GLN B 145 -3.99 41.70 -10.78
CA GLN B 145 -4.16 43.01 -11.41
C GLN B 145 -4.37 42.96 -12.92
N PRO B 146 -3.58 42.14 -13.64
CA PRO B 146 -3.71 42.03 -15.09
C PRO B 146 -5.04 41.48 -15.61
N GLY B 147 -5.82 40.85 -14.73
CA GLY B 147 -7.10 40.32 -15.16
C GLY B 147 -7.44 38.90 -14.75
N LYS B 148 -6.67 38.34 -13.82
CA LYS B 148 -6.92 36.99 -13.35
C LYS B 148 -8.08 36.97 -12.35
N LYS B 149 -8.57 35.77 -12.06
CA LYS B 149 -9.63 35.60 -11.09
C LYS B 149 -8.91 35.66 -9.75
N GLN B 150 -9.04 36.79 -9.06
CA GLN B 150 -8.36 37.01 -7.79
C GLN B 150 -8.46 35.89 -6.77
N LEU B 151 -7.32 35.56 -6.17
CA LEU B 151 -7.24 34.51 -5.17
C LEU B 151 -8.01 34.95 -3.93
N LEU B 152 -8.72 34.00 -3.31
CA LEU B 152 -9.49 34.29 -2.11
C LEU B 152 -8.66 34.22 -0.84
N LEU B 153 -9.03 35.03 0.15
CA LEU B 153 -8.34 35.05 1.42
C LEU B 153 -9.36 34.95 2.55
N SER B 154 -9.26 33.88 3.33
CA SER B 154 -10.19 33.67 4.43
C SER B 154 -9.42 33.37 5.72
N ALA B 155 -10.14 33.38 6.83
CA ALA B 155 -9.52 33.13 8.12
C ALA B 155 -10.45 32.37 9.05
N ALA B 156 -9.92 31.34 9.70
CA ALA B 156 -10.68 30.54 10.65
C ALA B 156 -10.37 31.18 12.00
N LEU B 157 -11.39 31.77 12.63
CA LEU B 157 -11.18 32.44 13.91
C LEU B 157 -11.78 31.72 15.11
N SER B 158 -11.18 31.96 16.28
CA SER B 158 -11.64 31.35 17.52
C SER B 158 -13.01 31.91 17.83
N ALA B 159 -13.83 31.12 18.52
CA ALA B 159 -15.17 31.55 18.89
C ALA B 159 -15.23 31.91 20.37
N GLY B 160 -14.09 31.82 21.05
CA GLY B 160 -14.02 32.12 22.47
C GLY B 160 -13.77 33.61 22.70
N LYS B 161 -14.61 34.21 23.53
CA LYS B 161 -14.49 35.64 23.82
C LYS B 161 -13.11 36.09 24.25
N VAL B 162 -12.52 35.42 25.23
CA VAL B 162 -11.20 35.80 25.71
C VAL B 162 -10.19 35.83 24.56
N THR B 163 -10.15 34.75 23.78
CA THR B 163 -9.22 34.67 22.67
C THR B 163 -9.52 35.74 21.63
N ILE B 164 -10.80 35.98 21.36
CA ILE B 164 -11.20 36.97 20.38
C ILE B 164 -10.74 38.37 20.81
N ASP B 165 -10.91 38.68 22.09
CA ASP B 165 -10.52 39.97 22.61
C ASP B 165 -9.02 40.26 22.58
N SER B 166 -8.20 39.22 22.79
CA SER B 166 -6.75 39.41 22.81
C SER B 166 -6.04 39.15 21.48
N SER B 167 -6.69 38.43 20.57
CA SER B 167 -6.06 38.10 19.30
C SER B 167 -6.51 38.89 18.08
N TYR B 168 -7.81 39.14 17.96
CA TYR B 168 -8.32 39.82 16.78
C TYR B 168 -8.81 41.27 16.85
N ASP B 169 -8.62 41.96 15.74
CA ASP B 169 -9.08 43.33 15.56
C ASP B 169 -10.12 43.13 14.47
N ILE B 170 -11.22 42.50 14.85
CA ILE B 170 -12.31 42.16 13.94
C ILE B 170 -12.68 43.21 12.89
N ALA B 171 -12.90 44.44 13.32
CA ALA B 171 -13.27 45.51 12.39
C ALA B 171 -12.25 45.71 11.29
N LYS B 172 -10.97 45.76 11.67
CA LYS B 172 -9.90 45.98 10.71
C LYS B 172 -9.71 44.85 9.69
N ILE B 173 -9.54 43.62 10.16
CA ILE B 173 -9.33 42.48 9.27
C ILE B 173 -10.52 42.07 8.42
N SER B 174 -11.73 42.46 8.83
CA SER B 174 -12.93 42.11 8.08
C SER B 174 -12.98 42.73 6.69
N GLN B 175 -12.30 43.87 6.54
CA GLN B 175 -12.26 44.58 5.27
C GLN B 175 -11.44 43.79 4.24
N HIS B 176 -10.32 43.24 4.70
CA HIS B 176 -9.41 42.50 3.84
C HIS B 176 -9.75 41.04 3.57
N LEU B 177 -10.49 40.41 4.48
CA LEU B 177 -10.86 39.01 4.30
C LEU B 177 -12.11 38.88 3.42
N ASP B 178 -12.14 37.84 2.59
CA ASP B 178 -13.29 37.62 1.73
C ASP B 178 -14.40 36.97 2.54
N PHE B 179 -14.02 36.27 3.60
CA PHE B 179 -14.98 35.65 4.50
C PHE B 179 -14.30 35.08 5.73
N ILE B 180 -15.03 35.11 6.84
CA ILE B 180 -14.52 34.62 8.12
C ILE B 180 -15.29 33.42 8.62
N SER B 181 -14.57 32.35 8.98
CA SER B 181 -15.19 31.16 9.51
C SER B 181 -14.97 31.19 11.01
N ILE B 182 -16.05 31.36 11.76
CA ILE B 182 -15.95 31.38 13.22
C ILE B 182 -16.13 29.96 13.75
N MET B 183 -15.11 29.49 14.44
CA MET B 183 -15.10 28.14 14.99
C MET B 183 -15.99 27.95 16.22
N THR B 184 -17.30 28.02 15.99
CA THR B 184 -18.28 27.88 17.05
C THR B 184 -18.49 26.45 17.56
N TYR B 185 -17.43 25.91 18.16
CA TYR B 185 -17.44 24.57 18.75
C TYR B 185 -16.26 24.51 19.70
N ASP B 186 -15.99 23.37 20.31
CA ASP B 186 -14.89 23.25 21.27
C ASP B 186 -15.13 24.22 22.42
N PHE B 187 -16.39 24.42 22.78
CA PHE B 187 -16.75 25.33 23.86
C PHE B 187 -16.64 24.73 25.26
N HIS B 188 -16.67 23.41 25.38
CA HIS B 188 -16.59 22.77 26.70
C HIS B 188 -15.52 21.68 26.74
N GLY B 189 -14.48 21.89 27.56
CA GLY B 189 -13.40 20.92 27.63
C GLY B 189 -13.39 20.01 28.86
N ALA B 190 -12.73 18.86 28.72
CA ALA B 190 -12.63 17.89 29.80
C ALA B 190 -12.04 18.48 31.08
N TRP B 191 -11.29 19.57 30.95
CA TRP B 191 -10.67 20.19 32.11
C TRP B 191 -11.71 20.69 33.11
N ARG B 192 -12.85 21.14 32.60
CA ARG B 192 -13.93 21.67 33.42
C ARG B 192 -14.41 20.66 34.44
N GLY B 193 -14.21 19.37 34.16
CA GLY B 193 -14.62 18.35 35.10
C GLY B 193 -16.08 17.95 35.12
N THR B 194 -16.85 18.45 34.16
CA THR B 194 -18.28 18.12 34.09
C THR B 194 -18.71 17.92 32.64
N THR B 195 -19.82 17.22 32.43
CA THR B 195 -20.30 17.01 31.07
C THR B 195 -20.84 18.32 30.57
N GLY B 196 -20.65 18.58 29.29
CA GLY B 196 -21.14 19.80 28.69
C GLY B 196 -21.02 19.72 27.18
N HIS B 197 -22.03 20.20 26.47
CA HIS B 197 -22.01 20.17 25.02
C HIS B 197 -21.00 21.19 24.54
N HIS B 198 -20.09 20.77 23.67
CA HIS B 198 -19.05 21.66 23.16
C HIS B 198 -19.50 22.61 22.05
N SER B 199 -20.73 22.46 21.58
CA SER B 199 -21.23 23.33 20.53
C SER B 199 -22.72 23.64 20.62
N PRO B 200 -23.16 24.23 21.75
CA PRO B 200 -24.57 24.55 21.91
C PRO B 200 -24.92 25.77 21.07
N LEU B 201 -26.16 25.86 20.61
CA LEU B 201 -26.58 26.99 19.80
C LEU B 201 -26.80 28.20 20.70
N PHE B 202 -27.52 28.00 21.80
CA PHE B 202 -27.76 29.07 22.76
C PHE B 202 -27.25 28.64 24.12
N ARG B 203 -27.25 29.56 25.09
CA ARG B 203 -26.77 29.24 26.42
C ARG B 203 -27.62 28.18 27.08
N GLY B 204 -28.94 28.30 26.96
CA GLY B 204 -29.83 27.33 27.57
C GLY B 204 -30.04 27.65 29.05
N GLN B 205 -30.46 26.64 29.82
CA GLN B 205 -30.71 26.82 31.24
C GLN B 205 -29.58 27.63 31.90
N GLU B 206 -29.90 28.83 32.34
CA GLU B 206 -28.90 29.69 32.96
C GLU B 206 -28.14 29.07 34.15
N ASP B 207 -28.81 28.19 34.90
CA ASP B 207 -28.21 27.55 36.06
C ASP B 207 -27.18 26.46 35.71
N ALA B 208 -27.38 25.80 34.57
CA ALA B 208 -26.53 24.71 34.15
C ALA B 208 -25.22 25.02 33.41
N SER B 209 -25.00 26.28 33.02
CA SER B 209 -23.78 26.60 32.30
C SER B 209 -22.82 27.56 33.00
N PRO B 210 -21.53 27.18 33.04
CA PRO B 210 -20.42 27.93 33.66
C PRO B 210 -20.20 29.27 32.99
N ASP B 211 -19.82 29.22 31.72
CA ASP B 211 -19.54 30.41 30.94
C ASP B 211 -20.82 31.04 30.40
N ARG B 212 -20.79 32.36 30.26
CA ARG B 212 -21.94 33.10 29.74
C ARG B 212 -21.79 33.20 28.22
N PHE B 213 -20.57 33.01 27.73
CA PHE B 213 -20.30 33.14 26.31
C PHE B 213 -19.92 31.86 25.55
N SER B 214 -19.61 30.79 26.27
CA SER B 214 -19.19 29.57 25.61
C SER B 214 -20.31 28.85 24.84
N ASN B 215 -20.83 29.52 23.82
CA ASN B 215 -21.89 28.96 22.98
C ASN B 215 -21.93 29.71 21.65
N THR B 216 -22.45 29.05 20.61
CA THR B 216 -22.52 29.63 19.27
C THR B 216 -23.21 30.99 19.21
N ASP B 217 -24.44 31.06 19.72
CA ASP B 217 -25.21 32.30 19.69
C ASP B 217 -24.44 33.50 20.21
N TYR B 218 -23.82 33.39 21.37
CA TYR B 218 -23.07 34.51 21.92
C TYR B 218 -21.96 34.97 20.98
N ALA B 219 -21.12 34.03 20.58
CA ALA B 219 -19.99 34.32 19.70
C ALA B 219 -20.42 35.05 18.41
N VAL B 220 -21.46 34.55 17.76
CA VAL B 220 -21.95 35.16 16.53
C VAL B 220 -22.37 36.60 16.80
N GLY B 221 -23.27 36.78 17.76
CA GLY B 221 -23.74 38.11 18.10
C GLY B 221 -22.63 39.05 18.49
N TYR B 222 -21.67 38.56 19.27
CA TYR B 222 -20.53 39.36 19.73
C TYR B 222 -19.55 39.70 18.60
N MET B 223 -19.39 38.78 17.66
CA MET B 223 -18.50 39.00 16.53
C MET B 223 -19.02 40.13 15.66
N LEU B 224 -20.32 40.11 15.40
CA LEU B 224 -20.98 41.14 14.59
C LEU B 224 -20.88 42.49 15.29
N ARG B 225 -20.96 42.44 16.62
CA ARG B 225 -20.88 43.65 17.45
C ARG B 225 -19.48 44.25 17.41
N LEU B 226 -18.52 43.49 16.91
CA LEU B 226 -17.15 43.98 16.82
C LEU B 226 -16.83 44.51 15.42
N GLY B 227 -17.82 44.43 14.53
CA GLY B 227 -17.62 44.94 13.18
C GLY B 227 -17.50 43.93 12.05
N ALA B 228 -17.82 42.67 12.32
CA ALA B 228 -17.72 41.66 11.27
C ALA B 228 -19.00 41.64 10.44
N PRO B 229 -18.91 42.11 9.18
CA PRO B 229 -20.10 42.13 8.32
C PRO B 229 -20.75 40.75 8.24
N ALA B 230 -22.05 40.71 8.47
CA ALA B 230 -22.78 39.45 8.42
C ALA B 230 -22.58 38.73 7.09
N SER B 231 -22.42 39.53 6.02
CA SER B 231 -22.22 38.98 4.69
C SER B 231 -20.86 38.29 4.55
N LYS B 232 -19.97 38.52 5.52
CA LYS B 232 -18.65 37.92 5.48
C LYS B 232 -18.43 36.91 6.62
N LEU B 233 -19.47 36.64 7.39
CA LEU B 233 -19.34 35.72 8.50
C LEU B 233 -19.94 34.35 8.22
N VAL B 234 -19.09 33.32 8.31
CA VAL B 234 -19.51 31.94 8.09
C VAL B 234 -19.49 31.28 9.47
N MET B 235 -20.60 30.65 9.84
CA MET B 235 -20.73 30.01 11.14
C MET B 235 -20.32 28.54 11.14
N GLY B 236 -19.33 28.21 11.97
CA GLY B 236 -18.85 26.84 12.04
C GLY B 236 -19.75 25.84 12.75
N ILE B 237 -19.93 24.68 12.12
CA ILE B 237 -20.74 23.60 12.67
C ILE B 237 -19.86 22.37 12.67
N PRO B 238 -19.76 21.67 13.82
CA PRO B 238 -18.92 20.47 13.93
C PRO B 238 -19.61 19.16 13.53
N THR B 239 -18.86 18.28 12.87
CA THR B 239 -19.39 16.99 12.47
C THR B 239 -18.75 15.93 13.37
N PHE B 240 -18.19 16.40 14.47
CA PHE B 240 -17.55 15.52 15.45
C PHE B 240 -18.10 15.90 16.82
N GLY B 241 -17.98 14.99 17.77
CA GLY B 241 -18.47 15.29 19.11
C GLY B 241 -17.37 15.24 20.13
N ARG B 242 -17.60 15.85 21.29
CA ARG B 242 -16.63 15.84 22.37
C ARG B 242 -17.18 14.88 23.42
N SER B 243 -16.36 13.91 23.81
CA SER B 243 -16.78 12.90 24.76
C SER B 243 -16.14 13.00 26.15
N PHE B 244 -16.80 12.38 27.11
CA PHE B 244 -16.34 12.37 28.50
C PHE B 244 -16.60 11.00 29.11
N THR B 245 -15.84 10.68 30.16
CA THR B 245 -16.01 9.43 30.89
C THR B 245 -16.69 9.80 32.21
N LEU B 246 -17.97 9.44 32.33
CA LEU B 246 -18.75 9.74 33.53
C LEU B 246 -18.10 9.15 34.78
N ALA B 247 -18.40 9.74 35.94
CA ALA B 247 -17.83 9.30 37.21
C ALA B 247 -18.88 8.82 38.20
N SER B 248 -20.15 9.00 37.87
CA SER B 248 -21.23 8.56 38.75
C SER B 248 -22.39 8.07 37.89
N SER B 249 -23.58 8.00 38.48
CA SER B 249 -24.76 7.55 37.75
C SER B 249 -25.44 8.74 37.08
N GLU B 250 -24.95 9.94 37.35
CA GLU B 250 -25.49 11.17 36.77
C GLU B 250 -25.09 11.24 35.31
N THR B 251 -26.07 11.48 34.43
CA THR B 251 -25.80 11.55 33.01
C THR B 251 -26.31 12.81 32.34
N GLY B 252 -26.79 13.77 33.13
CA GLY B 252 -27.28 15.01 32.56
C GLY B 252 -26.17 16.02 32.34
N VAL B 253 -26.55 17.21 31.88
CA VAL B 253 -25.57 18.26 31.65
C VAL B 253 -24.99 18.71 32.99
N GLY B 254 -23.66 18.71 33.09
CA GLY B 254 -23.04 19.13 34.32
C GLY B 254 -22.65 17.99 35.24
N ALA B 255 -22.96 16.76 34.83
CA ALA B 255 -22.63 15.58 35.62
C ALA B 255 -21.11 15.46 35.78
N PRO B 256 -20.64 14.79 36.84
CA PRO B 256 -19.22 14.61 37.13
C PRO B 256 -18.53 13.68 36.14
N ILE B 257 -17.30 14.00 35.78
CA ILE B 257 -16.54 13.17 34.84
C ILE B 257 -15.16 12.87 35.41
N SER B 258 -14.53 11.83 34.90
CA SER B 258 -13.20 11.43 35.35
C SER B 258 -12.15 11.79 34.30
N GLY B 259 -12.62 12.31 33.17
CA GLY B 259 -11.72 12.69 32.09
C GLY B 259 -12.37 12.57 30.73
N PRO B 260 -11.60 12.69 29.64
CA PRO B 260 -12.16 12.58 28.29
C PRO B 260 -12.74 11.19 28.03
N GLY B 261 -13.54 11.08 26.97
CA GLY B 261 -14.15 9.81 26.64
C GLY B 261 -13.18 8.83 26.03
N ILE B 262 -13.60 7.57 25.93
CA ILE B 262 -12.76 6.52 25.34
C ILE B 262 -12.59 6.84 23.86
N PRO B 263 -11.37 6.67 23.34
CA PRO B 263 -11.09 6.94 21.93
C PRO B 263 -11.96 6.15 20.96
N GLY B 264 -12.28 6.77 19.83
CA GLY B 264 -13.08 6.10 18.84
C GLY B 264 -12.21 5.10 18.11
N ARG B 265 -12.83 4.06 17.57
CA ARG B 265 -12.10 3.02 16.86
C ARG B 265 -11.29 3.56 15.68
N PHE B 266 -11.81 4.57 14.99
CA PHE B 266 -11.12 5.12 13.83
C PHE B 266 -10.34 6.41 14.04
N THR B 267 -10.86 7.31 14.86
CA THR B 267 -10.15 8.57 15.09
C THR B 267 -9.09 8.46 16.18
N LYS B 268 -9.20 7.40 16.99
CA LYS B 268 -8.24 7.13 18.07
C LYS B 268 -7.73 8.36 18.79
N GLU B 269 -8.64 9.14 19.37
CA GLU B 269 -8.27 10.35 20.10
C GLU B 269 -9.25 10.58 21.24
N ALA B 270 -8.77 10.36 22.47
CA ALA B 270 -9.60 10.54 23.66
C ALA B 270 -10.32 11.88 23.65
N GLY B 271 -11.62 11.84 23.92
CA GLY B 271 -12.41 13.06 23.94
C GLY B 271 -12.97 13.44 22.57
N THR B 272 -12.65 12.63 21.56
CA THR B 272 -13.12 12.90 20.21
C THR B 272 -13.81 11.69 19.56
N LEU B 273 -14.88 11.97 18.84
CA LEU B 273 -15.63 10.95 18.13
C LEU B 273 -16.15 11.56 16.84
N ALA B 274 -15.84 10.93 15.70
CA ALA B 274 -16.34 11.42 14.43
C ALA B 274 -17.83 11.13 14.42
N TYR B 275 -18.60 11.85 13.63
CA TYR B 275 -20.03 11.60 13.60
C TYR B 275 -20.34 10.15 13.27
N TYR B 276 -19.57 9.57 12.35
CA TYR B 276 -19.81 8.18 11.97
C TYR B 276 -19.49 7.22 13.12
N GLU B 277 -18.57 7.61 13.98
CA GLU B 277 -18.22 6.78 15.13
C GLU B 277 -19.36 6.92 16.15
N ILE B 278 -19.98 8.09 16.15
CA ILE B 278 -21.08 8.37 17.05
C ILE B 278 -22.30 7.55 16.68
N CYS B 279 -22.52 7.37 15.39
CA CYS B 279 -23.66 6.60 14.91
C CYS B 279 -23.58 5.17 15.45
N ASP B 280 -22.36 4.66 15.61
CA ASP B 280 -22.16 3.33 16.15
C ASP B 280 -22.55 3.41 17.62
N PHE B 281 -21.96 4.39 18.30
CA PHE B 281 -22.19 4.64 19.72
C PHE B 281 -23.69 4.70 20.02
N LEU B 282 -24.44 5.36 19.16
CA LEU B 282 -25.88 5.50 19.36
C LEU B 282 -26.60 4.16 19.47
N ARG B 283 -25.98 3.09 19.01
CA ARG B 283 -26.60 1.77 19.09
C ARG B 283 -26.66 1.35 20.56
N GLY B 284 -27.86 1.40 21.13
CA GLY B 284 -28.03 1.01 22.52
C GLY B 284 -27.78 2.15 23.48
N ALA B 285 -27.69 3.37 22.95
CA ALA B 285 -27.45 4.54 23.79
C ALA B 285 -28.70 5.40 23.84
N THR B 286 -28.78 6.28 24.83
CA THR B 286 -29.93 7.16 24.96
C THR B 286 -29.55 8.57 24.51
N VAL B 287 -30.38 9.16 23.66
CA VAL B 287 -30.14 10.50 23.14
C VAL B 287 -31.06 11.50 23.81
N HIS B 288 -30.48 12.59 24.31
CA HIS B 288 -31.24 13.62 24.98
C HIS B 288 -31.09 14.96 24.29
N ARG B 289 -32.22 15.61 24.03
CA ARG B 289 -32.21 16.93 23.41
C ARG B 289 -32.04 17.91 24.55
N ILE B 290 -31.01 18.75 24.48
CA ILE B 290 -30.79 19.73 25.53
C ILE B 290 -31.65 20.96 25.26
N LEU B 291 -32.76 21.10 25.98
CA LEU B 291 -33.64 22.25 25.80
C LEU B 291 -32.85 23.53 26.00
N GLY B 292 -33.16 24.54 25.22
CA GLY B 292 -32.46 25.80 25.37
C GLY B 292 -31.18 25.87 24.54
N GLN B 293 -30.45 24.76 24.47
CA GLN B 293 -29.22 24.72 23.70
C GLN B 293 -29.46 24.19 22.30
N GLN B 294 -30.61 23.53 22.10
CA GLN B 294 -30.99 23.01 20.80
C GLN B 294 -30.07 21.95 20.20
N VAL B 295 -29.29 21.28 21.05
CA VAL B 295 -28.38 20.24 20.57
C VAL B 295 -28.53 18.97 21.38
N PRO B 296 -28.13 17.82 20.79
CA PRO B 296 -28.27 16.57 21.52
C PRO B 296 -26.96 16.02 22.09
N TYR B 297 -27.10 15.13 23.06
CA TYR B 297 -25.97 14.45 23.66
C TYR B 297 -26.45 13.03 23.85
N ALA B 298 -25.55 12.08 23.67
CA ALA B 298 -25.91 10.68 23.83
C ALA B 298 -25.08 10.12 24.97
N THR B 299 -25.65 9.15 25.69
CA THR B 299 -24.94 8.54 26.79
C THR B 299 -25.23 7.06 26.83
N LYS B 300 -24.21 6.28 27.14
CA LYS B 300 -24.32 4.83 27.23
C LYS B 300 -23.19 4.39 28.16
N GLY B 301 -23.53 3.63 29.19
CA GLY B 301 -22.51 3.19 30.12
C GLY B 301 -21.86 4.40 30.76
N ASN B 302 -20.54 4.38 30.88
CA ASN B 302 -19.83 5.49 31.49
C ASN B 302 -19.32 6.50 30.45
N GLN B 303 -19.95 6.50 29.28
CA GLN B 303 -19.57 7.41 28.21
C GLN B 303 -20.66 8.44 27.94
N TRP B 304 -20.23 9.67 27.63
CA TRP B 304 -21.14 10.79 27.38
C TRP B 304 -20.54 11.59 26.24
N VAL B 305 -21.33 11.90 25.22
CA VAL B 305 -20.82 12.68 24.09
C VAL B 305 -21.80 13.72 23.57
N GLY B 306 -21.31 14.94 23.42
CA GLY B 306 -22.13 16.02 22.90
C GLY B 306 -21.78 16.20 21.43
N TYR B 307 -22.79 16.16 20.56
CA TYR B 307 -22.55 16.29 19.14
C TYR B 307 -23.70 16.98 18.42
N ASP B 308 -23.62 17.00 17.10
CA ASP B 308 -24.63 17.60 16.24
C ASP B 308 -25.17 16.54 15.29
N ASP B 309 -26.48 16.53 15.09
CA ASP B 309 -27.09 15.58 14.16
C ASP B 309 -27.90 16.38 13.15
N GLN B 310 -28.58 15.67 12.25
CA GLN B 310 -29.38 16.33 11.23
C GLN B 310 -30.35 17.35 11.81
N GLU B 311 -30.99 17.03 12.93
CA GLU B 311 -31.95 17.96 13.52
C GLU B 311 -31.31 19.23 14.06
N SER B 312 -30.20 19.09 14.78
CA SER B 312 -29.52 20.26 15.35
C SER B 312 -28.89 21.16 14.30
N VAL B 313 -28.20 20.59 13.31
CA VAL B 313 -27.57 21.40 12.28
C VAL B 313 -28.62 22.19 11.51
N LYS B 314 -29.81 21.62 11.41
CA LYS B 314 -30.93 22.25 10.71
C LYS B 314 -31.28 23.55 11.45
N SER B 315 -31.41 23.43 12.77
CA SER B 315 -31.74 24.59 13.61
C SER B 315 -30.65 25.63 13.48
N LYS B 316 -29.40 25.17 13.50
CA LYS B 316 -28.26 26.07 13.39
C LYS B 316 -28.26 26.84 12.07
N VAL B 317 -28.70 26.19 11.00
CA VAL B 317 -28.74 26.86 9.70
C VAL B 317 -29.83 27.92 9.80
N GLN B 318 -30.97 27.53 10.36
CA GLN B 318 -32.10 28.44 10.55
C GLN B 318 -31.59 29.70 11.22
N TYR B 319 -30.86 29.51 12.32
CA TYR B 319 -30.29 30.60 13.08
C TYR B 319 -29.41 31.52 12.23
N LEU B 320 -28.45 30.93 11.52
CA LEU B 320 -27.54 31.71 10.68
C LEU B 320 -28.27 32.48 9.59
N LYS B 321 -29.34 31.89 9.05
CA LYS B 321 -30.10 32.56 8.01
C LYS B 321 -30.88 33.72 8.63
N ASP B 322 -31.50 33.48 9.79
CA ASP B 322 -32.26 34.53 10.46
C ASP B 322 -31.30 35.68 10.78
N ARG B 323 -30.03 35.34 10.91
CA ARG B 323 -28.99 36.33 11.20
C ARG B 323 -28.41 36.93 9.93
N GLN B 324 -28.78 36.36 8.78
CA GLN B 324 -28.29 36.84 7.48
C GLN B 324 -26.77 36.76 7.37
N LEU B 325 -26.22 35.63 7.80
CA LEU B 325 -24.78 35.41 7.73
C LEU B 325 -24.40 34.87 6.34
N ALA B 326 -23.12 34.86 6.04
CA ALA B 326 -22.63 34.39 4.74
C ALA B 326 -22.95 32.91 4.49
N GLY B 327 -23.03 32.13 5.57
CA GLY B 327 -23.34 30.72 5.42
C GLY B 327 -22.75 29.90 6.55
N ALA B 328 -22.57 28.62 6.32
CA ALA B 328 -22.03 27.73 7.34
C ALA B 328 -20.68 27.16 6.95
N MET B 329 -19.89 26.79 7.96
CA MET B 329 -18.58 26.19 7.76
C MET B 329 -18.62 24.84 8.46
N VAL B 330 -18.07 23.82 7.82
CA VAL B 330 -18.07 22.49 8.39
C VAL B 330 -16.69 21.91 8.67
N TRP B 331 -16.53 21.38 9.89
CA TRP B 331 -15.28 20.73 10.28
C TRP B 331 -15.62 19.38 10.88
N ALA B 332 -15.35 18.31 10.16
CA ALA B 332 -14.76 18.37 8.82
C ALA B 332 -15.44 17.31 7.97
N LEU B 333 -15.29 17.42 6.66
CA LEU B 333 -15.91 16.47 5.74
C LEU B 333 -15.56 15.01 6.02
N ASP B 334 -14.34 14.78 6.49
CA ASP B 334 -13.87 13.43 6.79
C ASP B 334 -14.30 12.92 8.17
N LEU B 335 -15.08 13.72 8.89
CA LEU B 335 -15.56 13.33 10.20
C LEU B 335 -17.05 13.04 10.10
N ASP B 336 -17.65 13.51 9.02
CA ASP B 336 -19.06 13.28 8.75
C ASP B 336 -19.07 11.84 8.26
N ASP B 337 -20.24 11.25 8.07
CA ASP B 337 -20.29 9.87 7.58
C ASP B 337 -20.12 9.92 6.06
N PHE B 338 -18.88 10.06 5.61
CA PHE B 338 -18.60 10.14 4.17
C PHE B 338 -18.83 8.82 3.45
N GLN B 339 -18.74 7.71 4.18
CA GLN B 339 -18.97 6.40 3.59
C GLN B 339 -20.46 6.20 3.44
N GLY B 340 -21.22 6.82 4.35
CA GLY B 340 -22.67 6.69 4.32
C GLY B 340 -23.13 5.32 4.77
N SER B 341 -22.19 4.55 5.32
CA SER B 341 -22.48 3.20 5.76
C SER B 341 -22.63 3.02 7.28
N PHE B 342 -22.25 4.03 8.06
CA PHE B 342 -22.34 3.93 9.51
C PHE B 342 -23.68 4.32 10.12
N CYS B 343 -24.31 5.36 9.58
CA CYS B 343 -25.57 5.85 10.11
C CYS B 343 -26.80 5.31 9.39
N GLY B 344 -26.58 4.37 8.47
CA GLY B 344 -27.69 3.81 7.71
C GLY B 344 -28.19 4.79 6.66
N GLN B 345 -29.29 4.43 6.00
CA GLN B 345 -29.89 5.25 4.96
C GLN B 345 -28.99 5.29 3.72
N ASP B 346 -27.83 4.63 3.82
CA ASP B 346 -26.88 4.58 2.73
C ASP B 346 -26.54 5.95 2.16
N LEU B 347 -26.96 7.00 2.87
CA LEU B 347 -26.71 8.37 2.44
C LEU B 347 -25.34 8.86 2.90
N ARG B 348 -24.59 9.46 1.97
CA ARG B 348 -23.25 9.96 2.30
C ARG B 348 -23.30 11.41 2.78
N PHE B 349 -22.37 11.74 3.67
CA PHE B 349 -22.29 13.09 4.23
C PHE B 349 -23.65 13.56 4.72
N PRO B 350 -24.30 12.78 5.60
CA PRO B 350 -25.61 13.12 6.14
C PRO B 350 -25.70 14.49 6.81
N LEU B 351 -24.74 14.81 7.67
CA LEU B 351 -24.76 16.09 8.36
C LEU B 351 -24.52 17.26 7.41
N THR B 352 -23.50 17.15 6.56
CA THR B 352 -23.19 18.21 5.63
C THR B 352 -24.32 18.40 4.62
N ASN B 353 -24.88 17.28 4.14
CA ASN B 353 -25.98 17.35 3.19
C ASN B 353 -27.20 17.97 3.86
N ALA B 354 -27.40 17.66 5.14
CA ALA B 354 -28.50 18.20 5.91
C ALA B 354 -28.36 19.72 5.96
N ILE B 355 -27.12 20.18 6.13
CA ILE B 355 -26.82 21.60 6.20
C ILE B 355 -27.07 22.24 4.84
N LYS B 356 -26.61 21.58 3.78
CA LYS B 356 -26.78 22.07 2.42
C LYS B 356 -28.27 22.23 2.13
N ASP B 357 -29.04 21.18 2.41
CA ASP B 357 -30.48 21.20 2.17
C ASP B 357 -31.14 22.37 2.90
N ALA B 358 -30.82 22.53 4.18
CA ALA B 358 -31.38 23.60 5.00
C ALA B 358 -31.09 24.98 4.43
N LEU B 359 -29.88 25.16 3.89
CA LEU B 359 -29.50 26.45 3.32
C LEU B 359 -30.33 26.81 2.09
N ALA B 360 -30.69 25.80 1.31
CA ALA B 360 -31.49 26.01 0.10
C ALA B 360 -32.99 26.11 0.37
N ALA B 361 -33.40 25.57 1.52
CA ALA B 361 -34.82 25.55 1.91
C ALA B 361 -35.48 26.91 2.06
N THR B 362 -36.80 26.88 2.26
CA THR B 362 -37.64 28.07 2.42
C THR B 362 -37.82 28.84 1.12
N TYR C 1 9.91 -31.25 17.35
CA TYR C 1 9.25 -30.40 18.39
C TYR C 1 10.19 -29.33 18.93
N LYS C 2 9.61 -28.21 19.36
CA LYS C 2 10.39 -27.12 19.93
C LYS C 2 10.59 -27.42 21.41
N LEU C 3 11.76 -27.10 21.93
CA LEU C 3 12.06 -27.29 23.35
C LEU C 3 12.59 -25.94 23.84
N VAL C 4 11.67 -25.06 24.20
CA VAL C 4 12.00 -23.73 24.67
C VAL C 4 12.44 -23.76 26.12
N CYS C 5 13.68 -23.33 26.38
CA CYS C 5 14.22 -23.32 27.73
C CYS C 5 14.64 -21.93 28.20
N TYR C 6 14.22 -21.60 29.41
CA TYR C 6 14.53 -20.31 30.02
C TYR C 6 15.79 -20.36 30.87
N TYR C 7 16.51 -19.26 30.88
CA TYR C 7 17.71 -19.11 31.69
C TYR C 7 17.52 -17.77 32.38
N THR C 8 17.72 -17.73 33.70
CA THR C 8 17.54 -16.49 34.44
C THR C 8 18.87 -15.82 34.76
N SER C 9 18.91 -14.51 34.54
CA SER C 9 20.12 -13.73 34.77
C SER C 9 20.55 -13.66 36.23
N TRP C 10 19.64 -13.95 37.15
CA TRP C 10 19.97 -13.87 38.57
C TRP C 10 20.48 -15.15 39.21
N SER C 11 20.52 -16.25 38.46
CA SER C 11 21.00 -17.52 39.00
C SER C 11 22.52 -17.48 39.19
N GLN C 12 23.17 -16.52 38.55
CA GLN C 12 24.61 -16.38 38.63
C GLN C 12 25.06 -16.04 40.06
N TYR C 13 24.19 -15.36 40.80
CA TYR C 13 24.50 -14.92 42.16
C TYR C 13 24.26 -15.95 43.26
N ARG C 14 23.88 -17.18 42.90
CA ARG C 14 23.64 -18.19 43.91
C ARG C 14 24.91 -18.81 44.50
N GLU C 15 24.90 -18.97 45.82
CA GLU C 15 26.03 -19.54 46.55
C GLU C 15 26.58 -20.81 45.93
N GLY C 16 27.88 -21.02 46.10
CA GLY C 16 28.55 -22.19 45.59
C GLY C 16 28.02 -22.80 44.30
N ASP C 17 27.68 -24.08 44.35
CA ASP C 17 27.18 -24.81 43.19
C ASP C 17 25.85 -24.31 42.66
N GLY C 18 25.21 -23.40 43.40
CA GLY C 18 23.95 -22.86 42.95
C GLY C 18 24.15 -21.87 41.82
N SER C 19 25.33 -21.26 41.80
CA SER C 19 25.67 -20.29 40.76
C SER C 19 25.66 -20.91 39.38
N CYS C 20 24.93 -20.29 38.46
CA CYS C 20 24.84 -20.79 37.10
C CYS C 20 25.04 -19.71 36.06
N PHE C 21 26.03 -19.91 35.19
CA PHE C 21 26.32 -18.97 34.12
C PHE C 21 25.97 -19.63 32.79
N PRO C 22 25.65 -18.81 31.76
CA PRO C 22 25.28 -19.31 30.44
C PRO C 22 26.20 -20.36 29.83
N ASP C 23 27.50 -20.29 30.14
CA ASP C 23 28.46 -21.23 29.60
C ASP C 23 28.33 -22.62 30.23
N ALA C 24 27.48 -22.74 31.24
CA ALA C 24 27.27 -24.01 31.92
C ALA C 24 26.09 -24.73 31.26
N LEU C 25 25.49 -24.08 30.27
CA LEU C 25 24.34 -24.64 29.55
C LEU C 25 24.73 -25.52 28.36
N ASP C 26 24.06 -26.66 28.25
CA ASP C 26 24.31 -27.60 27.15
C ASP C 26 23.73 -27.01 25.86
N ARG C 27 24.59 -26.68 24.91
CA ARG C 27 24.16 -26.09 23.65
C ARG C 27 23.26 -26.99 22.80
N PHE C 28 23.26 -28.29 23.07
CA PHE C 28 22.45 -29.23 22.30
C PHE C 28 21.17 -29.69 23.01
N LEU C 29 21.01 -29.29 24.26
CA LEU C 29 19.84 -29.67 25.05
C LEU C 29 18.50 -29.16 24.52
N CYS C 30 18.41 -27.85 24.31
CA CYS C 30 17.17 -27.24 23.83
C CYS C 30 17.26 -26.74 22.40
N THR C 31 16.10 -26.34 21.86
CA THR C 31 16.03 -25.82 20.50
C THR C 31 16.03 -24.30 20.58
N HIS C 32 15.48 -23.78 21.67
CA HIS C 32 15.42 -22.35 21.91
C HIS C 32 15.77 -22.06 23.37
N ILE C 33 16.71 -21.15 23.59
CA ILE C 33 17.07 -20.78 24.95
C ILE C 33 16.70 -19.31 25.11
N ILE C 34 15.80 -19.02 26.02
CA ILE C 34 15.37 -17.65 26.25
C ILE C 34 15.99 -17.04 27.50
N TYR C 35 16.57 -15.85 27.32
CA TYR C 35 17.23 -15.12 28.40
C TYR C 35 16.21 -14.27 29.16
N SER C 36 16.19 -14.39 30.48
CA SER C 36 15.25 -13.64 31.31
C SER C 36 15.97 -12.87 32.40
N PHE C 37 15.70 -11.57 32.54
CA PHE C 37 14.78 -10.83 31.68
C PHE C 37 15.45 -9.52 31.25
N ALA C 38 14.88 -8.86 30.25
CA ALA C 38 15.39 -7.58 29.78
C ALA C 38 14.56 -6.52 30.48
N ASN C 39 15.12 -5.34 30.64
CA ASN C 39 14.40 -4.26 31.31
C ASN C 39 13.86 -3.28 30.28
N ILE C 40 13.16 -2.25 30.75
CA ILE C 40 12.63 -1.23 29.85
C ILE C 40 12.80 0.16 30.46
N SER C 41 13.76 0.92 29.94
CA SER C 41 14.03 2.27 30.41
C SER C 41 13.83 3.29 29.30
N ASN C 42 13.09 4.36 29.60
CA ASN C 42 12.83 5.40 28.63
C ASN C 42 12.13 4.84 27.40
N ASP C 43 11.27 3.86 27.63
CA ASP C 43 10.52 3.21 26.56
C ASP C 43 11.42 2.45 25.60
N HIS C 44 12.62 2.13 26.07
CA HIS C 44 13.61 1.39 25.27
C HIS C 44 13.92 0.08 25.95
N ILE C 45 14.06 -1.00 25.18
CA ILE C 45 14.43 -2.28 25.77
C ILE C 45 15.88 -2.04 26.19
N ASP C 46 16.25 -2.54 27.36
CA ASP C 46 17.60 -2.30 27.85
C ASP C 46 18.07 -3.42 28.80
N THR C 47 19.37 -3.46 29.08
CA THR C 47 19.91 -4.48 29.96
C THR C 47 19.33 -4.33 31.36
N TRP C 48 19.46 -5.38 32.16
CA TRP C 48 18.94 -5.40 33.52
C TRP C 48 20.10 -5.56 34.51
N GLU C 49 20.84 -6.64 34.32
CA GLU C 49 21.99 -6.94 35.17
C GLU C 49 23.19 -6.13 34.67
N TRP C 50 24.11 -5.83 35.58
CA TRP C 50 25.30 -5.06 35.23
C TRP C 50 26.14 -5.75 34.17
N ASN C 51 26.18 -7.08 34.21
CA ASN C 51 27.00 -7.84 33.28
C ASN C 51 26.21 -8.57 32.18
N ASP C 52 24.99 -8.11 31.91
CA ASP C 52 24.16 -8.75 30.90
C ASP C 52 24.85 -8.90 29.55
N VAL C 53 25.44 -7.83 29.05
CA VAL C 53 26.13 -7.88 27.76
C VAL C 53 27.09 -9.05 27.70
N THR C 54 27.81 -9.28 28.79
CA THR C 54 28.77 -10.39 28.84
C THR C 54 28.04 -11.72 28.82
N LEU C 55 26.98 -11.83 29.61
CA LEU C 55 26.22 -13.06 29.67
C LEU C 55 25.47 -13.32 28.36
N TYR C 56 25.05 -12.25 27.69
CA TYR C 56 24.36 -12.37 26.42
C TYR C 56 25.31 -13.13 25.49
N GLY C 57 26.52 -12.58 25.34
CA GLY C 57 27.51 -13.20 24.48
C GLY C 57 27.86 -14.60 24.95
N MET C 58 27.95 -14.78 26.27
CA MET C 58 28.28 -16.08 26.83
C MET C 58 27.22 -17.11 26.43
N LEU C 59 25.99 -16.64 26.27
CA LEU C 59 24.88 -17.51 25.87
C LEU C 59 24.87 -17.74 24.37
N ASN C 60 25.00 -16.67 23.60
CA ASN C 60 24.98 -16.77 22.15
C ASN C 60 26.21 -17.47 21.56
N THR C 61 27.21 -17.72 22.39
CA THR C 61 28.41 -18.42 21.94
C THR C 61 28.06 -19.89 21.77
N LEU C 62 27.03 -20.32 22.50
CA LEU C 62 26.57 -21.69 22.43
C LEU C 62 26.10 -22.03 21.02
N LYS C 63 25.80 -21.00 20.24
CA LYS C 63 25.34 -21.18 18.88
C LYS C 63 26.45 -21.49 17.88
N ASN C 64 27.71 -21.31 18.29
CA ASN C 64 28.84 -21.57 17.41
C ASN C 64 28.89 -23.02 16.95
N ARG C 65 28.94 -23.93 17.91
CA ARG C 65 29.01 -25.36 17.61
C ARG C 65 27.65 -25.97 17.33
N ASN C 66 26.58 -25.19 17.50
CA ASN C 66 25.23 -25.67 17.26
C ASN C 66 24.42 -24.59 16.51
N PRO C 67 24.58 -24.52 15.19
CA PRO C 67 23.91 -23.56 14.31
C PRO C 67 22.37 -23.54 14.40
N ASN C 68 21.77 -24.66 14.76
CA ASN C 68 20.32 -24.75 14.86
C ASN C 68 19.74 -24.06 16.09
N LEU C 69 20.52 -24.00 17.16
CA LEU C 69 20.07 -23.38 18.41
C LEU C 69 19.59 -21.94 18.19
N LYS C 70 18.37 -21.65 18.63
CA LYS C 70 17.82 -20.31 18.49
C LYS C 70 17.83 -19.62 19.85
N THR C 71 18.01 -18.31 19.84
CA THR C 71 18.05 -17.56 21.09
C THR C 71 17.07 -16.39 21.10
N LEU C 72 16.44 -16.16 22.24
CA LEU C 72 15.50 -15.06 22.40
C LEU C 72 15.73 -14.31 23.71
N LEU C 73 15.38 -13.03 23.71
CA LEU C 73 15.52 -12.21 24.90
C LEU C 73 14.11 -11.91 25.39
N SER C 74 13.80 -12.34 26.61
CA SER C 74 12.47 -12.13 27.18
C SER C 74 12.42 -10.84 27.99
N VAL C 75 11.34 -10.09 27.80
CA VAL C 75 11.16 -8.84 28.53
C VAL C 75 9.92 -8.96 29.40
N GLY C 76 10.06 -8.61 30.66
CA GLY C 76 8.94 -8.68 31.59
C GLY C 76 9.25 -9.55 32.79
N GLY C 77 8.46 -10.60 32.98
CA GLY C 77 8.67 -11.47 34.12
C GLY C 77 7.75 -11.06 35.25
N TRP C 78 7.63 -11.90 36.26
CA TRP C 78 6.74 -11.61 37.38
C TRP C 78 7.13 -10.37 38.20
N ASN C 79 8.40 -10.26 38.55
CA ASN C 79 8.85 -9.11 39.35
C ASN C 79 8.95 -7.81 38.56
N PHE C 80 8.51 -7.82 37.30
CA PHE C 80 8.56 -6.63 36.48
C PHE C 80 7.42 -5.69 36.83
N GLY C 81 6.22 -6.26 36.99
CA GLY C 81 5.06 -5.46 37.32
C GLY C 81 4.31 -4.98 36.09
N SER C 82 3.04 -5.36 36.00
CA SER C 82 2.20 -5.00 34.87
C SER C 82 2.11 -3.48 34.68
N GLN C 83 2.28 -2.74 35.76
CA GLN C 83 2.21 -1.27 35.73
C GLN C 83 3.10 -0.64 34.67
N ARG C 84 4.38 -0.98 34.69
CA ARG C 84 5.34 -0.43 33.75
C ARG C 84 4.99 -0.80 32.31
N PHE C 85 4.67 -2.07 32.09
CA PHE C 85 4.31 -2.56 30.76
C PHE C 85 3.09 -1.84 30.20
N SER C 86 2.08 -1.64 31.05
CA SER C 86 0.85 -0.98 30.64
C SER C 86 1.10 0.41 30.06
N LYS C 87 1.81 1.26 30.81
CA LYS C 87 2.09 2.61 30.36
C LYS C 87 2.79 2.69 29.01
N ILE C 88 3.60 1.68 28.70
CA ILE C 88 4.35 1.63 27.45
C ILE C 88 3.51 1.15 26.28
N ALA C 89 2.69 0.14 26.49
CA ALA C 89 1.85 -0.40 25.44
C ALA C 89 0.57 0.41 25.29
N SER C 90 0.24 1.19 26.31
CA SER C 90 -0.96 2.01 26.29
C SER C 90 -0.75 3.32 25.53
N ASN C 91 0.38 3.97 25.78
CA ASN C 91 0.71 5.23 25.13
C ASN C 91 1.23 4.98 23.72
N THR C 92 0.56 5.55 22.73
CA THR C 92 0.92 5.37 21.33
C THR C 92 2.37 5.74 20.99
N GLN C 93 2.92 6.76 21.66
CA GLN C 93 4.28 7.17 21.40
C GLN C 93 5.30 6.20 21.98
N SER C 94 5.09 5.80 23.23
CA SER C 94 5.99 4.88 23.91
C SER C 94 6.02 3.52 23.22
N ARG C 95 4.87 3.08 22.74
CA ARG C 95 4.79 1.79 22.06
C ARG C 95 5.70 1.80 20.83
N ARG C 96 5.68 2.90 20.08
CA ARG C 96 6.52 3.04 18.91
C ARG C 96 7.99 3.03 19.31
N THR C 97 8.35 3.87 20.28
CA THR C 97 9.72 3.96 20.75
C THR C 97 10.22 2.57 21.10
N PHE C 98 9.45 1.89 21.95
CA PHE C 98 9.77 0.54 22.42
C PHE C 98 9.99 -0.42 21.25
N ILE C 99 8.99 -0.55 20.40
CA ILE C 99 9.07 -1.44 19.25
C ILE C 99 10.30 -1.15 18.38
N LYS C 100 10.50 0.12 18.07
CA LYS C 100 11.63 0.52 17.22
C LYS C 100 12.97 0.14 17.84
N SER C 101 13.07 0.23 19.16
CA SER C 101 14.31 -0.08 19.86
C SER C 101 14.66 -1.56 19.96
N VAL C 102 13.68 -2.45 19.78
CA VAL C 102 13.92 -3.87 19.91
C VAL C 102 14.83 -4.53 18.86
N PRO C 103 14.50 -4.38 17.56
CA PRO C 103 15.35 -5.01 16.54
C PRO C 103 16.84 -4.68 16.68
N PRO C 104 17.20 -3.38 16.76
CA PRO C 104 18.62 -3.02 16.87
C PRO C 104 19.27 -3.71 18.05
N PHE C 105 18.62 -3.61 19.20
CA PHE C 105 19.12 -4.21 20.43
C PHE C 105 19.37 -5.71 20.29
N LEU C 106 18.47 -6.41 19.61
CA LEU C 106 18.60 -7.85 19.41
C LEU C 106 19.74 -8.19 18.45
N ARG C 107 19.85 -7.45 17.36
CA ARG C 107 20.91 -7.68 16.38
C ARG C 107 22.25 -7.35 17.01
N THR C 108 22.29 -6.24 17.74
CA THR C 108 23.51 -5.80 18.40
C THR C 108 24.05 -6.84 19.37
N HIS C 109 23.16 -7.56 20.04
CA HIS C 109 23.59 -8.56 21.01
C HIS C 109 23.48 -10.02 20.62
N GLY C 110 23.18 -10.28 19.35
CA GLY C 110 23.11 -11.64 18.86
C GLY C 110 21.90 -12.49 19.19
N PHE C 111 20.75 -11.85 19.40
CA PHE C 111 19.53 -12.58 19.72
C PHE C 111 18.71 -12.84 18.46
N ASP C 112 17.99 -13.95 18.44
CA ASP C 112 17.16 -14.33 17.29
C ASP C 112 15.72 -13.83 17.39
N GLY C 113 15.32 -13.37 18.58
CA GLY C 113 13.97 -12.89 18.74
C GLY C 113 13.65 -12.35 20.12
N LEU C 114 12.42 -11.86 20.27
CA LEU C 114 11.96 -11.30 21.53
C LEU C 114 10.83 -12.14 22.12
N ASP C 115 10.84 -12.28 23.44
CA ASP C 115 9.78 -13.01 24.13
C ASP C 115 9.10 -12.05 25.08
N LEU C 116 7.80 -11.85 24.89
CA LEU C 116 7.03 -10.94 25.73
C LEU C 116 6.46 -11.70 26.93
N ALA C 117 6.87 -11.29 28.12
CA ALA C 117 6.40 -11.92 29.36
C ALA C 117 5.74 -10.86 30.23
N TRP C 118 4.62 -10.34 29.77
CA TRP C 118 3.87 -9.31 30.47
C TRP C 118 2.84 -9.97 31.38
N LEU C 119 3.11 -10.00 32.67
CA LEU C 119 2.20 -10.62 33.64
C LEU C 119 1.53 -9.60 34.55
N TYR C 120 0.31 -9.19 34.23
CA TYR C 120 -0.41 -9.62 33.04
C TYR C 120 -1.25 -8.43 32.60
N PRO C 121 -1.67 -8.40 31.33
CA PRO C 121 -2.48 -7.26 30.91
C PRO C 121 -3.79 -7.33 31.69
N GLY C 122 -4.24 -6.20 32.22
CA GLY C 122 -5.50 -6.26 32.96
C GLY C 122 -6.62 -6.39 31.94
N ARG C 123 -7.87 -6.35 32.40
CA ARG C 123 -8.98 -6.41 31.46
C ARG C 123 -8.89 -5.11 30.71
N ARG C 124 -8.22 -4.14 31.34
CA ARG C 124 -8.02 -2.80 30.81
C ARG C 124 -6.91 -2.70 29.76
N ASP C 125 -6.15 -3.77 29.57
CA ASP C 125 -5.07 -3.75 28.59
C ASP C 125 -5.18 -4.87 27.55
N LYS C 126 -6.25 -5.65 27.63
CA LYS C 126 -6.45 -6.76 26.71
C LYS C 126 -6.22 -6.37 25.25
N GLN C 127 -6.75 -5.22 24.83
CA GLN C 127 -6.56 -4.77 23.46
C GLN C 127 -5.18 -4.19 23.20
N HIS C 128 -4.66 -3.44 24.18
CA HIS C 128 -3.33 -2.87 24.02
C HIS C 128 -2.30 -3.97 23.82
N PHE C 129 -2.50 -5.09 24.51
CA PHE C 129 -1.60 -6.23 24.40
C PHE C 129 -1.64 -6.79 22.98
N THR C 130 -2.82 -6.79 22.39
CA THR C 130 -3.00 -7.28 21.02
C THR C 130 -2.27 -6.34 20.05
N THR C 131 -2.48 -5.04 20.23
CA THR C 131 -1.85 -4.05 19.38
C THR C 131 -0.33 -4.14 19.46
N LEU C 132 0.19 -4.25 20.68
CA LEU C 132 1.62 -4.36 20.91
C LEU C 132 2.21 -5.53 20.11
N ILE C 133 1.62 -6.71 20.27
CA ILE C 133 2.07 -7.91 19.58
C ILE C 133 1.95 -7.75 18.07
N LYS C 134 0.83 -7.19 17.63
CA LYS C 134 0.57 -6.97 16.22
C LYS C 134 1.62 -6.08 15.56
N GLU C 135 1.92 -4.95 16.20
CA GLU C 135 2.89 -4.01 15.68
C GLU C 135 4.33 -4.49 15.81
N MET C 136 4.63 -5.21 16.88
CA MET C 136 5.98 -5.73 17.10
C MET C 136 6.35 -6.70 15.98
N LYS C 137 5.38 -7.50 15.55
CA LYS C 137 5.61 -8.46 14.48
C LYS C 137 5.74 -7.69 13.17
N ALA C 138 5.00 -6.59 13.05
CA ALA C 138 5.06 -5.75 11.86
C ALA C 138 6.48 -5.22 11.69
N GLU C 139 7.02 -4.68 12.78
CA GLU C 139 8.37 -4.13 12.79
C GLU C 139 9.40 -5.20 12.42
N PHE C 140 9.29 -6.36 13.06
CA PHE C 140 10.21 -7.46 12.79
C PHE C 140 10.20 -7.83 11.32
N ILE C 141 9.01 -7.87 10.73
CA ILE C 141 8.86 -8.19 9.32
C ILE C 141 9.57 -7.14 8.47
N LYS C 142 9.32 -5.88 8.81
CA LYS C 142 9.93 -4.76 8.10
C LYS C 142 11.45 -4.83 8.17
N GLU C 143 11.97 -5.03 9.38
CA GLU C 143 13.41 -5.11 9.61
C GLU C 143 14.10 -6.19 8.80
N ALA C 144 13.35 -7.21 8.38
CA ALA C 144 13.92 -8.30 7.61
C ALA C 144 13.47 -8.31 6.15
N GLN C 145 12.62 -7.35 5.78
CA GLN C 145 12.09 -7.25 4.42
C GLN C 145 13.15 -7.45 3.33
N PRO C 146 14.33 -6.82 3.48
CA PRO C 146 15.40 -6.97 2.49
C PRO C 146 15.98 -8.37 2.30
N GLY C 147 15.69 -9.28 3.24
CA GLY C 147 16.19 -10.63 3.10
C GLY C 147 16.86 -11.25 4.31
N LYS C 148 16.72 -10.62 5.47
CA LYS C 148 17.32 -11.15 6.69
C LYS C 148 16.48 -12.30 7.25
N LYS C 149 17.06 -13.02 8.19
CA LYS C 149 16.36 -14.12 8.85
C LYS C 149 15.49 -13.40 9.89
N GLN C 150 14.20 -13.30 9.59
CA GLN C 150 13.26 -12.61 10.46
C GLN C 150 13.33 -12.95 11.94
N LEU C 151 13.31 -11.91 12.77
CA LEU C 151 13.37 -12.06 14.22
C LEU C 151 12.10 -12.73 14.70
N LEU C 152 12.24 -13.63 15.69
CA LEU C 152 11.10 -14.34 16.23
C LEU C 152 10.38 -13.56 17.32
N LEU C 153 9.07 -13.77 17.42
CA LEU C 153 8.27 -13.10 18.44
C LEU C 153 7.42 -14.14 19.17
N SER C 154 7.65 -14.27 20.47
CA SER C 154 6.91 -15.22 21.28
C SER C 154 6.32 -14.54 22.51
N ALA C 155 5.46 -15.26 23.21
CA ALA C 155 4.83 -14.72 24.40
C ALA C 155 4.60 -15.80 25.44
N ALA C 156 4.94 -15.50 26.69
CA ALA C 156 4.73 -16.42 27.78
C ALA C 156 3.39 -16.00 28.38
N LEU C 157 2.40 -16.87 28.27
CA LEU C 157 1.06 -16.56 28.78
C LEU C 157 0.67 -17.29 30.05
N SER C 158 -0.22 -16.67 30.82
CA SER C 158 -0.71 -17.26 32.05
C SER C 158 -1.53 -18.50 31.70
N ALA C 159 -1.54 -19.47 32.62
CA ALA C 159 -2.29 -20.69 32.39
C ALA C 159 -3.58 -20.71 33.21
N GLY C 160 -3.82 -19.62 33.94
CA GLY C 160 -5.02 -19.51 34.76
C GLY C 160 -6.18 -18.96 33.96
N LYS C 161 -7.32 -19.67 34.01
CA LYS C 161 -8.50 -19.26 33.27
C LYS C 161 -8.94 -17.82 33.48
N VAL C 162 -9.05 -17.40 34.74
CA VAL C 162 -9.47 -16.03 35.03
C VAL C 162 -8.56 -15.02 34.33
N THR C 163 -7.25 -15.19 34.49
CA THR C 163 -6.30 -14.28 33.88
C THR C 163 -6.37 -14.35 32.37
N ILE C 164 -6.53 -15.56 31.83
CA ILE C 164 -6.62 -15.73 30.38
C ILE C 164 -7.84 -14.99 29.83
N ASP C 165 -8.97 -15.12 30.52
CA ASP C 165 -10.20 -14.48 30.08
C ASP C 165 -10.17 -12.96 30.09
N SER C 166 -9.46 -12.36 31.06
CA SER C 166 -9.40 -10.92 31.15
C SER C 166 -8.21 -10.26 30.48
N SER C 167 -7.16 -11.03 30.22
CA SER C 167 -5.94 -10.48 29.61
C SER C 167 -5.72 -10.73 28.13
N TYR C 168 -6.00 -11.94 27.67
CA TYR C 168 -5.73 -12.29 26.28
C TYR C 168 -6.87 -12.47 25.30
N ASP C 169 -6.57 -12.14 24.04
CA ASP C 169 -7.48 -12.31 22.92
C ASP C 169 -6.72 -13.35 22.11
N ILE C 170 -6.69 -14.56 22.65
CA ILE C 170 -5.98 -15.70 22.06
C ILE C 170 -6.05 -15.83 20.54
N ALA C 171 -7.25 -15.80 19.99
CA ALA C 171 -7.42 -15.95 18.54
C ALA C 171 -6.65 -14.88 17.75
N LYS C 172 -6.77 -13.64 18.19
CA LYS C 172 -6.11 -12.52 17.52
C LYS C 172 -4.58 -12.55 17.57
N ILE C 173 -4.01 -12.64 18.77
CA ILE C 173 -2.56 -12.65 18.92
C ILE C 173 -1.85 -13.90 18.41
N SER C 174 -2.58 -15.01 18.26
CA SER C 174 -1.98 -16.24 17.78
C SER C 174 -1.47 -16.14 16.35
N GLN C 175 -2.07 -15.25 15.58
CA GLN C 175 -1.68 -15.05 14.19
C GLN C 175 -0.30 -14.40 14.10
N HIS C 176 -0.08 -13.42 14.97
CA HIS C 176 1.17 -12.66 14.98
C HIS C 176 2.34 -13.31 15.71
N LEU C 177 2.07 -14.15 16.70
CA LEU C 177 3.13 -14.80 17.46
C LEU C 177 3.65 -16.04 16.72
N ASP C 178 4.95 -16.28 16.82
CA ASP C 178 5.56 -17.44 16.18
C ASP C 178 5.30 -18.66 17.05
N PHE C 179 5.12 -18.44 18.35
CA PHE C 179 4.81 -19.51 19.26
C PHE C 179 4.44 -18.98 20.64
N ILE C 180 3.55 -19.69 21.31
CA ILE C 180 3.08 -19.31 22.64
C ILE C 180 3.49 -20.33 23.69
N SER C 181 4.09 -19.85 24.78
CA SER C 181 4.48 -20.70 25.88
C SER C 181 3.45 -20.51 26.98
N ILE C 182 2.66 -21.53 27.25
CA ILE C 182 1.65 -21.44 28.29
C ILE C 182 2.26 -21.92 29.61
N MET C 183 2.26 -21.02 30.59
CA MET C 183 2.83 -21.29 31.90
C MET C 183 1.99 -22.22 32.78
N THR C 184 1.92 -23.48 32.36
CA THR C 184 1.15 -24.48 33.09
C THR C 184 1.78 -24.97 34.38
N TYR C 185 1.90 -24.06 35.34
CA TYR C 185 2.43 -24.34 36.67
C TYR C 185 1.98 -23.19 37.57
N ASP C 186 2.40 -23.19 38.82
CA ASP C 186 1.97 -22.14 39.76
C ASP C 186 0.44 -22.19 39.88
N PHE C 187 -0.11 -23.40 39.84
CA PHE C 187 -1.56 -23.58 39.93
C PHE C 187 -2.08 -23.59 41.37
N HIS C 188 -1.19 -23.88 42.32
CA HIS C 188 -1.57 -23.93 43.73
C HIS C 188 -0.49 -23.19 44.50
N GLY C 189 -0.78 -22.78 45.73
CA GLY C 189 0.21 -22.06 46.50
C GLY C 189 -0.22 -21.63 47.89
N ALA C 190 0.76 -21.50 48.77
CA ALA C 190 0.59 -21.11 50.16
C ALA C 190 -0.71 -20.41 50.53
N TRP C 191 -1.14 -19.44 49.72
CA TRP C 191 -2.36 -18.70 50.03
C TRP C 191 -3.64 -19.53 50.12
N ARG C 192 -3.69 -20.67 49.44
CA ARG C 192 -4.88 -21.51 49.49
C ARG C 192 -5.02 -22.26 50.80
N GLY C 193 -4.03 -22.11 51.67
CA GLY C 193 -4.07 -22.74 52.98
C GLY C 193 -4.02 -24.25 53.06
N THR C 194 -3.82 -24.92 51.94
CA THR C 194 -3.74 -26.38 51.93
C THR C 194 -2.66 -26.85 50.98
N THR C 195 -2.18 -28.08 51.16
CA THR C 195 -1.16 -28.60 50.26
C THR C 195 -1.81 -28.88 48.92
N GLY C 196 -1.06 -28.66 47.86
CA GLY C 196 -1.58 -28.90 46.53
C GLY C 196 -0.45 -28.81 45.52
N HIS C 197 -0.44 -29.71 44.56
CA HIS C 197 0.60 -29.71 43.55
C HIS C 197 0.36 -28.52 42.62
N HIS C 198 1.40 -27.71 42.41
CA HIS C 198 1.29 -26.52 41.58
C HIS C 198 1.34 -26.78 40.08
N SER C 199 1.58 -28.04 39.68
CA SER C 199 1.63 -28.35 38.26
C SER C 199 1.13 -29.74 37.92
N PRO C 200 -0.13 -30.04 38.26
CA PRO C 200 -0.69 -31.36 37.97
C PRO C 200 -1.01 -31.46 36.48
N LEU C 201 -0.93 -32.67 35.93
CA LEU C 201 -1.22 -32.86 34.52
C LEU C 201 -2.73 -32.83 34.30
N PHE C 202 -3.46 -33.55 35.14
CA PHE C 202 -4.93 -33.57 35.05
C PHE C 202 -5.50 -33.14 36.38
N ARG C 203 -6.81 -32.96 36.44
CA ARG C 203 -7.45 -32.54 37.68
C ARG C 203 -7.30 -33.57 38.78
N GLY C 204 -7.49 -34.84 38.42
CA GLY C 204 -7.38 -35.89 39.42
C GLY C 204 -8.66 -36.03 40.23
N GLN C 205 -8.55 -36.63 41.42
CA GLN C 205 -9.71 -36.83 42.29
C GLN C 205 -10.59 -35.58 42.34
N GLU C 206 -11.80 -35.70 41.80
CA GLU C 206 -12.75 -34.58 41.75
C GLU C 206 -13.13 -34.03 43.11
N ASP C 207 -13.02 -34.87 44.13
CA ASP C 207 -13.33 -34.50 45.51
C ASP C 207 -12.28 -33.56 46.07
N ALA C 208 -11.02 -33.89 45.77
CA ALA C 208 -9.86 -33.15 46.27
C ALA C 208 -9.52 -31.78 45.67
N SER C 209 -10.14 -31.41 44.55
CA SER C 209 -9.85 -30.11 43.97
C SER C 209 -11.09 -29.26 43.89
N PRO C 210 -11.02 -28.02 44.40
CA PRO C 210 -12.16 -27.10 44.39
C PRO C 210 -12.34 -26.48 43.01
N ASP C 211 -11.24 -25.98 42.46
CA ASP C 211 -11.25 -25.33 41.16
C ASP C 211 -10.98 -26.35 40.06
N ARG C 212 -11.95 -26.52 39.17
CA ARG C 212 -11.83 -27.47 38.07
C ARG C 212 -10.86 -27.02 36.98
N PHE C 213 -10.33 -25.80 37.09
CA PHE C 213 -9.42 -25.29 36.06
C PHE C 213 -7.94 -25.15 36.41
N SER C 214 -7.55 -25.43 37.65
CA SER C 214 -6.16 -25.28 38.06
C SER C 214 -5.28 -26.51 37.80
N ASN C 215 -5.11 -26.84 36.52
CA ASN C 215 -4.28 -27.98 36.11
C ASN C 215 -3.88 -27.82 34.65
N THR C 216 -2.77 -28.46 34.27
CA THR C 216 -2.26 -28.35 32.91
C THR C 216 -3.27 -28.72 31.82
N ASP C 217 -3.85 -29.91 31.92
CA ASP C 217 -4.81 -30.37 30.93
C ASP C 217 -5.90 -29.36 30.62
N TYR C 218 -6.54 -28.81 31.64
CA TYR C 218 -7.60 -27.84 31.40
C TYR C 218 -7.10 -26.64 30.59
N ALA C 219 -6.04 -26.01 31.10
CA ALA C 219 -5.46 -24.84 30.46
C ALA C 219 -5.13 -25.06 28.98
N VAL C 220 -4.49 -26.19 28.68
CA VAL C 220 -4.13 -26.50 27.30
C VAL C 220 -5.38 -26.58 26.43
N GLY C 221 -6.31 -27.43 26.84
CA GLY C 221 -7.55 -27.61 26.10
C GLY C 221 -8.31 -26.30 25.95
N TYR C 222 -8.32 -25.52 27.03
CA TYR C 222 -9.01 -24.25 27.03
C TYR C 222 -8.41 -23.27 26.02
N MET C 223 -7.10 -23.14 26.03
CA MET C 223 -6.45 -22.20 25.12
C MET C 223 -6.62 -22.60 23.65
N LEU C 224 -6.70 -23.90 23.38
CA LEU C 224 -6.91 -24.37 22.01
C LEU C 224 -8.30 -23.88 21.62
N ARG C 225 -9.25 -24.10 22.52
CA ARG C 225 -10.63 -23.71 22.34
C ARG C 225 -10.77 -22.23 22.03
N LEU C 226 -9.91 -21.41 22.63
CA LEU C 226 -9.96 -19.98 22.40
C LEU C 226 -9.31 -19.58 21.08
N GLY C 227 -8.70 -20.56 20.38
CA GLY C 227 -8.10 -20.27 19.10
C GLY C 227 -6.59 -20.28 18.94
N ALA C 228 -5.89 -21.04 19.78
CA ALA C 228 -4.44 -21.11 19.70
C ALA C 228 -4.02 -22.37 18.92
N PRO C 229 -3.49 -22.19 17.71
CA PRO C 229 -3.06 -23.34 16.90
C PRO C 229 -2.14 -24.25 17.70
N ALA C 230 -2.44 -25.55 17.70
CA ALA C 230 -1.63 -26.51 18.43
C ALA C 230 -0.17 -26.46 17.97
N SER C 231 0.03 -26.14 16.69
CA SER C 231 1.37 -26.06 16.13
C SER C 231 2.14 -24.85 16.69
N LYS C 232 1.44 -23.96 17.36
CA LYS C 232 2.07 -22.77 17.94
C LYS C 232 2.05 -22.76 19.46
N LEU C 233 1.55 -23.84 20.05
CA LEU C 233 1.45 -23.90 21.50
C LEU C 233 2.53 -24.76 22.15
N VAL C 234 3.31 -24.15 23.02
CA VAL C 234 4.38 -24.83 23.75
C VAL C 234 3.91 -24.94 25.20
N MET C 235 3.92 -26.17 25.72
CA MET C 235 3.46 -26.42 27.08
C MET C 235 4.55 -26.32 28.14
N GLY C 236 4.35 -25.43 29.11
CA GLY C 236 5.34 -25.23 30.15
C GLY C 236 5.42 -26.32 31.21
N ILE C 237 6.65 -26.73 31.52
CA ILE C 237 6.92 -27.75 32.53
C ILE C 237 7.91 -27.13 33.51
N PRO C 238 7.61 -27.17 34.81
CA PRO C 238 8.51 -26.60 35.82
C PRO C 238 9.62 -27.54 36.31
N THR C 239 10.79 -26.98 36.56
CA THR C 239 11.92 -27.76 37.07
C THR C 239 12.13 -27.34 38.52
N PHE C 240 11.12 -26.70 39.08
CA PHE C 240 11.15 -26.25 40.47
C PHE C 240 9.85 -26.71 41.11
N GLY C 241 9.84 -26.78 42.44
CA GLY C 241 8.64 -27.21 43.13
C GLY C 241 8.13 -26.12 44.06
N ARG C 242 6.86 -26.25 44.45
CA ARG C 242 6.25 -25.30 45.37
C ARG C 242 6.12 -26.02 46.70
N SER C 243 6.66 -25.42 47.75
CA SER C 243 6.63 -26.05 49.07
C SER C 243 5.69 -25.40 50.08
N PHE C 244 5.37 -26.17 51.13
CA PHE C 244 4.49 -25.72 52.20
C PHE C 244 4.99 -26.25 53.54
N THR C 245 4.58 -25.58 54.60
CA THR C 245 4.95 -26.00 55.95
C THR C 245 3.68 -26.59 56.56
N LEU C 246 3.66 -27.92 56.71
CA LEU C 246 2.51 -28.62 57.26
C LEU C 246 2.14 -28.10 58.65
N ALA C 247 0.88 -28.27 59.03
CA ALA C 247 0.40 -27.80 60.32
C ALA C 247 -0.12 -28.93 61.22
N SER C 248 -0.19 -30.15 60.67
CA SER C 248 -0.65 -31.30 61.45
C SER C 248 0.12 -32.52 61.02
N SER C 249 -0.42 -33.70 61.31
CA SER C 249 0.24 -34.95 60.93
C SER C 249 -0.22 -35.38 59.55
N GLU C 250 -1.19 -34.65 59.00
CA GLU C 250 -1.73 -34.92 57.67
C GLU C 250 -0.71 -34.52 56.62
N THR C 251 -0.41 -35.42 55.69
CA THR C 251 0.57 -35.15 54.65
C THR C 251 0.06 -35.39 53.23
N GLY C 252 -1.22 -35.67 53.09
CA GLY C 252 -1.78 -35.90 51.78
C GLY C 252 -2.17 -34.62 51.08
N VAL C 253 -2.76 -34.74 49.89
CA VAL C 253 -3.18 -33.57 49.15
C VAL C 253 -4.34 -32.92 49.88
N GLY C 254 -4.24 -31.63 50.14
CA GLY C 254 -5.30 -30.93 50.85
C GLY C 254 -5.07 -30.77 52.34
N ALA C 255 -3.96 -31.31 52.83
CA ALA C 255 -3.62 -31.23 54.25
C ALA C 255 -3.43 -29.77 54.65
N PRO C 256 -3.62 -29.45 55.94
CA PRO C 256 -3.48 -28.09 56.47
C PRO C 256 -2.05 -27.61 56.49
N ILE C 257 -1.84 -26.33 56.18
CA ILE C 257 -0.51 -25.76 56.17
C ILE C 257 -0.49 -24.46 56.99
N SER C 258 0.70 -24.06 57.42
CA SER C 258 0.85 -22.83 58.20
C SER C 258 1.47 -21.75 57.34
N GLY C 259 1.83 -22.10 56.11
CA GLY C 259 2.43 -21.14 55.21
C GLY C 259 3.37 -21.80 54.22
N PRO C 260 4.16 -21.01 53.46
CA PRO C 260 5.09 -21.58 52.49
C PRO C 260 6.17 -22.44 53.16
N GLY C 261 6.85 -23.25 52.36
CA GLY C 261 7.89 -24.10 52.90
C GLY C 261 9.16 -23.34 53.25
N ILE C 262 10.05 -24.00 53.98
CA ILE C 262 11.32 -23.41 54.38
C ILE C 262 12.15 -23.16 53.13
N PRO C 263 12.81 -22.00 53.05
CA PRO C 263 13.63 -21.66 51.88
C PRO C 263 14.74 -22.68 51.60
N GLY C 264 15.04 -22.87 50.32
CA GLY C 264 16.08 -23.79 49.94
C GLY C 264 17.42 -23.14 50.22
N ARG C 265 18.45 -23.95 50.45
CA ARG C 265 19.77 -23.44 50.74
C ARG C 265 20.34 -22.54 49.65
N PHE C 266 20.02 -22.85 48.39
CA PHE C 266 20.54 -22.07 47.27
C PHE C 266 19.60 -21.03 46.67
N THR C 267 18.31 -21.35 46.56
CA THR C 267 17.36 -20.41 45.98
C THR C 267 16.85 -19.40 47.00
N LYS C 268 17.02 -19.71 48.28
CA LYS C 268 16.59 -18.83 49.37
C LYS C 268 15.29 -18.08 49.12
N GLU C 269 14.21 -18.82 48.89
CA GLU C 269 12.91 -18.22 48.64
C GLU C 269 11.81 -19.12 49.18
N ALA C 270 11.19 -18.71 50.27
CA ALA C 270 10.12 -19.47 50.89
C ALA C 270 9.07 -19.92 49.88
N GLY C 271 8.73 -21.21 49.92
CA GLY C 271 7.75 -21.74 49.00
C GLY C 271 8.34 -22.20 47.67
N THR C 272 9.66 -22.06 47.52
CA THR C 272 10.33 -22.46 46.30
C THR C 272 11.53 -23.36 46.56
N LEU C 273 11.69 -24.35 45.70
CA LEU C 273 12.80 -25.29 45.79
C LEU C 273 13.19 -25.69 44.37
N ALA C 274 14.46 -25.51 44.02
CA ALA C 274 14.93 -25.90 42.69
C ALA C 274 14.92 -27.41 42.68
N TYR C 275 14.84 -28.03 41.51
CA TYR C 275 14.83 -29.48 41.46
C TYR C 275 16.04 -30.06 42.16
N TYR C 276 17.19 -29.43 42.00
CA TYR C 276 18.40 -29.95 42.63
C TYR C 276 18.33 -29.83 44.15
N GLU C 277 17.59 -28.84 44.65
CA GLU C 277 17.43 -28.68 46.08
C GLU C 277 16.47 -29.76 46.57
N ILE C 278 15.54 -30.13 45.68
CA ILE C 278 14.56 -31.16 46.00
C ILE C 278 15.23 -32.52 46.11
N CYS C 279 16.22 -32.76 45.26
CA CYS C 279 16.93 -34.04 45.29
C CYS C 279 17.58 -34.24 46.67
N ASP C 280 18.00 -33.16 47.29
CA ASP C 280 18.59 -33.23 48.62
C ASP C 280 17.46 -33.60 49.56
N PHE C 281 16.37 -32.83 49.46
CA PHE C 281 15.19 -33.00 50.29
C PHE C 281 14.72 -34.45 50.26
N LEU C 282 14.75 -35.07 49.08
CA LEU C 282 14.30 -36.44 48.93
C LEU C 282 15.06 -37.42 49.80
N ARG C 283 16.22 -37.03 50.29
CA ARG C 283 17.00 -37.91 51.16
C ARG C 283 16.27 -38.05 52.49
N GLY C 284 15.68 -39.22 52.71
CA GLY C 284 14.96 -39.46 53.94
C GLY C 284 13.52 -38.98 53.89
N ALA C 285 13.04 -38.64 52.70
CA ALA C 285 11.67 -38.18 52.54
C ALA C 285 10.85 -39.23 51.81
N THR C 286 9.53 -39.14 51.92
CA THR C 286 8.65 -40.08 51.25
C THR C 286 8.03 -39.43 50.02
N VAL C 287 8.09 -40.12 48.89
CA VAL C 287 7.53 -39.60 47.65
C VAL C 287 6.22 -40.31 47.32
N HIS C 288 5.20 -39.52 47.03
CA HIS C 288 3.88 -40.06 46.69
C HIS C 288 3.44 -39.63 45.30
N ARG C 289 2.99 -40.60 44.52
CA ARG C 289 2.50 -40.33 43.18
C ARG C 289 1.03 -39.97 43.36
N ILE C 290 0.64 -38.79 42.88
CA ILE C 290 -0.75 -38.39 43.02
C ILE C 290 -1.53 -38.97 41.85
N LEU C 291 -2.31 -40.02 42.13
CA LEU C 291 -3.12 -40.66 41.10
C LEU C 291 -4.05 -39.62 40.48
N GLY C 292 -4.26 -39.72 39.18
CA GLY C 292 -5.16 -38.78 38.52
C GLY C 292 -4.44 -37.53 38.07
N GLN C 293 -3.51 -37.03 38.88
CA GLN C 293 -2.77 -35.83 38.53
C GLN C 293 -1.44 -36.18 37.84
N GLN C 294 -1.02 -37.43 37.99
CA GLN C 294 0.21 -37.92 37.35
C GLN C 294 1.50 -37.22 37.78
N VAL C 295 1.50 -36.59 38.95
CA VAL C 295 2.70 -35.91 39.41
C VAL C 295 3.01 -36.32 40.85
N PRO C 296 4.28 -36.16 41.27
CA PRO C 296 4.64 -36.54 42.64
C PRO C 296 4.82 -35.38 43.59
N TYR C 297 4.76 -35.70 44.88
CA TYR C 297 4.98 -34.73 45.93
C TYR C 297 5.79 -35.48 46.96
N ALA C 298 6.71 -34.79 47.61
CA ALA C 298 7.53 -35.41 48.62
C ALA C 298 7.26 -34.73 49.95
N THR C 299 7.36 -35.48 51.03
CA THR C 299 7.13 -34.91 52.35
C THR C 299 8.10 -35.50 53.35
N LYS C 300 8.58 -34.65 54.25
CA LYS C 300 9.52 -35.06 55.27
C LYS C 300 9.36 -34.04 56.39
N GLY C 301 9.13 -34.53 57.60
CA GLY C 301 8.94 -33.62 58.72
C GLY C 301 7.74 -32.74 58.45
N ASN C 302 7.86 -31.45 58.74
CA ASN C 302 6.74 -30.53 58.52
C ASN C 302 6.83 -29.83 57.17
N GLN C 303 7.56 -30.45 56.23
CA GLN C 303 7.72 -29.88 54.90
C GLN C 303 7.00 -30.74 53.85
N TRP C 304 6.44 -30.07 52.85
CA TRP C 304 5.68 -30.73 51.78
C TRP C 304 6.00 -29.98 50.49
N VAL C 305 6.37 -30.70 49.44
CA VAL C 305 6.67 -30.04 48.18
C VAL C 305 6.16 -30.79 46.96
N GLY C 306 5.48 -30.06 46.08
CA GLY C 306 4.96 -30.65 44.85
C GLY C 306 5.91 -30.27 43.73
N TYR C 307 6.37 -31.25 42.98
CA TYR C 307 7.32 -30.99 41.91
C TYR C 307 7.16 -31.98 40.75
N ASP C 308 8.07 -31.89 39.80
CA ASP C 308 8.10 -32.76 38.64
C ASP C 308 9.43 -33.51 38.59
N ASP C 309 9.38 -34.79 38.26
CA ASP C 309 10.60 -35.57 38.14
C ASP C 309 10.63 -36.22 36.77
N GLN C 310 11.65 -37.01 36.51
CA GLN C 310 11.77 -37.66 35.21
C GLN C 310 10.51 -38.42 34.80
N GLU C 311 9.88 -39.10 35.73
CA GLU C 311 8.68 -39.85 35.40
C GLU C 311 7.50 -38.97 35.01
N SER C 312 7.26 -37.91 35.78
CA SER C 312 6.14 -37.02 35.49
C SER C 312 6.32 -36.21 34.21
N VAL C 313 7.51 -35.66 33.98
CA VAL C 313 7.75 -34.87 32.78
C VAL C 313 7.57 -35.73 31.54
N LYS C 314 7.86 -37.03 31.70
CA LYS C 314 7.74 -37.98 30.60
C LYS C 314 6.27 -38.06 30.21
N SER C 315 5.41 -38.22 31.20
CA SER C 315 3.96 -38.31 30.99
C SER C 315 3.47 -37.02 30.34
N LYS C 316 3.97 -35.90 30.84
CA LYS C 316 3.58 -34.59 30.32
C LYS C 316 3.95 -34.44 28.85
N VAL C 317 5.09 -34.99 28.44
CA VAL C 317 5.51 -34.91 27.05
C VAL C 317 4.54 -35.77 26.25
N GLN C 318 4.25 -36.95 26.76
CA GLN C 318 3.32 -37.87 26.12
C GLN C 318 2.05 -37.11 25.81
N TYR C 319 1.53 -36.45 26.84
CA TYR C 319 0.30 -35.66 26.73
C TYR C 319 0.37 -34.62 25.61
N LEU C 320 1.42 -33.80 25.64
CA LEU C 320 1.57 -32.74 24.64
C LEU C 320 1.69 -33.31 23.22
N LYS C 321 2.32 -34.47 23.08
CA LYS C 321 2.46 -35.08 21.77
C LYS C 321 1.10 -35.61 21.31
N ASP C 322 0.38 -36.27 22.22
CA ASP C 322 -0.94 -36.80 21.90
C ASP C 322 -1.83 -35.64 21.46
N ARG C 323 -1.51 -34.45 21.97
CA ARG C 323 -2.25 -33.23 21.66
C ARG C 323 -1.71 -32.55 20.41
N GLN C 324 -0.56 -33.02 19.93
CA GLN C 324 0.06 -32.44 18.74
C GLN C 324 0.42 -30.96 18.93
N LEU C 325 1.00 -30.65 20.07
CA LEU C 325 1.42 -29.29 20.39
C LEU C 325 2.81 -29.03 19.81
N ALA C 326 3.22 -27.76 19.78
CA ALA C 326 4.52 -27.40 19.23
C ALA C 326 5.69 -28.00 20.01
N GLY C 327 5.48 -28.25 21.30
CA GLY C 327 6.54 -28.82 22.11
C GLY C 327 6.41 -28.42 23.56
N ALA C 328 7.51 -28.51 24.29
CA ALA C 328 7.51 -28.16 25.71
C ALA C 328 8.39 -26.94 26.01
N MET C 329 8.05 -26.25 27.09
CA MET C 329 8.80 -25.08 27.55
C MET C 329 9.25 -25.40 28.97
N VAL C 330 10.50 -25.06 29.28
CA VAL C 330 11.04 -25.35 30.60
C VAL C 330 11.45 -24.11 31.38
N TRP C 331 11.01 -24.06 32.64
CA TRP C 331 11.37 -22.97 33.52
C TRP C 331 11.85 -23.58 34.83
N ALA C 332 13.17 -23.53 35.07
CA ALA C 332 14.13 -22.93 34.16
C ALA C 332 15.37 -23.81 34.16
N LEU C 333 16.23 -23.65 33.17
CA LEU C 333 17.45 -24.44 33.06
C LEU C 333 18.32 -24.40 34.31
N ASP C 334 18.35 -23.24 34.98
CA ASP C 334 19.15 -23.06 36.17
C ASP C 334 18.50 -23.58 37.45
N LEU C 335 17.33 -24.19 37.31
CA LEU C 335 16.62 -24.75 38.47
C LEU C 335 16.68 -26.26 38.38
N ASP C 336 17.02 -26.75 37.20
CA ASP C 336 17.16 -28.17 36.96
C ASP C 336 18.52 -28.47 37.58
N ASP C 337 18.89 -29.74 37.68
CA ASP C 337 20.19 -30.07 38.25
C ASP C 337 21.23 -29.89 37.16
N PHE C 338 21.63 -28.65 36.91
CA PHE C 338 22.61 -28.35 35.86
C PHE C 338 24.01 -28.84 36.20
N GLN C 339 24.31 -28.97 37.49
CA GLN C 339 25.61 -29.47 37.93
C GLN C 339 25.62 -30.97 37.74
N GLY C 340 24.46 -31.59 37.87
CA GLY C 340 24.34 -33.04 37.73
C GLY C 340 24.94 -33.76 38.92
N SER C 341 25.24 -33.00 39.97
CA SER C 341 25.84 -33.57 41.17
C SER C 341 24.89 -33.75 42.36
N PHE C 342 23.69 -33.18 42.29
CA PHE C 342 22.75 -33.28 43.40
C PHE C 342 21.85 -34.51 43.37
N CYS C 343 21.41 -34.91 42.19
CA CYS C 343 20.51 -36.06 42.08
C CYS C 343 21.21 -37.37 41.74
N GLY C 344 22.54 -37.34 41.74
CA GLY C 344 23.29 -38.54 41.42
C GLY C 344 23.26 -38.83 39.93
N GLN C 345 23.82 -39.98 39.55
CA GLN C 345 23.87 -40.40 38.15
C GLN C 345 24.84 -39.51 37.37
N ASP C 346 25.40 -38.52 38.04
CA ASP C 346 26.34 -37.58 37.43
C ASP C 346 25.80 -36.98 36.13
N LEU C 347 24.51 -37.17 35.87
CA LEU C 347 23.88 -36.65 34.67
C LEU C 347 23.42 -35.21 34.86
N ARG C 348 23.75 -34.36 33.89
CA ARG C 348 23.37 -32.95 33.97
C ARG C 348 22.00 -32.69 33.31
N PHE C 349 21.27 -31.71 33.86
CA PHE C 349 19.95 -31.36 33.37
C PHE C 349 19.07 -32.60 33.21
N PRO C 350 18.93 -33.39 34.28
CA PRO C 350 18.13 -34.62 34.26
C PRO C 350 16.68 -34.43 33.81
N LEU C 351 16.00 -33.42 34.34
CA LEU C 351 14.61 -33.18 33.97
C LEU C 351 14.49 -32.71 32.52
N THR C 352 15.29 -31.73 32.14
CA THR C 352 15.24 -31.22 30.78
C THR C 352 15.64 -32.29 29.77
N ASN C 353 16.69 -33.06 30.09
CA ASN C 353 17.14 -34.13 29.21
C ASN C 353 16.05 -35.19 29.10
N ALA C 354 15.36 -35.44 30.20
CA ALA C 354 14.27 -36.42 30.22
C ALA C 354 13.19 -35.96 29.26
N ILE C 355 12.94 -34.66 29.25
CA ILE C 355 11.93 -34.07 28.37
C ILE C 355 12.38 -34.19 26.92
N LYS C 356 13.65 -33.88 26.67
CA LYS C 356 14.22 -33.95 25.33
C LYS C 356 14.09 -35.37 24.80
N ASP C 357 14.52 -36.34 25.61
CA ASP C 357 14.47 -37.74 25.22
C ASP C 357 13.05 -38.16 24.86
N ALA C 358 12.09 -37.81 25.71
CA ALA C 358 10.70 -38.15 25.50
C ALA C 358 10.15 -37.58 24.19
N LEU C 359 10.58 -36.36 23.85
CA LEU C 359 10.12 -35.72 22.63
C LEU C 359 10.59 -36.46 21.38
N ALA C 360 11.79 -37.02 21.44
CA ALA C 360 12.37 -37.75 20.32
C ALA C 360 11.89 -39.20 20.25
N ALA C 361 11.42 -39.72 21.38
CA ALA C 361 10.96 -41.10 21.47
C ALA C 361 9.79 -41.49 20.55
N THR C 362 9.49 -42.78 20.54
CA THR C 362 8.42 -43.36 19.73
C THR C 362 8.76 -43.37 18.25
N TYR D 1 43.76 -16.97 -1.42
CA TYR D 1 43.98 -15.50 -1.46
C TYR D 1 42.69 -14.72 -1.23
N LYS D 2 42.82 -13.53 -0.69
CA LYS D 2 41.67 -12.66 -0.45
C LYS D 2 41.40 -11.88 -1.73
N LEU D 3 40.14 -11.68 -2.06
CA LEU D 3 39.76 -10.89 -3.22
C LEU D 3 38.77 -9.85 -2.74
N VAL D 4 39.31 -8.75 -2.23
CA VAL D 4 38.50 -7.66 -1.69
C VAL D 4 37.93 -6.80 -2.81
N CYS D 5 36.60 -6.73 -2.87
CA CYS D 5 35.94 -5.94 -3.90
C CYS D 5 35.04 -4.85 -3.34
N TYR D 6 35.19 -3.65 -3.90
CA TYR D 6 34.40 -2.51 -3.47
C TYR D 6 33.15 -2.33 -4.32
N TYR D 7 32.09 -1.83 -3.66
CA TYR D 7 30.84 -1.53 -4.32
C TYR D 7 30.50 -0.12 -3.85
N THR D 8 30.15 0.75 -4.78
CA THR D 8 29.83 2.13 -4.43
C THR D 8 28.33 2.38 -4.39
N SER D 9 27.87 3.04 -3.34
CA SER D 9 26.46 3.33 -3.14
C SER D 9 25.87 4.28 -4.18
N TRP D 10 26.71 5.00 -4.90
CA TRP D 10 26.23 5.95 -5.90
C TRP D 10 26.09 5.42 -7.32
N SER D 11 26.50 4.18 -7.54
CA SER D 11 26.40 3.60 -8.88
C SER D 11 24.95 3.29 -9.23
N GLN D 12 24.10 3.24 -8.21
CA GLN D 12 22.68 2.95 -8.40
C GLN D 12 21.98 4.02 -9.24
N TYR D 13 22.48 5.25 -9.15
CA TYR D 13 21.91 6.39 -9.86
C TYR D 13 22.34 6.57 -11.31
N ARG D 14 23.13 5.66 -11.85
CA ARG D 14 23.58 5.79 -13.23
C ARG D 14 22.53 5.41 -14.26
N GLU D 15 22.43 6.24 -15.31
CA GLU D 15 21.49 6.03 -16.40
C GLU D 15 21.47 4.60 -16.92
N GLY D 16 20.29 4.19 -17.39
CA GLY D 16 20.11 2.86 -17.95
C GLY D 16 20.93 1.73 -17.37
N ASP D 17 21.67 1.05 -18.24
CA ASP D 17 22.51 -0.08 -17.85
C ASP D 17 23.66 0.29 -16.92
N GLY D 18 23.87 1.59 -16.71
CA GLY D 18 24.93 2.02 -15.82
C GLY D 18 24.55 1.79 -14.38
N SER D 19 23.24 1.80 -14.11
CA SER D 19 22.72 1.60 -12.77
C SER D 19 23.09 0.23 -12.22
N CYS D 20 23.69 0.21 -11.04
CA CYS D 20 24.09 -1.04 -10.41
C CYS D 20 23.65 -1.13 -8.96
N PHE D 21 22.90 -2.17 -8.63
CA PHE D 21 22.45 -2.40 -7.27
C PHE D 21 23.15 -3.65 -6.74
N PRO D 22 23.30 -3.76 -5.41
CA PRO D 22 23.95 -4.89 -4.75
C PRO D 22 23.50 -6.28 -5.20
N ASP D 23 22.22 -6.41 -5.55
CA ASP D 23 21.69 -7.70 -5.99
C ASP D 23 22.18 -8.11 -7.37
N ALA D 24 22.90 -7.21 -8.03
CA ALA D 24 23.44 -7.50 -9.36
C ALA D 24 24.86 -8.05 -9.22
N LEU D 25 25.32 -8.14 -7.97
CA LEU D 25 26.67 -8.65 -7.67
C LEU D 25 26.73 -10.17 -7.52
N ASP D 26 27.74 -10.78 -8.11
CA ASP D 26 27.95 -12.22 -8.03
C ASP D 26 28.44 -12.56 -6.62
N ARG D 27 27.64 -13.29 -5.86
CA ARG D 27 28.00 -13.66 -4.50
C ARG D 27 29.23 -14.54 -4.38
N PHE D 28 29.62 -15.19 -5.47
CA PHE D 28 30.78 -16.08 -5.46
C PHE D 28 32.05 -15.49 -6.07
N LEU D 29 31.93 -14.31 -6.65
CA LEU D 29 33.05 -13.64 -7.30
C LEU D 29 34.20 -13.27 -6.35
N CYS D 30 33.89 -12.54 -5.29
CA CYS D 30 34.90 -12.10 -4.33
C CYS D 30 34.83 -12.82 -2.99
N THR D 31 35.84 -12.58 -2.15
CA THR D 31 35.90 -13.18 -0.82
C THR D 31 35.38 -12.15 0.18
N HIS D 32 35.61 -10.88 -0.16
CA HIS D 32 35.18 -9.76 0.68
C HIS D 32 34.58 -8.66 -0.21
N ILE D 33 33.38 -8.22 0.12
CA ILE D 33 32.76 -7.13 -0.63
C ILE D 33 32.60 -5.97 0.34
N ILE D 34 33.25 -4.85 0.04
CA ILE D 34 33.17 -3.68 0.90
C ILE D 34 32.25 -2.61 0.35
N TYR D 35 31.34 -2.15 1.20
CA TYR D 35 30.36 -1.13 0.83
C TYR D 35 30.95 0.26 1.04
N SER D 36 30.86 1.12 0.03
CA SER D 36 31.41 2.47 0.11
C SER D 36 30.35 3.52 -0.24
N PHE D 37 30.15 4.53 0.61
CA PHE D 37 30.88 4.68 1.88
C PHE D 37 29.88 5.01 2.98
N ALA D 38 30.32 4.92 4.22
CA ALA D 38 29.47 5.25 5.36
C ALA D 38 29.82 6.68 5.74
N ASN D 39 28.88 7.39 6.36
CA ASN D 39 29.14 8.77 6.75
C ASN D 39 29.44 8.84 8.23
N ILE D 40 29.70 10.04 8.73
CA ILE D 40 29.97 10.24 10.15
C ILE D 40 29.29 11.51 10.64
N SER D 41 28.21 11.34 11.40
CA SER D 41 27.45 12.46 11.96
C SER D 41 27.42 12.39 13.47
N ASN D 42 27.73 13.51 14.11
CA ASN D 42 27.75 13.59 15.56
C ASN D 42 28.73 12.59 16.15
N ASP D 43 29.83 12.39 15.45
CA ASP D 43 30.87 11.46 15.87
C ASP D 43 30.37 10.01 15.88
N HIS D 44 29.30 9.76 15.13
CA HIS D 44 28.71 8.42 15.03
C HIS D 44 28.78 7.96 13.59
N ILE D 45 29.07 6.68 13.38
CA ILE D 45 29.08 6.15 12.02
C ILE D 45 27.61 6.15 11.66
N ASP D 46 27.28 6.53 10.44
CA ASP D 46 25.87 6.61 10.02
C ASP D 46 25.70 6.41 8.53
N THR D 47 24.46 6.19 8.10
CA THR D 47 24.18 5.99 6.68
C THR D 47 24.53 7.24 5.89
N TRP D 48 24.66 7.08 4.58
CA TRP D 48 25.00 8.18 3.69
C TRP D 48 23.86 8.41 2.71
N GLU D 49 23.51 7.35 1.97
CA GLU D 49 22.44 7.41 0.98
C GLU D 49 21.12 7.20 1.70
N TRP D 50 20.04 7.75 1.13
CA TRP D 50 18.72 7.63 1.73
C TRP D 50 18.26 6.19 1.87
N ASN D 51 18.65 5.35 0.91
CA ASN D 51 18.25 3.94 0.92
C ASN D 51 19.35 2.97 1.31
N ASP D 52 20.39 3.45 2.00
CA ASP D 52 21.49 2.59 2.40
C ASP D 52 21.05 1.32 3.14
N VAL D 53 20.19 1.48 4.14
CA VAL D 53 19.72 0.34 4.91
C VAL D 53 19.20 -0.76 4.00
N THR D 54 18.49 -0.37 2.95
CA THR D 54 17.94 -1.33 2.01
C THR D 54 19.06 -1.99 1.21
N LEU D 55 19.99 -1.17 0.72
CA LEU D 55 21.11 -1.70 -0.05
C LEU D 55 22.04 -2.55 0.82
N TYR D 56 22.16 -2.19 2.09
CA TYR D 56 22.99 -2.96 3.02
C TYR D 56 22.46 -4.39 3.00
N GLY D 57 21.17 -4.51 3.29
CA GLY D 57 20.53 -5.81 3.31
C GLY D 57 20.60 -6.49 1.96
N MET D 58 20.44 -5.72 0.91
CA MET D 58 20.48 -6.25 -0.45
C MET D 58 21.85 -6.89 -0.71
N LEU D 59 22.88 -6.31 -0.08
CA LEU D 59 24.25 -6.80 -0.23
C LEU D 59 24.50 -8.00 0.67
N ASN D 60 24.13 -7.88 1.93
CA ASN D 60 24.33 -8.96 2.89
C ASN D 60 23.48 -10.21 2.62
N THR D 61 22.52 -10.09 1.71
CA THR D 61 21.69 -11.23 1.37
C THR D 61 22.52 -12.19 0.52
N LEU D 62 23.54 -11.63 -0.14
CA LEU D 62 24.43 -12.42 -0.98
C LEU D 62 25.14 -13.47 -0.14
N LYS D 63 25.16 -13.27 1.17
CA LYS D 63 25.82 -14.20 2.09
C LYS D 63 24.99 -15.44 2.40
N ASN D 64 23.71 -15.42 2.04
CA ASN D 64 22.84 -16.57 2.30
C ASN D 64 23.32 -17.83 1.61
N ARG D 65 23.46 -17.76 0.29
CA ARG D 65 23.89 -18.91 -0.49
C ARG D 65 25.41 -19.08 -0.51
N ASN D 66 26.12 -18.13 0.08
CA ASN D 66 27.58 -18.19 0.13
C ASN D 66 28.06 -17.77 1.53
N PRO D 67 28.04 -18.71 2.48
CA PRO D 67 28.47 -18.49 3.88
C PRO D 67 29.89 -17.94 4.07
N ASN D 68 30.78 -18.23 3.13
CA ASN D 68 32.16 -17.76 3.22
C ASN D 68 32.34 -16.27 2.92
N LEU D 69 31.46 -15.73 2.09
CA LEU D 69 31.53 -14.31 1.72
C LEU D 69 31.54 -13.41 2.94
N LYS D 70 32.53 -12.53 3.02
CA LYS D 70 32.64 -11.59 4.13
C LYS D 70 32.26 -10.21 3.65
N THR D 71 31.65 -9.41 4.52
CA THR D 71 31.22 -8.07 4.16
C THR D 71 31.75 -7.01 5.12
N LEU D 72 32.13 -5.86 4.57
CA LEU D 72 32.64 -4.76 5.37
C LEU D 72 32.03 -3.43 4.93
N LEU D 73 31.95 -2.50 5.87
CA LEU D 73 31.41 -1.17 5.58
C LEU D 73 32.58 -0.21 5.65
N SER D 74 32.86 0.47 4.54
CA SER D 74 33.98 1.41 4.50
C SER D 74 33.51 2.82 4.83
N VAL D 75 34.30 3.52 5.65
CA VAL D 75 33.98 4.87 6.03
C VAL D 75 35.08 5.79 5.53
N GLY D 76 34.69 6.87 4.85
CA GLY D 76 35.67 7.80 4.34
C GLY D 76 35.54 8.00 2.84
N GLY D 77 36.61 7.69 2.11
CA GLY D 77 36.57 7.87 0.67
C GLY D 77 37.16 9.21 0.30
N TRP D 78 37.43 9.42 -0.99
CA TRP D 78 38.03 10.66 -1.43
C TRP D 78 37.17 11.92 -1.21
N ASN D 79 35.89 11.85 -1.58
CA ASN D 79 35.01 12.99 -1.42
C ASN D 79 34.58 13.25 0.02
N PHE D 80 35.15 12.50 0.97
CA PHE D 80 34.79 12.68 2.37
C PHE D 80 35.52 13.88 2.96
N GLY D 81 36.81 13.99 2.64
CA GLY D 81 37.60 15.10 3.13
C GLY D 81 38.29 14.79 4.45
N SER D 82 39.62 14.86 4.44
CA SER D 82 40.41 14.57 5.63
C SER D 82 40.03 15.44 6.82
N GLN D 83 39.49 16.62 6.54
CA GLN D 83 39.09 17.56 7.59
C GLN D 83 38.17 16.95 8.64
N ARG D 84 37.07 16.36 8.18
CA ARG D 84 36.10 15.75 9.09
C ARG D 84 36.72 14.61 9.89
N PHE D 85 37.45 13.74 9.22
CA PHE D 85 38.10 12.60 9.87
C PHE D 85 39.08 13.04 10.95
N SER D 86 39.86 14.09 10.65
CA SER D 86 40.84 14.61 11.59
C SER D 86 40.23 15.03 12.92
N LYS D 87 39.20 15.86 12.87
CA LYS D 87 38.54 16.34 14.09
C LYS D 87 38.01 15.22 14.98
N ILE D 88 37.62 14.11 14.36
CA ILE D 88 37.06 12.98 15.10
C ILE D 88 38.15 12.10 15.74
N ALA D 89 39.23 11.86 14.99
CA ALA D 89 40.31 11.03 15.50
C ALA D 89 41.27 11.83 16.36
N SER D 90 41.21 13.16 16.25
CA SER D 90 42.07 14.04 17.02
C SER D 90 41.52 14.29 18.42
N ASN D 91 40.22 14.54 18.51
CA ASN D 91 39.57 14.79 19.80
C ASN D 91 39.33 13.47 20.53
N THR D 92 39.88 13.36 21.74
CA THR D 92 39.76 12.15 22.54
C THR D 92 38.33 11.70 22.82
N GLN D 93 37.40 12.65 22.95
CA GLN D 93 36.00 12.31 23.21
C GLN D 93 35.30 11.77 21.97
N SER D 94 35.49 12.47 20.85
CA SER D 94 34.87 12.06 19.59
C SER D 94 35.37 10.70 19.13
N ARG D 95 36.65 10.43 19.34
CA ARG D 95 37.23 9.16 18.93
C ARG D 95 36.50 8.03 19.66
N ARG D 96 36.25 8.22 20.95
CA ARG D 96 35.55 7.23 21.75
C ARG D 96 34.12 7.04 21.24
N THR D 97 33.41 8.15 21.08
CA THR D 97 32.03 8.11 20.60
C THR D 97 31.99 7.31 19.30
N PHE D 98 32.83 7.71 18.35
CA PHE D 98 32.92 7.07 17.06
C PHE D 98 33.16 5.57 17.16
N ILE D 99 34.24 5.19 17.83
CA ILE D 99 34.59 3.79 18.01
C ILE D 99 33.44 2.98 18.64
N LYS D 100 32.86 3.52 19.70
CA LYS D 100 31.78 2.83 20.40
C LYS D 100 30.56 2.61 19.49
N SER D 101 30.30 3.56 18.61
CA SER D 101 29.15 3.47 17.71
C SER D 101 29.29 2.48 16.56
N VAL D 102 30.52 2.09 16.23
CA VAL D 102 30.74 1.18 15.11
C VAL D 102 30.24 -0.25 15.26
N PRO D 103 30.64 -0.96 16.33
CA PRO D 103 30.16 -2.34 16.49
C PRO D 103 28.64 -2.51 16.39
N PRO D 104 27.87 -1.74 17.17
CA PRO D 104 26.41 -1.86 17.12
C PRO D 104 25.90 -1.67 15.71
N PHE D 105 26.35 -0.60 15.06
CA PHE D 105 25.93 -0.27 13.71
C PHE D 105 26.20 -1.41 12.73
N LEU D 106 27.35 -2.07 12.87
CA LEU D 106 27.71 -3.16 11.98
C LEU D 106 26.88 -4.40 12.24
N ARG D 107 26.65 -4.73 13.51
CA ARG D 107 25.85 -5.90 13.88
C ARG D 107 24.40 -5.66 13.46
N THR D 108 23.92 -4.45 13.71
CA THR D 108 22.56 -4.08 13.37
C THR D 108 22.29 -4.23 11.87
N HIS D 109 23.29 -3.95 11.03
CA HIS D 109 23.09 -4.04 9.59
C HIS D 109 23.71 -5.24 8.88
N GLY D 110 24.22 -6.19 9.64
CA GLY D 110 24.79 -7.39 9.05
C GLY D 110 26.17 -7.32 8.41
N PHE D 111 27.01 -6.41 8.88
CA PHE D 111 28.37 -6.28 8.34
C PHE D 111 29.36 -7.08 9.18
N ASP D 112 30.40 -7.59 8.54
CA ASP D 112 31.43 -8.37 9.22
C ASP D 112 32.61 -7.53 9.71
N GLY D 113 32.68 -6.28 9.25
CA GLY D 113 33.78 -5.44 9.67
C GLY D 113 33.76 -4.03 9.13
N LEU D 114 34.73 -3.24 9.55
CA LEU D 114 34.84 -1.85 9.12
C LEU D 114 36.11 -1.62 8.31
N ASP D 115 35.99 -0.78 7.29
CA ASP D 115 37.14 -0.46 6.46
C ASP D 115 37.37 1.05 6.56
N LEU D 116 38.54 1.44 7.04
CA LEU D 116 38.87 2.84 7.18
C LEU D 116 39.52 3.38 5.91
N ALA D 117 38.86 4.35 5.29
CA ALA D 117 39.36 4.96 4.06
C ALA D 117 39.52 6.45 4.28
N TRP D 118 40.47 6.81 5.15
CA TRP D 118 40.75 8.20 5.47
C TRP D 118 41.84 8.72 4.55
N LEU D 119 41.44 9.53 3.56
CA LEU D 119 42.39 10.09 2.60
C LEU D 119 42.58 11.60 2.76
N TYR D 120 43.63 12.01 3.47
CA TYR D 120 44.58 11.12 4.12
C TYR D 120 45.04 11.84 5.37
N PRO D 121 45.54 11.10 6.37
CA PRO D 121 45.99 11.79 7.57
C PRO D 121 47.14 12.69 7.17
N GLY D 122 47.16 13.93 7.66
CA GLY D 122 48.27 14.80 7.29
C GLY D 122 49.48 14.35 8.09
N ARG D 123 50.58 15.09 7.98
CA ARG D 123 51.76 14.74 8.77
C ARG D 123 51.32 15.02 10.19
N ARG D 124 50.31 15.88 10.32
CA ARG D 124 49.74 16.30 11.59
C ARG D 124 48.79 15.28 12.23
N ASP D 125 48.45 14.23 11.51
CA ASP D 125 47.54 13.22 12.05
C ASP D 125 48.13 11.81 12.01
N LYS D 126 49.38 11.70 11.60
CA LYS D 126 50.04 10.40 11.50
C LYS D 126 49.85 9.55 12.76
N GLN D 127 50.02 10.16 13.93
CA GLN D 127 49.86 9.43 15.19
C GLN D 127 48.40 9.20 15.54
N HIS D 128 47.56 10.20 15.29
CA HIS D 128 46.14 10.05 15.59
C HIS D 128 45.56 8.88 14.81
N PHE D 129 46.04 8.70 13.58
CA PHE D 129 45.58 7.62 12.72
C PHE D 129 45.95 6.28 13.36
N THR D 130 47.14 6.23 13.95
CA THR D 130 47.61 5.01 14.60
C THR D 130 46.74 4.71 15.82
N THR D 131 46.49 5.73 16.63
CA THR D 131 45.67 5.58 17.83
C THR D 131 44.28 5.10 17.47
N LEU D 132 43.68 5.73 16.44
CA LEU D 132 42.35 5.36 15.98
C LEU D 132 42.26 3.88 15.65
N ILE D 133 43.18 3.42 14.81
CA ILE D 133 43.22 2.02 14.39
C ILE D 133 43.46 1.10 15.59
N LYS D 134 44.38 1.51 16.46
CA LYS D 134 44.71 0.73 17.65
C LYS D 134 43.51 0.52 18.57
N GLU D 135 42.79 1.61 18.85
CA GLU D 135 41.62 1.55 19.72
C GLU D 135 40.41 0.87 19.07
N MET D 136 40.25 1.08 17.76
CA MET D 136 39.13 0.49 17.04
C MET D 136 39.23 -1.04 17.11
N LYS D 137 40.44 -1.56 17.00
CA LYS D 137 40.66 -3.00 17.06
C LYS D 137 40.43 -3.45 18.50
N ALA D 138 40.80 -2.61 19.46
CA ALA D 138 40.61 -2.93 20.86
C ALA D 138 39.12 -3.14 21.13
N GLU D 139 38.31 -2.20 20.66
CA GLU D 139 36.86 -2.25 20.82
C GLU D 139 36.29 -3.50 20.17
N PHE D 140 36.71 -3.78 18.94
CA PHE D 140 36.23 -4.96 18.22
C PHE D 140 36.52 -6.24 19.00
N ILE D 141 37.71 -6.30 19.58
CA ILE D 141 38.12 -7.46 20.37
C ILE D 141 37.22 -7.58 21.59
N LYS D 142 36.99 -6.46 22.27
CA LYS D 142 36.14 -6.42 23.45
C LYS D 142 34.73 -6.88 23.11
N GLU D 143 34.16 -6.33 22.04
CA GLU D 143 32.81 -6.67 21.61
C GLU D 143 32.61 -8.14 21.32
N ALA D 144 33.69 -8.85 21.02
CA ALA D 144 33.60 -10.28 20.72
C ALA D 144 34.20 -11.17 21.81
N GLN D 145 34.73 -10.54 22.86
CA GLN D 145 35.34 -11.27 23.97
C GLN D 145 34.54 -12.49 24.44
N PRO D 146 33.21 -12.34 24.58
CA PRO D 146 32.37 -13.46 25.02
C PRO D 146 32.32 -14.68 24.10
N GLY D 147 32.77 -14.51 22.85
CA GLY D 147 32.77 -15.64 21.92
C GLY D 147 32.20 -15.39 20.54
N LYS D 148 31.99 -14.13 20.18
CA LYS D 148 31.45 -13.81 18.86
C LYS D 148 32.55 -13.89 17.80
N LYS D 149 32.13 -13.89 16.54
CA LYS D 149 33.08 -13.90 15.43
C LYS D 149 33.53 -12.46 15.34
N GLN D 150 34.76 -12.20 15.80
CA GLN D 150 35.32 -10.85 15.82
C GLN D 150 35.19 -10.06 14.53
N LEU D 151 34.77 -8.80 14.69
CA LEU D 151 34.60 -7.90 13.56
C LEU D 151 35.96 -7.60 12.93
N LEU D 152 36.00 -7.53 11.61
CA LEU D 152 37.25 -7.25 10.90
C LEU D 152 37.53 -5.76 10.78
N LEU D 153 38.82 -5.43 10.76
CA LEU D 153 39.24 -4.04 10.64
C LEU D 153 40.30 -3.94 9.54
N SER D 154 39.97 -3.18 8.50
CA SER D 154 40.90 -3.00 7.38
C SER D 154 41.09 -1.52 7.09
N ALA D 155 42.05 -1.22 6.22
CA ALA D 155 42.32 0.16 5.85
C ALA D 155 42.77 0.26 4.40
N ALA D 156 42.21 1.23 3.69
CA ALA D 156 42.57 1.47 2.30
C ALA D 156 43.63 2.57 2.39
N LEU D 157 44.86 2.25 2.01
CA LEU D 157 45.94 3.22 2.08
C LEU D 157 46.40 3.76 0.73
N SER D 158 46.97 4.96 0.77
CA SER D 158 47.48 5.60 -0.44
C SER D 158 48.68 4.80 -0.92
N ALA D 159 48.91 4.83 -2.23
CA ALA D 159 50.05 4.11 -2.81
C ALA D 159 51.16 5.08 -3.18
N GLY D 160 50.95 6.37 -2.91
CA GLY D 160 51.93 7.38 -3.22
C GLY D 160 52.95 7.55 -2.11
N LYS D 161 54.23 7.47 -2.46
CA LYS D 161 55.30 7.58 -1.47
C LYS D 161 55.20 8.80 -0.56
N VAL D 162 55.03 9.99 -1.13
CA VAL D 162 54.94 11.20 -0.31
C VAL D 162 53.84 11.08 0.73
N THR D 163 52.65 10.67 0.29
CA THR D 163 51.53 10.52 1.20
C THR D 163 51.80 9.44 2.24
N ILE D 164 52.40 8.34 1.82
CA ILE D 164 52.71 7.25 2.73
C ILE D 164 53.67 7.70 3.81
N ASP D 165 54.70 8.45 3.42
CA ASP D 165 55.69 8.93 4.36
C ASP D 165 55.17 9.92 5.40
N SER D 166 54.20 10.75 5.03
CA SER D 166 53.66 11.74 5.96
C SER D 166 52.40 11.31 6.70
N SER D 167 51.69 10.32 6.18
CA SER D 167 50.44 9.88 6.80
C SER D 167 50.49 8.61 7.64
N TYR D 168 51.20 7.60 7.15
CA TYR D 168 51.22 6.31 7.85
C TYR D 168 52.47 5.85 8.60
N ASP D 169 52.22 5.10 9.67
CA ASP D 169 53.25 4.49 10.49
C ASP D 169 52.96 3.01 10.21
N ILE D 170 53.27 2.60 8.99
CA ILE D 170 53.04 1.24 8.52
C ILE D 170 53.32 0.10 9.50
N ALA D 171 54.50 0.11 10.10
CA ALA D 171 54.87 -0.95 11.04
C ALA D 171 53.90 -1.05 12.20
N LYS D 172 53.55 0.09 12.79
CA LYS D 172 52.65 0.14 13.93
C LYS D 172 51.22 -0.31 13.64
N ILE D 173 50.57 0.29 12.65
CA ILE D 173 49.20 -0.06 12.30
C ILE D 173 48.99 -1.43 11.68
N SER D 174 50.05 -2.02 11.14
CA SER D 174 49.95 -3.34 10.52
C SER D 174 49.60 -4.43 11.52
N GLN D 175 49.97 -4.22 12.78
CA GLN D 175 49.69 -5.19 13.84
C GLN D 175 48.20 -5.26 14.14
N HIS D 176 47.56 -4.10 14.16
CA HIS D 176 46.15 -3.98 14.49
C HIS D 176 45.17 -4.24 13.34
N LEU D 177 45.61 -4.01 12.11
CA LEU D 177 44.75 -4.23 10.95
C LEU D 177 44.73 -5.69 10.53
N ASP D 178 43.58 -6.18 10.11
CA ASP D 178 43.46 -7.57 9.65
C ASP D 178 44.00 -7.68 8.24
N PHE D 179 43.95 -6.57 7.51
CA PHE D 179 44.50 -6.52 6.16
C PHE D 179 44.51 -5.10 5.63
N ILE D 180 45.50 -4.81 4.78
CA ILE D 180 45.66 -3.48 4.19
C ILE D 180 45.49 -3.52 2.67
N SER D 181 44.66 -2.63 2.16
CA SER D 181 44.44 -2.54 0.73
C SER D 181 45.20 -1.32 0.24
N ILE D 182 46.26 -1.55 -0.54
CA ILE D 182 47.06 -0.45 -1.06
C ILE D 182 46.50 -0.01 -2.41
N MET D 183 46.08 1.24 -2.46
CA MET D 183 45.49 1.82 -3.67
C MET D 183 46.48 2.08 -4.78
N THR D 184 47.01 1.01 -5.36
CA THR D 184 47.98 1.11 -6.44
C THR D 184 47.40 1.50 -7.80
N TYR D 185 46.88 2.73 -7.86
CA TYR D 185 46.31 3.31 -9.08
C TYR D 185 46.27 4.82 -8.84
N ASP D 186 45.72 5.58 -9.79
CA ASP D 186 45.67 7.03 -9.65
C ASP D 186 47.10 7.57 -9.53
N PHE D 187 48.04 6.93 -10.23
CA PHE D 187 49.44 7.32 -10.21
C PHE D 187 49.73 8.46 -11.16
N HIS D 188 48.83 8.63 -12.12
CA HIS D 188 48.96 9.67 -13.13
C HIS D 188 47.57 10.22 -13.43
N GLY D 189 47.52 11.45 -13.93
CA GLY D 189 46.25 12.08 -14.25
C GLY D 189 46.47 13.43 -14.92
N ALA D 190 45.41 13.99 -15.50
CA ALA D 190 45.48 15.27 -16.18
C ALA D 190 46.33 16.29 -15.42
N TRP D 191 46.29 16.22 -14.09
CA TRP D 191 47.04 17.14 -13.25
C TRP D 191 48.55 17.16 -13.50
N ARG D 192 49.02 16.44 -14.52
CA ARG D 192 50.45 16.41 -14.82
C ARG D 192 50.81 16.91 -16.22
N GLY D 193 49.80 17.33 -16.97
CA GLY D 193 50.00 17.87 -18.30
C GLY D 193 50.45 16.96 -19.43
N THR D 194 50.61 15.68 -19.15
CA THR D 194 51.04 14.72 -20.17
C THR D 194 50.30 13.40 -20.02
N THR D 195 50.27 12.61 -21.08
CA THR D 195 49.60 11.31 -21.01
C THR D 195 50.45 10.39 -20.14
N GLY D 196 49.79 9.55 -19.37
CA GLY D 196 50.50 8.63 -18.50
C GLY D 196 49.53 7.61 -17.95
N HIS D 197 49.95 6.36 -17.89
CA HIS D 197 49.08 5.31 -17.36
C HIS D 197 48.98 5.49 -15.85
N HIS D 198 47.76 5.52 -15.33
CA HIS D 198 47.54 5.71 -13.91
C HIS D 198 47.76 4.48 -13.05
N SER D 199 48.02 3.33 -13.67
CA SER D 199 48.23 2.12 -12.90
C SER D 199 49.22 1.15 -13.56
N PRO D 200 50.47 1.61 -13.77
CA PRO D 200 51.48 0.73 -14.38
C PRO D 200 51.97 -0.28 -13.35
N LEU D 201 52.38 -1.45 -13.82
CA LEU D 201 52.87 -2.47 -12.90
C LEU D 201 54.29 -2.12 -12.48
N PHE D 202 55.14 -1.76 -13.44
CA PHE D 202 56.51 -1.37 -13.14
C PHE D 202 56.75 0.04 -13.67
N ARG D 203 57.90 0.62 -13.35
CA ARG D 203 58.20 1.96 -13.80
C ARG D 203 58.31 2.03 -15.32
N GLY D 204 58.97 1.04 -15.92
CA GLY D 204 59.12 1.03 -17.36
C GLY D 204 60.25 1.94 -17.80
N GLN D 205 60.22 2.36 -19.06
CA GLN D 205 61.27 3.22 -19.60
C GLN D 205 61.66 4.32 -18.63
N GLU D 206 62.90 4.21 -18.17
CA GLU D 206 63.53 5.13 -17.22
C GLU D 206 63.50 6.56 -17.74
N ASP D 207 63.50 6.69 -19.07
CA ASP D 207 63.47 7.97 -19.78
C ASP D 207 62.19 8.81 -19.67
N ALA D 208 61.05 8.17 -19.87
CA ALA D 208 59.76 8.87 -19.86
C ALA D 208 58.98 8.97 -18.55
N SER D 209 59.66 8.93 -17.41
CA SER D 209 58.96 9.04 -16.13
C SER D 209 59.69 9.95 -15.18
N PRO D 210 58.94 10.74 -14.40
CA PRO D 210 59.56 11.65 -13.44
C PRO D 210 59.86 10.86 -12.17
N ASP D 211 58.80 10.37 -11.55
CA ASP D 211 58.89 9.58 -10.32
C ASP D 211 59.58 8.27 -10.58
N ARG D 212 59.99 7.64 -9.49
CA ARG D 212 60.62 6.34 -9.53
C ARG D 212 59.65 5.55 -8.66
N PHE D 213 58.62 6.27 -8.21
CA PHE D 213 57.61 5.70 -7.32
C PHE D 213 56.18 5.65 -7.84
N SER D 214 55.87 6.33 -8.94
CA SER D 214 54.50 6.29 -9.42
C SER D 214 54.15 5.05 -10.23
N ASN D 215 54.26 3.89 -9.58
CA ASN D 215 53.95 2.61 -10.21
C ASN D 215 53.68 1.55 -9.14
N THR D 216 52.93 0.52 -9.50
CA THR D 216 52.57 -0.53 -8.55
C THR D 216 53.76 -1.19 -7.85
N ASP D 217 54.70 -1.69 -8.63
CA ASP D 217 55.88 -2.36 -8.07
C ASP D 217 56.56 -1.57 -6.97
N TYR D 218 56.83 -0.29 -7.20
CA TYR D 218 57.50 0.50 -6.18
C TYR D 218 56.71 0.56 -4.88
N ALA D 219 55.44 0.96 -5.00
CA ALA D 219 54.56 1.08 -3.84
C ALA D 219 54.51 -0.20 -3.01
N VAL D 220 54.31 -1.34 -3.67
CA VAL D 220 54.25 -2.62 -2.96
C VAL D 220 55.53 -2.87 -2.18
N GLY D 221 56.66 -2.83 -2.90
CA GLY D 221 57.95 -3.04 -2.25
C GLY D 221 58.20 -2.07 -1.12
N TYR D 222 57.87 -0.80 -1.31
CA TYR D 222 58.09 0.19 -0.27
C TYR D 222 57.34 -0.17 1.01
N MET D 223 56.04 -0.47 0.86
CA MET D 223 55.20 -0.83 1.99
C MET D 223 55.73 -2.05 2.74
N LEU D 224 56.19 -3.04 2.01
CA LEU D 224 56.74 -4.25 2.62
C LEU D 224 57.96 -3.89 3.45
N ARG D 225 58.84 -3.07 2.88
CA ARG D 225 60.04 -2.65 3.59
C ARG D 225 59.68 -1.82 4.82
N LEU D 226 58.59 -1.07 4.74
CA LEU D 226 58.15 -0.26 5.86
C LEU D 226 57.64 -1.11 7.01
N GLY D 227 57.40 -2.39 6.75
CA GLY D 227 56.95 -3.29 7.79
C GLY D 227 55.57 -3.90 7.62
N ALA D 228 55.04 -3.83 6.41
CA ALA D 228 53.71 -4.39 6.15
C ALA D 228 53.82 -5.86 5.77
N PRO D 229 53.39 -6.76 6.67
CA PRO D 229 53.46 -8.20 6.37
C PRO D 229 52.80 -8.52 5.04
N ALA D 230 53.51 -9.25 4.19
CA ALA D 230 52.98 -9.62 2.88
C ALA D 230 51.65 -10.34 3.02
N SER D 231 51.50 -11.10 4.10
CA SER D 231 50.28 -11.85 4.36
C SER D 231 49.10 -10.93 4.67
N LYS D 232 49.38 -9.66 4.92
CA LYS D 232 48.33 -8.69 5.25
C LYS D 232 48.18 -7.61 4.18
N LEU D 233 48.95 -7.73 3.10
CA LEU D 233 48.89 -6.72 2.05
C LEU D 233 48.08 -7.15 0.83
N VAL D 234 47.05 -6.37 0.52
CA VAL D 234 46.19 -6.65 -0.63
C VAL D 234 46.51 -5.56 -1.66
N MET D 235 46.82 -5.98 -2.87
CA MET D 235 47.19 -5.06 -3.94
C MET D 235 46.00 -4.59 -4.78
N GLY D 236 45.79 -3.27 -4.80
CA GLY D 236 44.68 -2.71 -5.55
C GLY D 236 44.83 -2.69 -7.07
N ILE D 237 43.78 -3.13 -7.76
CA ILE D 237 43.75 -3.16 -9.21
C ILE D 237 42.49 -2.38 -9.63
N PRO D 238 42.64 -1.39 -10.53
CA PRO D 238 41.49 -0.60 -10.98
C PRO D 238 40.72 -1.19 -12.16
N THR D 239 39.39 -1.04 -12.13
CA THR D 239 38.54 -1.52 -13.21
C THR D 239 38.04 -0.30 -13.97
N PHE D 240 38.71 0.83 -13.75
CA PHE D 240 38.38 2.07 -14.43
C PHE D 240 39.68 2.63 -15.01
N GLY D 241 39.55 3.51 -15.99
CA GLY D 241 40.74 4.09 -16.58
C GLY D 241 40.77 5.60 -16.41
N ARG D 242 41.95 6.18 -16.57
CA ARG D 242 42.11 7.63 -16.47
C ARG D 242 42.31 8.14 -17.89
N SER D 243 41.50 9.08 -18.30
CA SER D 243 41.56 9.61 -19.65
C SER D 243 42.11 11.03 -19.78
N PHE D 244 42.55 11.36 -20.99
CA PHE D 244 43.11 12.67 -21.29
C PHE D 244 42.66 13.12 -22.68
N THR D 245 42.70 14.42 -22.91
CA THR D 245 42.35 14.99 -24.20
C THR D 245 43.67 15.41 -24.84
N LEU D 246 44.09 14.68 -25.87
CA LEU D 246 45.35 14.96 -26.56
C LEU D 246 45.36 16.38 -27.13
N ALA D 247 46.56 16.94 -27.31
CA ALA D 247 46.71 18.29 -27.84
C ALA D 247 47.45 18.35 -29.18
N SER D 248 47.97 17.21 -29.63
CA SER D 248 48.70 17.16 -30.89
C SER D 248 48.42 15.82 -31.56
N SER D 249 49.27 15.42 -32.49
CA SER D 249 49.10 14.16 -33.19
C SER D 249 49.83 13.04 -32.45
N GLU D 250 50.57 13.44 -31.41
CA GLU D 250 51.32 12.50 -30.59
C GLU D 250 50.35 11.71 -29.72
N THR D 251 50.48 10.38 -29.74
CA THR D 251 49.58 9.53 -28.97
C THR D 251 50.29 8.53 -28.05
N GLY D 252 51.62 8.65 -27.95
CA GLY D 252 52.36 7.74 -27.10
C GLY D 252 52.39 8.21 -25.65
N VAL D 253 53.11 7.48 -24.81
CA VAL D 253 53.22 7.85 -23.41
C VAL D 253 54.02 9.15 -23.30
N GLY D 254 53.46 10.12 -22.61
CA GLY D 254 54.15 11.40 -22.44
C GLY D 254 53.71 12.46 -23.44
N ALA D 255 52.79 12.11 -24.33
CA ALA D 255 52.29 13.06 -25.32
C ALA D 255 51.59 14.22 -24.62
N PRO D 256 51.53 15.40 -25.27
CA PRO D 256 50.89 16.60 -24.74
C PRO D 256 49.38 16.47 -24.63
N ILE D 257 48.81 17.02 -23.56
CA ILE D 257 47.36 16.98 -23.36
C ILE D 257 46.84 18.38 -23.04
N SER D 258 45.54 18.58 -23.24
CA SER D 258 44.91 19.86 -22.97
C SER D 258 44.07 19.78 -21.70
N GLY D 259 43.99 18.57 -21.13
CA GLY D 259 43.21 18.38 -19.93
C GLY D 259 42.66 16.96 -19.83
N PRO D 260 41.75 16.70 -18.88
CA PRO D 260 41.18 15.35 -18.72
C PRO D 260 40.37 14.94 -19.96
N GLY D 261 40.07 13.65 -20.05
CA GLY D 261 39.31 13.15 -21.19
C GLY D 261 37.84 13.51 -21.11
N ILE D 262 37.13 13.32 -22.22
CA ILE D 262 35.70 13.60 -22.29
C ILE D 262 34.99 12.61 -21.37
N PRO D 263 34.00 13.09 -20.60
CA PRO D 263 33.24 12.25 -19.67
C PRO D 263 32.58 11.05 -20.35
N GLY D 264 32.51 9.94 -19.62
CA GLY D 264 31.87 8.75 -20.16
C GLY D 264 30.37 8.97 -20.12
N ARG D 265 29.65 8.30 -21.00
CA ARG D 265 28.20 8.42 -21.05
C ARG D 265 27.51 8.06 -19.74
N PHE D 266 28.04 7.08 -19.01
CA PHE D 266 27.43 6.64 -17.76
C PHE D 266 28.06 7.16 -16.48
N THR D 267 29.38 7.28 -16.43
CA THR D 267 30.02 7.77 -15.22
C THR D 267 30.06 9.29 -15.15
N LYS D 268 29.85 9.94 -16.30
CA LYS D 268 29.83 11.40 -16.40
C LYS D 268 30.85 12.11 -15.50
N GLU D 269 32.13 11.81 -15.68
CA GLU D 269 33.19 12.43 -14.89
C GLU D 269 34.45 12.56 -15.73
N ALA D 270 34.78 13.79 -16.11
CA ALA D 270 35.96 14.05 -16.92
C ALA D 270 37.20 13.37 -16.35
N GLY D 271 37.93 12.67 -17.21
CA GLY D 271 39.14 11.99 -16.77
C GLY D 271 38.88 10.59 -16.27
N THR D 272 37.61 10.18 -16.26
CA THR D 272 37.24 8.85 -15.79
C THR D 272 36.38 8.09 -16.77
N LEU D 273 36.65 6.79 -16.88
CA LEU D 273 35.91 5.90 -17.76
C LEU D 273 35.84 4.53 -17.10
N ALA D 274 34.64 4.00 -16.94
CA ALA D 274 34.47 2.69 -16.33
C ALA D 274 34.98 1.71 -17.38
N TYR D 275 35.38 0.52 -16.96
CA TYR D 275 35.86 -0.44 -17.93
C TYR D 275 34.83 -0.71 -19.01
N TYR D 276 33.56 -0.77 -18.64
CA TYR D 276 32.52 -1.03 -19.64
C TYR D 276 32.37 0.14 -20.61
N GLU D 277 32.69 1.35 -20.17
CA GLU D 277 32.62 2.51 -21.04
C GLU D 277 33.82 2.44 -21.98
N ILE D 278 34.91 1.88 -21.47
CA ILE D 278 36.14 1.73 -22.25
C ILE D 278 35.94 0.72 -23.37
N CYS D 279 35.18 -0.34 -23.10
CA CYS D 279 34.94 -1.35 -24.11
C CYS D 279 34.24 -0.73 -25.32
N ASP D 280 33.41 0.29 -25.07
CA ASP D 280 32.73 0.99 -26.15
C ASP D 280 33.80 1.76 -26.89
N PHE D 281 34.59 2.52 -26.12
CA PHE D 281 35.66 3.34 -26.64
C PHE D 281 36.57 2.54 -27.55
N LEU D 282 36.88 1.31 -27.15
CA LEU D 282 37.77 0.46 -27.93
C LEU D 282 37.28 0.21 -29.36
N ARG D 283 36.00 0.45 -29.61
CA ARG D 283 35.45 0.25 -30.94
C ARG D 283 36.04 1.32 -31.86
N GLY D 284 36.94 0.90 -32.73
CA GLY D 284 37.56 1.83 -33.66
C GLY D 284 38.76 2.55 -33.08
N ALA D 285 39.23 2.07 -31.93
CA ALA D 285 40.38 2.68 -31.28
C ALA D 285 41.59 1.74 -31.38
N THR D 286 42.78 2.29 -31.18
CA THR D 286 43.98 1.48 -31.22
C THR D 286 44.51 1.24 -29.81
N VAL D 287 44.80 -0.02 -29.50
CA VAL D 287 45.29 -0.38 -28.18
C VAL D 287 46.79 -0.68 -28.23
N HIS D 288 47.53 -0.05 -27.32
CA HIS D 288 48.97 -0.23 -27.26
C HIS D 288 49.42 -0.79 -25.92
N ARG D 289 50.23 -1.83 -25.97
CA ARG D 289 50.76 -2.44 -24.77
C ARG D 289 51.99 -1.64 -24.41
N ILE D 290 52.04 -1.08 -23.20
CA ILE D 290 53.20 -0.30 -22.81
C ILE D 290 54.27 -1.25 -22.26
N LEU D 291 55.30 -1.47 -23.06
CA LEU D 291 56.40 -2.36 -22.66
C LEU D 291 57.00 -1.85 -21.36
N GLY D 292 57.39 -2.75 -20.48
CA GLY D 292 57.98 -2.32 -19.22
C GLY D 292 56.96 -2.06 -18.14
N GLN D 293 55.83 -1.46 -18.51
CA GLN D 293 54.78 -1.17 -17.55
C GLN D 293 53.73 -2.28 -17.51
N GLN D 294 53.72 -3.12 -18.55
CA GLN D 294 52.80 -4.26 -18.62
C GLN D 294 51.32 -3.92 -18.65
N VAL D 295 50.97 -2.69 -19.03
CA VAL D 295 49.57 -2.29 -19.08
C VAL D 295 49.24 -1.65 -20.42
N PRO D 296 47.96 -1.64 -20.79
CA PRO D 296 47.59 -1.03 -22.08
C PRO D 296 46.94 0.33 -21.98
N TYR D 297 46.96 1.05 -23.09
CA TYR D 297 46.31 2.33 -23.19
C TYR D 297 45.67 2.32 -24.57
N ALA D 298 44.51 2.94 -24.69
CA ALA D 298 43.82 2.99 -25.97
C ALA D 298 43.71 4.44 -26.38
N THR D 299 43.73 4.68 -27.68
CA THR D 299 43.61 6.04 -28.18
C THR D 299 42.77 6.06 -29.44
N LYS D 300 41.94 7.09 -29.56
CA LYS D 300 41.07 7.26 -30.71
C LYS D 300 40.76 8.76 -30.78
N GLY D 301 41.00 9.36 -31.93
CA GLY D 301 40.76 10.79 -32.06
C GLY D 301 41.63 11.54 -31.07
N ASN D 302 41.07 12.53 -30.40
CA ASN D 302 41.84 13.31 -29.43
C ASN D 302 41.68 12.78 -28.01
N GLN D 303 41.31 11.51 -27.88
CA GLN D 303 41.14 10.88 -26.58
C GLN D 303 42.20 9.82 -26.33
N TRP D 304 42.64 9.73 -25.08
CA TRP D 304 43.68 8.78 -24.67
C TRP D 304 43.29 8.27 -23.28
N VAL D 305 43.29 6.95 -23.09
CA VAL D 305 42.93 6.41 -21.79
C VAL D 305 43.79 5.23 -21.37
N GLY D 306 44.29 5.29 -20.14
CA GLY D 306 45.11 4.22 -19.60
C GLY D 306 44.24 3.39 -18.70
N TYR D 307 44.19 2.08 -18.93
CA TYR D 307 43.35 1.19 -18.14
C TYR D 307 43.95 -0.19 -18.00
N ASP D 308 43.18 -1.09 -17.40
CA ASP D 308 43.56 -2.47 -17.18
C ASP D 308 42.56 -3.39 -17.87
N ASP D 309 43.06 -4.43 -18.54
CA ASP D 309 42.19 -5.39 -19.18
C ASP D 309 42.53 -6.78 -18.66
N GLN D 310 41.86 -7.79 -19.18
CA GLN D 310 42.10 -9.16 -18.74
C GLN D 310 43.57 -9.55 -18.77
N GLU D 311 44.29 -9.13 -19.80
CA GLU D 311 45.70 -9.48 -19.90
C GLU D 311 46.57 -8.82 -18.83
N SER D 312 46.36 -7.53 -18.60
CA SER D 312 47.15 -6.80 -17.61
C SER D 312 46.86 -7.24 -16.17
N VAL D 313 45.59 -7.40 -15.82
CA VAL D 313 45.25 -7.82 -14.45
C VAL D 313 45.84 -9.20 -14.16
N LYS D 314 45.98 -10.00 -15.20
CA LYS D 314 46.52 -11.35 -15.08
C LYS D 314 47.99 -11.24 -14.64
N SER D 315 48.72 -10.36 -15.31
CA SER D 315 50.12 -10.13 -15.01
C SER D 315 50.25 -9.60 -13.58
N LYS D 316 49.35 -8.67 -13.23
CA LYS D 316 49.36 -8.08 -11.90
C LYS D 316 49.13 -9.12 -10.81
N VAL D 317 48.28 -10.11 -11.08
CA VAL D 317 48.03 -11.17 -10.11
C VAL D 317 49.31 -11.98 -9.98
N GLN D 318 49.91 -12.29 -11.13
CA GLN D 318 51.15 -13.07 -11.17
C GLN D 318 52.13 -12.39 -10.23
N TYR D 319 52.29 -11.09 -10.41
CA TYR D 319 53.19 -10.28 -9.60
C TYR D 319 52.91 -10.40 -8.11
N LEU D 320 51.66 -10.18 -7.72
CA LEU D 320 51.29 -10.25 -6.30
C LEU D 320 51.52 -11.64 -5.71
N LYS D 321 51.31 -12.68 -6.52
CA LYS D 321 51.55 -14.05 -6.04
C LYS D 321 53.04 -14.29 -5.87
N ASP D 322 53.83 -13.84 -6.86
CA ASP D 322 55.28 -14.00 -6.79
C ASP D 322 55.78 -13.28 -5.55
N ARG D 323 55.03 -12.27 -5.13
CA ARG D 323 55.37 -11.48 -3.96
C ARG D 323 54.78 -12.08 -2.69
N GLN D 324 53.91 -13.07 -2.85
CA GLN D 324 53.28 -13.72 -1.71
C GLN D 324 52.44 -12.76 -0.87
N LEU D 325 51.66 -11.93 -1.55
CA LEU D 325 50.79 -10.96 -0.90
C LEU D 325 49.48 -11.63 -0.52
N ALA D 326 48.68 -10.97 0.31
CA ALA D 326 47.40 -11.51 0.76
C ALA D 326 46.41 -11.70 -0.39
N GLY D 327 46.54 -10.91 -1.44
CA GLY D 327 45.64 -11.03 -2.56
C GLY D 327 45.47 -9.72 -3.30
N ALA D 328 44.37 -9.59 -4.04
CA ALA D 328 44.11 -8.38 -4.79
C ALA D 328 42.86 -7.66 -4.31
N MET D 329 42.82 -6.34 -4.53
CA MET D 329 41.68 -5.51 -4.16
C MET D 329 41.19 -4.87 -5.45
N VAL D 330 39.89 -4.81 -5.63
CA VAL D 330 39.32 -4.24 -6.83
C VAL D 330 38.45 -3.01 -6.60
N TRP D 331 38.69 -1.97 -7.38
CA TRP D 331 37.89 -0.76 -7.31
C TRP D 331 37.49 -0.37 -8.71
N ALA D 332 36.22 -0.56 -9.05
CA ALA D 332 35.22 -1.13 -8.15
C ALA D 332 34.34 -2.08 -8.95
N LEU D 333 33.59 -2.93 -8.26
CA LEU D 333 32.72 -3.89 -8.92
C LEU D 333 31.74 -3.25 -9.91
N ASP D 334 31.27 -2.06 -9.59
CA ASP D 334 30.32 -1.35 -10.43
C ASP D 334 30.96 -0.59 -11.58
N LEU D 335 32.28 -0.72 -11.73
CA LEU D 335 32.99 -0.05 -12.81
C LEU D 335 33.43 -1.10 -13.81
N ASP D 336 33.41 -2.36 -13.36
CA ASP D 336 33.76 -3.49 -14.21
C ASP D 336 32.51 -3.65 -15.05
N ASP D 337 32.55 -4.51 -16.07
CA ASP D 337 31.38 -4.72 -16.90
C ASP D 337 30.47 -5.71 -16.16
N PHE D 338 29.72 -5.20 -15.19
CA PHE D 338 28.83 -6.05 -14.39
C PHE D 338 27.63 -6.55 -15.19
N GLN D 339 27.25 -5.83 -16.23
CA GLN D 339 26.14 -6.24 -17.09
C GLN D 339 26.63 -7.34 -18.01
N GLY D 340 27.92 -7.28 -18.35
CA GLY D 340 28.51 -8.28 -19.23
C GLY D 340 28.05 -8.10 -20.67
N SER D 341 27.40 -6.97 -20.93
CA SER D 341 26.88 -6.68 -22.25
C SER D 341 27.69 -5.67 -23.08
N PHE D 342 28.64 -4.98 -22.44
CA PHE D 342 29.43 -3.99 -23.15
C PHE D 342 30.69 -4.52 -23.85
N CYS D 343 31.37 -5.47 -23.22
CA CYS D 343 32.59 -6.00 -23.80
C CYS D 343 32.40 -7.30 -24.57
N GLY D 344 31.14 -7.69 -24.76
CA GLY D 344 30.87 -8.92 -25.49
C GLY D 344 31.15 -10.14 -24.63
N GLN D 345 31.05 -11.32 -25.25
CA GLN D 345 31.29 -12.59 -24.56
C GLN D 345 30.18 -12.86 -23.54
N ASP D 346 29.27 -11.91 -23.40
CA ASP D 346 28.15 -12.03 -22.48
C ASP D 346 28.60 -12.39 -21.06
N LEU D 347 29.90 -12.29 -20.81
CA LEU D 347 30.47 -12.60 -19.50
C LEU D 347 30.42 -11.40 -18.56
N ARG D 348 29.93 -11.64 -17.34
CA ARG D 348 29.83 -10.56 -16.37
C ARG D 348 31.10 -10.43 -15.53
N PHE D 349 31.40 -9.20 -15.13
CA PHE D 349 32.59 -8.90 -14.33
C PHE D 349 33.83 -9.55 -14.94
N PRO D 350 34.10 -9.26 -16.23
CA PRO D 350 35.26 -9.81 -16.93
C PRO D 350 36.61 -9.57 -16.26
N LEU D 351 36.85 -8.34 -15.83
CA LEU D 351 38.12 -8.01 -15.18
C LEU D 351 38.25 -8.69 -13.82
N THR D 352 37.22 -8.58 -13.00
CA THR D 352 37.26 -9.19 -11.67
C THR D 352 37.35 -10.71 -11.77
N ASN D 353 36.58 -11.29 -12.68
CA ASN D 353 36.60 -12.74 -12.87
C ASN D 353 37.97 -13.17 -13.36
N ALA D 354 38.58 -12.34 -14.21
CA ALA D 354 39.92 -12.63 -14.74
C ALA D 354 40.90 -12.68 -13.58
N ILE D 355 40.72 -11.76 -12.63
CA ILE D 355 41.57 -11.69 -11.45
C ILE D 355 41.36 -12.92 -10.58
N LYS D 356 40.09 -13.28 -10.38
CA LYS D 356 39.73 -14.44 -9.57
C LYS D 356 40.37 -15.69 -10.17
N ASP D 357 40.18 -15.87 -11.47
CA ASP D 357 40.75 -17.04 -12.16
C ASP D 357 42.25 -17.12 -11.98
N ALA D 358 42.93 -15.99 -12.19
CA ALA D 358 44.38 -15.94 -12.06
C ALA D 358 44.85 -16.32 -10.67
N LEU D 359 44.10 -15.91 -9.65
CA LEU D 359 44.46 -16.21 -8.26
C LEU D 359 44.39 -17.70 -7.96
N ALA D 360 43.45 -18.39 -8.60
CA ALA D 360 43.28 -19.82 -8.38
C ALA D 360 44.20 -20.66 -9.27
N ALA D 361 44.68 -20.06 -10.36
CA ALA D 361 45.56 -20.75 -11.31
C ALA D 361 46.88 -21.27 -10.75
N THR D 362 47.58 -22.03 -11.59
CA THR D 362 48.88 -22.64 -11.27
C THR D 362 48.73 -23.80 -10.28
#